data_8K3W
#
_entry.id   8K3W
#
_cell.length_a   1.00
_cell.length_b   1.00
_cell.length_c   1.00
_cell.angle_alpha   90.00
_cell.angle_beta   90.00
_cell.angle_gamma   90.00
#
_symmetry.space_group_name_H-M   'P 1'
#
loop_
_entity.id
_entity.type
_entity.pdbx_description
1 polymer 'Chitin synthase 1'
2 non-polymer 'MAGNESIUM ION'
3 non-polymer '(2S)-3-(hexadecanoyloxy)-2-[(9Z)-octadec-9-enoyloxy]propyl 2-(trimethylammonio)ethyl phosphate'
4 non-polymer URIDINE-DIPHOSPHATE-N-ACETYLGLUCOSAMINE
#
_entity_poly.entity_id   1
_entity_poly.type   'polypeptide(L)'
_entity_poly.pdbx_seq_one_letter_code
;MSDQNNRSRNEYHSNRKNEPSYELQNAHSGLFHSSNEELTNRNQRYTNQNASMGSFTPVQSLQFPEQSQQTNMLYNGDDG
NNNTINDNERDIYGGFVNHHRQRPPPATAEYNDVFNTNSQQLPSEHQYNNVPSYPLPSINVIQTTPELIHNGSQTMATPI
ERPFFNENDYYYNNRNSRTSPSIASSSDGYADQEARPILEQPNNNMNSGNIPQYHDQPFGYNNGYHGLQAKDYYDDPEGG
YIDQRGDDYQINSYLGRNGEMVDPYDYENSLRHMTPMERREYLHDDSRPVNDGKEELDSVKSGYSHRDLGEYDKDDFSRD
DEYDDLNTIDKLQFQANGVPASSSVSSIGSKESDIIVSNDNLTANRALKRSGTEIRKFKLWNGNFVFDSPISKTLLDQYA
TTTENANTLPNEFKFMRYQAVTCEPNQLAEKNFTVRQLKYLTPRETELMLVVTMYNEDHILLGRTLKGIMDNVKYMVKKK
NSSTWGPDAWKKIVVCIISDGRSKINERSLALLSSLGCYQDGFAKDEINEKKVAMHVYEHTTMINITNISESEVSLECNQ
GTVPIQLLFCLKEQNQKKINSHRWAFEGFAELLRPNIVTLLDAGTMPGKDSIYQLWREFRNPNVGGACGEIRTDLGKRFV
KLLNPLVASQNFEYKMSNILDKTTESNFGFITVLPGAFSAYRFEAVRGQPLQKYFYGEIMENEGFHFFSSNMYLAEDRIL
CFEVVTKKNCNWILKYCRSSYASTDVPERVPEFILQRRRWLNGSFFASVYSFCHFYRVWSSGHNIGRKLLLTVEFFYLFF
NTLISWFSLSSFFLVFRILTVSIALAYHSAFNVLSVIFLWLYGICTLSTFILSLGNKPKSTEKFYVLTCVIFAVMMIYMI
FCSIFMSVKSFQNILKNDTISFEGLITTEAFRDIVISLGSTYCLYLISSIIYLQPWHMLTSFIQYILLSPSYINVLNIYA
FCNVHDLSWGTKGAMANPLGKINTTEDGTFKMEVLVSSSEIQANYDKYLKVLNDFDPKSESRPTEPSYDEKKTGYYANVR
SLVIIFWVITNFIIVAVVLETGGIADYIAMKSISTDDTLETAKKAEIPLMTSKASIYFNVILWLVALSALIRFIGCSIYM
IVRFFKKVTFR
;
_entity_poly.pdbx_strand_id   B,A
#
# COMPACT_ATOMS: atom_id res chain seq x y z
N TRP A 381 22.69 -6.68 43.86
CA TRP A 381 23.23 -5.42 44.37
C TRP A 381 22.20 -4.32 44.22
N ASN A 382 21.70 -3.82 45.35
CA ASN A 382 20.71 -2.73 45.38
C ASN A 382 19.42 -3.11 44.66
N GLY A 383 19.18 -4.40 44.46
CA GLY A 383 17.99 -4.85 43.79
C GLY A 383 18.07 -4.90 42.28
N ASN A 384 19.26 -4.82 41.71
CA ASN A 384 19.46 -4.87 40.27
C ASN A 384 20.56 -5.89 39.95
N PHE A 385 20.46 -6.51 38.77
CA PHE A 385 21.46 -7.49 38.37
C PHE A 385 22.74 -6.79 37.93
N VAL A 386 23.88 -7.20 38.49
CA VAL A 386 25.19 -6.68 38.12
C VAL A 386 26.16 -7.84 38.02
N PHE A 387 27.32 -7.57 37.42
CA PHE A 387 28.37 -8.57 37.29
C PHE A 387 29.65 -7.89 36.85
N ASP A 388 30.78 -8.26 37.47
CA ASP A 388 32.09 -7.70 37.16
C ASP A 388 33.04 -8.84 36.76
N SER A 389 33.01 -9.21 35.50
CA SER A 389 33.84 -10.34 35.09
C SER A 389 35.10 -9.86 34.38
N PRO A 390 36.28 -10.15 34.95
CA PRO A 390 37.52 -9.58 34.42
C PRO A 390 37.57 -9.81 32.91
N ILE A 391 38.19 -8.88 32.20
CA ILE A 391 38.26 -8.98 30.72
C ILE A 391 39.19 -10.15 30.37
N SER A 392 39.28 -10.50 29.08
CA SER A 392 40.11 -11.66 28.64
C SER A 392 41.53 -11.54 29.16
N LYS A 393 42.13 -12.67 29.55
CA LYS A 393 43.55 -12.64 29.98
C LYS A 393 44.37 -11.92 28.90
N THR A 394 44.09 -12.22 27.63
CA THR A 394 44.80 -11.57 26.49
C THR A 394 44.68 -10.04 26.61
N LEU A 395 43.45 -9.53 26.59
CA LEU A 395 43.22 -8.07 26.75
C LEU A 395 43.97 -7.57 27.98
N LEU A 396 43.67 -8.14 29.15
CA LEU A 396 44.30 -7.70 30.41
C LEU A 396 45.83 -7.75 30.26
N ASP A 397 46.33 -8.71 29.48
CA ASP A 397 47.80 -8.86 29.29
C ASP A 397 48.36 -7.56 28.69
N GLN A 398 47.77 -7.08 27.59
CA GLN A 398 48.28 -5.86 26.91
C GLN A 398 47.93 -4.62 27.75
N TYR A 399 46.76 -4.60 28.40
CA TYR A 399 46.37 -3.39 29.16
C TYR A 399 47.49 -3.06 30.14
N ALA A 400 48.00 -4.07 30.84
CA ALA A 400 49.14 -3.86 31.76
C ALA A 400 50.38 -3.52 30.95
N THR A 401 50.55 -4.13 29.78
CA THR A 401 51.71 -3.84 28.90
C THR A 401 53.00 -3.88 29.73
N LEU A 409 47.47 -2.76 38.86
CA LEU A 409 46.62 -2.02 37.93
C LEU A 409 45.35 -1.52 38.61
N PRO A 410 45.00 -0.25 38.39
CA PRO A 410 43.75 0.28 38.95
C PRO A 410 42.52 -0.51 38.53
N ASN A 411 41.44 -0.35 39.30
CA ASN A 411 40.38 -1.35 39.31
C ASN A 411 39.54 -1.31 38.05
N GLU A 412 39.20 -0.11 37.56
CA GLU A 412 38.25 0.00 36.46
C GLU A 412 38.79 -0.52 35.14
N PHE A 413 40.11 -0.58 34.96
CA PHE A 413 40.66 -1.14 33.73
C PHE A 413 40.50 -2.65 33.68
N LYS A 414 40.33 -3.29 34.84
CA LYS A 414 40.54 -4.72 34.94
C LYS A 414 39.24 -5.52 34.95
N PHE A 415 38.11 -4.89 35.26
CA PHE A 415 36.82 -5.54 35.27
C PHE A 415 35.90 -4.91 34.22
N MET A 416 35.02 -5.73 33.66
CA MET A 416 33.99 -5.23 32.76
C MET A 416 32.65 -5.46 33.44
N ARG A 417 31.88 -4.41 33.61
CA ARG A 417 30.66 -4.45 34.40
C ARG A 417 29.43 -4.56 33.51
N TYR A 418 28.51 -5.42 33.93
CA TYR A 418 27.24 -5.59 33.19
C TYR A 418 26.09 -5.11 34.08
N GLN A 419 25.01 -4.66 33.47
CA GLN A 419 23.87 -4.10 34.19
C GLN A 419 22.62 -4.34 33.36
N ALA A 420 21.59 -4.88 34.00
CA ALA A 420 20.33 -5.19 33.33
C ALA A 420 19.33 -4.09 33.64
N VAL A 421 19.15 -3.17 32.70
CA VAL A 421 18.24 -2.04 32.89
C VAL A 421 16.84 -2.47 32.52
N THR A 422 15.95 -2.53 33.50
CA THR A 422 14.59 -3.01 33.32
C THR A 422 13.54 -1.93 33.51
N CYS A 423 13.93 -0.66 33.54
CA CYS A 423 13.01 0.44 33.76
C CYS A 423 12.85 1.29 32.50
N GLU A 424 12.10 2.37 32.65
CA GLU A 424 11.96 3.34 31.58
C GLU A 424 13.14 4.30 31.57
N PRO A 425 13.44 4.92 30.43
CA PRO A 425 14.57 5.87 30.38
C PRO A 425 14.44 7.01 31.38
N ASN A 426 13.22 7.47 31.68
CA ASN A 426 13.02 8.58 32.59
C ASN A 426 12.95 8.16 34.05
N GLN A 427 13.49 6.99 34.39
CA GLN A 427 13.43 6.47 35.76
C GLN A 427 14.78 5.92 36.24
N LEU A 428 15.86 6.22 35.53
CA LEU A 428 17.15 5.63 35.85
C LEU A 428 17.62 6.01 37.24
N ALA A 429 17.42 7.26 37.64
CA ALA A 429 17.94 7.72 38.92
C ALA A 429 17.12 7.17 40.08
N GLU A 430 15.79 7.15 39.95
CA GLU A 430 14.94 6.73 41.07
C GLU A 430 14.96 5.22 41.26
N LYS A 431 15.30 4.47 40.22
CA LYS A 431 15.39 3.01 40.30
C LYS A 431 16.65 2.52 40.96
N ASN A 432 17.51 3.42 41.44
CA ASN A 432 18.81 3.08 42.01
C ASN A 432 19.68 2.37 40.98
N PHE A 433 19.73 2.92 39.77
CA PHE A 433 20.68 2.53 38.75
C PHE A 433 21.76 3.61 38.65
N THR A 434 23.00 3.18 38.59
CA THR A 434 24.13 4.09 38.52
C THR A 434 25.13 3.61 37.48
N VAL A 435 26.14 4.44 37.23
CA VAL A 435 27.21 4.14 36.30
C VAL A 435 28.52 4.32 37.04
N ARG A 436 29.57 3.65 36.58
CA ARG A 436 30.84 3.64 37.34
C ARG A 436 31.34 5.07 37.59
N GLN A 437 31.04 6.02 36.70
CA GLN A 437 31.55 7.36 36.89
C GLN A 437 31.18 7.92 38.26
N LEU A 438 30.13 7.40 38.89
CA LEU A 438 29.60 7.93 40.12
C LEU A 438 29.96 7.10 41.35
N LYS A 439 30.85 6.13 41.24
CA LYS A 439 31.13 5.21 42.33
C LYS A 439 32.51 5.34 42.94
N TYR A 440 33.45 6.00 42.27
CA TYR A 440 34.79 6.08 42.82
C TYR A 440 34.78 6.92 44.10
N LEU A 441 35.94 6.99 44.75
CA LEU A 441 36.04 7.79 45.98
C LEU A 441 35.67 9.24 45.72
N THR A 442 36.15 9.80 44.62
CA THR A 442 35.71 11.11 44.16
C THR A 442 34.89 10.93 42.91
N PRO A 443 33.61 11.32 42.90
CA PRO A 443 32.80 11.15 41.69
C PRO A 443 33.37 11.96 40.53
N ARG A 444 33.21 11.44 39.32
CA ARG A 444 33.79 12.05 38.13
C ARG A 444 32.78 13.00 37.51
N GLU A 445 33.13 14.28 37.44
CA GLU A 445 32.28 15.27 36.78
C GLU A 445 32.63 15.26 35.30
N THR A 446 31.72 14.75 34.48
CA THR A 446 31.94 14.66 33.06
C THR A 446 31.71 16.00 32.38
N GLU A 447 32.51 16.28 31.36
CA GLU A 447 32.48 17.53 30.60
C GLU A 447 31.90 17.38 29.21
N LEU A 448 31.89 16.16 28.67
CA LEU A 448 31.48 15.94 27.29
C LEU A 448 31.01 14.50 27.18
N MET A 449 29.79 14.30 26.69
CA MET A 449 29.23 12.98 26.52
C MET A 449 28.90 12.78 25.05
N LEU A 450 29.46 11.73 24.45
CA LEU A 450 29.37 11.48 23.02
C LEU A 450 28.44 10.31 22.79
N VAL A 451 27.36 10.55 22.03
CA VAL A 451 26.35 9.47 21.79
C VAL A 451 26.54 8.92 20.38
N VAL A 452 26.79 7.61 20.26
CA VAL A 452 27.02 6.98 18.93
C VAL A 452 25.85 6.01 18.66
N THR A 453 24.95 6.38 17.74
CA THR A 453 23.76 5.53 17.46
C THR A 453 24.14 4.44 16.46
N MET A 454 23.83 3.18 16.78
CA MET A 454 24.09 2.06 15.84
C MET A 454 22.84 1.18 15.75
N TYR A 455 22.41 0.82 14.53
CA TYR A 455 21.25 -0.08 14.35
C TYR A 455 21.76 -1.42 13.82
N ASN A 456 21.96 -1.52 12.51
CA ASN A 456 22.55 -2.76 11.93
C ASN A 456 23.95 -2.91 12.50
N GLU A 457 24.51 -1.83 13.04
CA GLU A 457 25.86 -1.88 13.67
C GLU A 457 26.86 -2.52 12.70
N ASP A 458 26.91 -2.04 11.46
CA ASP A 458 27.92 -2.56 10.50
C ASP A 458 29.31 -2.21 11.03
N HIS A 459 30.29 -3.10 10.80
CA HIS A 459 31.69 -2.82 11.24
C HIS A 459 32.36 -1.87 10.25
N ILE A 460 33.63 -1.51 10.50
CA ILE A 460 34.35 -0.55 9.61
C ILE A 460 33.74 0.85 9.81
N LEU A 461 32.44 0.99 9.58
CA LEU A 461 31.77 2.30 9.83
C LEU A 461 31.94 2.65 11.31
N LEU A 462 31.60 1.71 12.20
CA LEU A 462 31.75 1.94 13.66
C LEU A 462 33.23 2.13 13.98
N GLY A 463 34.11 1.35 13.35
CA GLY A 463 35.56 1.47 13.59
C GLY A 463 36.04 2.88 13.29
N ARG A 464 35.61 3.44 12.16
CA ARG A 464 36.01 4.81 11.77
C ARG A 464 35.48 5.81 12.79
N THR A 465 34.22 5.66 13.20
CA THR A 465 33.61 6.62 14.16
C THR A 465 34.44 6.59 15.46
N LEU A 466 34.75 5.40 15.97
CA LEU A 466 35.50 5.27 17.24
C LEU A 466 36.89 5.86 17.07
N LYS A 467 37.54 5.61 15.92
CA LYS A 467 38.93 6.11 15.70
C LYS A 467 38.92 7.64 15.74
N GLY A 468 37.94 8.27 15.10
CA GLY A 468 37.85 9.75 15.11
C GLY A 468 37.71 10.29 16.52
N ILE A 469 36.82 9.70 17.32
CA ILE A 469 36.64 10.13 18.73
C ILE A 469 37.96 9.92 19.49
N MET A 470 38.58 8.74 19.32
CA MET A 470 39.84 8.43 20.05
C MET A 470 40.90 9.47 19.69
N ASP A 471 41.02 9.81 18.40
CA ASP A 471 42.06 10.77 17.95
C ASP A 471 41.83 12.12 18.64
N ASN A 472 40.57 12.59 18.66
CA ASN A 472 40.27 13.92 19.26
C ASN A 472 40.60 13.89 20.75
N VAL A 473 40.22 12.82 21.44
CA VAL A 473 40.46 12.72 22.92
C VAL A 473 41.97 12.77 23.17
N LYS A 474 42.75 12.02 22.39
CA LYS A 474 44.22 11.98 22.57
C LYS A 474 44.79 13.37 22.31
N TYR A 475 44.28 14.06 21.29
CA TYR A 475 44.74 15.44 20.99
C TYR A 475 44.43 16.36 22.18
N MET A 476 43.23 16.22 22.74
CA MET A 476 42.80 17.10 23.87
C MET A 476 43.66 16.82 25.11
N VAL A 477 44.00 15.56 25.35
CA VAL A 477 44.87 15.22 26.52
C VAL A 477 46.27 15.78 26.27
N LYS A 478 46.74 15.77 25.02
CA LYS A 478 48.07 16.32 24.68
C LYS A 478 48.05 17.84 24.89
N LYS A 479 46.91 18.48 24.63
CA LYS A 479 46.80 19.96 24.79
C LYS A 479 47.41 20.36 26.14
N LYS A 480 48.26 21.38 26.16
CA LYS A 480 48.95 21.79 27.42
C LYS A 480 48.31 23.06 27.98
N ASN A 481 48.19 24.11 27.18
CA ASN A 481 47.65 25.41 27.68
C ASN A 481 46.12 25.35 27.72
N SER A 482 45.56 24.52 28.59
CA SER A 482 44.08 24.42 28.73
C SER A 482 43.72 24.03 30.17
N SER A 483 42.77 24.75 30.77
CA SER A 483 42.30 24.39 32.14
C SER A 483 41.43 23.14 32.09
N THR A 484 40.48 23.08 31.14
CA THR A 484 39.55 21.94 31.06
C THR A 484 40.29 20.67 30.60
N TRP A 485 41.23 20.80 29.66
CA TRP A 485 41.89 19.61 29.09
C TRP A 485 43.35 19.52 29.56
N GLY A 486 43.91 18.30 29.56
CA GLY A 486 45.30 18.10 30.01
C GLY A 486 45.65 16.64 30.06
N PRO A 487 46.65 16.20 30.87
CA PRO A 487 47.07 14.79 30.89
C PRO A 487 45.92 13.85 31.27
N ASP A 488 44.92 14.36 32.01
CA ASP A 488 43.79 13.51 32.47
C ASP A 488 42.48 13.99 31.82
N ALA A 489 42.56 14.56 30.62
CA ALA A 489 41.36 15.05 29.91
C ALA A 489 40.43 13.88 29.58
N TRP A 490 40.99 12.70 29.35
CA TRP A 490 40.17 11.52 28.95
C TRP A 490 39.13 11.19 30.03
N LYS A 491 39.45 11.47 31.29
CA LYS A 491 38.53 11.14 32.40
C LYS A 491 37.29 12.04 32.35
N LYS A 492 37.37 13.18 31.67
CA LYS A 492 36.24 14.15 31.63
C LYS A 492 35.34 13.85 30.44
N ILE A 493 35.67 12.84 29.64
CA ILE A 493 34.88 12.51 28.41
C ILE A 493 34.40 11.06 28.51
N VAL A 494 33.10 10.84 28.26
CA VAL A 494 32.52 9.46 28.31
C VAL A 494 31.93 9.13 26.93
N VAL A 495 32.22 7.94 26.41
CA VAL A 495 31.69 7.51 25.08
C VAL A 495 30.56 6.52 25.30
N CYS A 496 29.33 6.88 24.88
CA CYS A 496 28.16 5.99 25.05
C CYS A 496 27.74 5.42 23.68
N ILE A 497 27.80 4.09 23.53
CA ILE A 497 27.41 3.45 22.25
C ILE A 497 26.08 2.71 22.46
N ILE A 498 25.01 3.17 21.80
CA ILE A 498 23.66 2.54 21.98
C ILE A 498 23.31 1.76 20.71
N SER A 499 23.06 0.45 20.84
CA SER A 499 22.65 -0.37 19.66
C SER A 499 21.14 -0.57 19.69
N ASP A 500 20.46 -0.35 18.56
CA ASP A 500 18.98 -0.44 18.52
C ASP A 500 18.53 -1.87 18.84
N GLY A 501 19.11 -2.88 18.18
CA GLY A 501 18.65 -4.27 18.39
C GLY A 501 19.80 -5.26 18.43
N ARG A 502 19.90 -6.04 19.52
CA ARG A 502 20.97 -7.06 19.64
C ARG A 502 20.85 -8.04 18.47
N SER A 503 19.63 -8.33 18.03
CA SER A 503 19.41 -9.25 16.88
C SER A 503 19.92 -8.61 15.59
N LYS A 504 19.78 -7.29 15.45
CA LYS A 504 20.16 -6.61 14.17
C LYS A 504 21.65 -6.25 14.17
N ILE A 505 22.29 -6.10 15.33
CA ILE A 505 23.71 -5.64 15.37
C ILE A 505 24.57 -6.60 14.55
N ASN A 506 25.54 -6.07 13.80
CA ASN A 506 26.46 -6.91 12.99
C ASN A 506 27.42 -7.65 13.93
N GLU A 507 27.64 -8.94 13.67
CA GLU A 507 28.55 -9.76 14.51
C GLU A 507 29.96 -9.15 14.46
N ARG A 508 30.36 -8.66 13.28
CA ARG A 508 31.74 -8.10 13.12
C ARG A 508 31.92 -6.93 14.11
N SER A 509 30.91 -6.06 14.22
CA SER A 509 30.99 -4.92 15.16
C SER A 509 31.14 -5.45 16.60
N LEU A 510 30.20 -6.28 17.05
CA LEU A 510 30.24 -6.78 18.45
C LEU A 510 31.63 -7.39 18.70
N ALA A 511 32.13 -8.17 17.74
CA ALA A 511 33.49 -8.75 17.88
C ALA A 511 34.49 -7.61 18.12
N LEU A 512 34.46 -6.58 17.26
CA LEU A 512 35.34 -5.40 17.44
C LEU A 512 35.17 -4.84 18.85
N LEU A 513 33.92 -4.71 19.31
CA LEU A 513 33.66 -4.18 20.69
C LEU A 513 34.32 -5.13 21.70
N SER A 514 34.23 -6.44 21.47
CA SER A 514 34.85 -7.43 22.37
C SER A 514 36.36 -7.22 22.39
N SER A 515 36.95 -7.00 21.21
CA SER A 515 38.41 -6.74 21.13
C SER A 515 38.75 -5.57 22.07
N LEU A 516 37.91 -4.54 22.08
CA LEU A 516 38.14 -3.36 22.97
C LEU A 516 37.90 -3.77 24.42
N GLY A 517 37.07 -4.79 24.65
CA GLY A 517 36.85 -5.29 26.03
C GLY A 517 35.58 -4.73 26.66
N CYS A 518 34.75 -4.05 25.88
CA CYS A 518 33.53 -3.41 26.45
C CYS A 518 32.32 -4.34 26.27
N TYR A 519 32.55 -5.57 25.83
CA TYR A 519 31.46 -6.51 25.66
C TYR A 519 32.00 -7.93 25.69
N GLN A 520 31.21 -8.85 26.23
CA GLN A 520 31.52 -10.26 26.14
C GLN A 520 30.25 -11.05 26.38
N ASP A 521 30.09 -12.14 25.64
CA ASP A 521 28.83 -12.88 25.62
C ASP A 521 28.73 -13.77 26.85
N GLY A 522 27.49 -14.19 27.14
CA GLY A 522 27.26 -15.20 28.15
C GLY A 522 26.31 -14.83 29.27
N PHE A 523 26.41 -13.59 29.77
CA PHE A 523 25.58 -13.16 30.93
C PHE A 523 24.58 -12.08 30.53
N ALA A 524 23.58 -12.42 29.72
CA ALA A 524 22.54 -11.44 29.35
C ALA A 524 21.17 -12.02 29.73
N LYS A 525 20.60 -11.56 30.84
CA LYS A 525 19.30 -12.11 31.32
C LYS A 525 18.15 -11.39 30.60
N ASP A 526 17.40 -12.11 29.77
CA ASP A 526 16.29 -11.50 28.99
C ASP A 526 15.08 -11.29 29.91
N GLU A 527 15.16 -11.76 31.16
CA GLU A 527 14.02 -11.64 32.10
C GLU A 527 14.53 -11.70 33.54
N ILE A 528 14.06 -10.79 34.40
CA ILE A 528 14.46 -10.81 35.84
C ILE A 528 13.27 -10.32 36.67
N ASN A 529 13.03 -10.94 37.82
CA ASN A 529 11.89 -10.54 38.70
C ASN A 529 10.60 -10.57 37.88
N GLU A 530 10.50 -11.48 36.92
CA GLU A 530 9.29 -11.59 36.06
C GLU A 530 9.07 -10.25 35.33
N LYS A 531 10.15 -9.54 35.02
CA LYS A 531 10.05 -8.24 34.31
C LYS A 531 11.08 -8.21 33.18
N LYS A 532 10.68 -7.77 31.99
CA LYS A 532 11.59 -7.80 30.82
C LYS A 532 12.63 -6.68 30.93
N VAL A 533 13.91 -7.05 30.90
CA VAL A 533 14.98 -6.05 30.93
C VAL A 533 14.93 -5.24 29.64
N ALA A 534 14.94 -3.92 29.79
CA ALA A 534 14.78 -3.04 28.64
C ALA A 534 16.02 -2.94 27.78
N MET A 535 17.20 -2.93 28.39
CA MET A 535 18.43 -2.87 27.63
C MET A 535 19.57 -3.36 28.51
N HIS A 536 20.67 -3.71 27.84
CA HIS A 536 21.88 -4.19 28.56
C HIS A 536 22.96 -3.11 28.52
N VAL A 537 23.57 -2.82 29.66
CA VAL A 537 24.60 -1.80 29.78
C VAL A 537 25.90 -2.49 30.16
N TYR A 538 26.91 -2.37 29.30
CA TYR A 538 28.24 -2.87 29.57
C TYR A 538 29.18 -1.67 29.69
N GLU A 539 30.03 -1.67 30.71
CA GLU A 539 30.88 -0.53 30.96
C GLU A 539 32.31 -1.00 31.13
N HIS A 540 33.21 -0.50 30.29
CA HIS A 540 34.63 -0.77 30.43
C HIS A 540 35.40 0.49 30.08
N THR A 541 36.63 0.57 30.57
CA THR A 541 37.55 1.66 30.25
C THR A 541 38.77 1.05 29.56
N THR A 542 38.70 0.92 28.23
CA THR A 542 39.73 0.23 27.49
C THR A 542 40.93 1.13 27.24
N MET A 543 42.12 0.52 27.21
CA MET A 543 43.36 1.24 26.96
C MET A 543 43.88 1.09 25.54
N ILE A 544 43.08 0.46 24.68
CA ILE A 544 43.53 0.20 23.28
C ILE A 544 42.84 1.20 22.35
N ASN A 545 43.51 1.53 21.24
CA ASN A 545 42.95 2.47 20.28
C ASN A 545 43.12 1.91 18.88
N ILE A 546 42.21 2.28 17.99
CA ILE A 546 42.35 1.96 16.58
C ILE A 546 43.27 2.98 15.94
N THR A 547 44.31 2.51 15.27
CA THR A 547 45.31 3.40 14.68
C THR A 547 45.34 3.36 13.16
N ASN A 548 44.82 2.33 12.54
CA ASN A 548 44.73 2.29 11.09
C ASN A 548 43.48 1.51 10.69
N ILE A 549 42.77 2.01 9.68
CA ILE A 549 41.62 1.30 9.15
C ILE A 549 41.80 1.19 7.64
N SER A 550 42.26 0.03 7.19
CA SER A 550 42.34 -0.24 5.76
C SER A 550 40.95 -0.57 5.25
N GLU A 551 40.86 -1.02 4.00
CA GLU A 551 39.55 -1.34 3.44
C GLU A 551 38.95 -2.59 4.08
N SER A 552 39.76 -3.37 4.79
CA SER A 552 39.28 -4.64 5.32
C SER A 552 39.66 -4.92 6.77
N GLU A 553 40.54 -4.11 7.38
CA GLU A 553 40.99 -4.36 8.74
C GLU A 553 41.05 -3.06 9.54
N VAL A 554 40.99 -3.21 10.86
CA VAL A 554 41.21 -2.14 11.82
C VAL A 554 42.40 -2.53 12.69
N SER A 555 43.37 -1.63 12.82
CA SER A 555 44.61 -1.91 13.51
C SER A 555 44.50 -1.44 14.95
N LEU A 556 44.50 -2.39 15.89
CA LEU A 556 44.35 -2.11 17.30
C LEU A 556 45.69 -2.33 18.00
N GLU A 557 46.15 -1.30 18.71
CA GLU A 557 47.43 -1.39 19.38
C GLU A 557 47.35 -0.75 20.76
N CYS A 558 48.25 -1.16 21.64
CA CYS A 558 48.30 -0.67 23.01
C CYS A 558 49.76 -0.33 23.33
N ASN A 559 50.12 0.94 23.16
CA ASN A 559 51.48 1.40 23.39
C ASN A 559 51.51 2.42 24.51
N GLN A 560 52.66 3.07 24.72
CA GLN A 560 52.72 4.19 25.65
C GLN A 560 52.00 5.42 25.12
N GLY A 561 51.60 5.42 23.84
CA GLY A 561 50.95 6.57 23.25
C GLY A 561 49.44 6.48 23.22
N THR A 562 48.89 5.30 23.45
CA THR A 562 47.44 5.15 23.51
C THR A 562 46.87 5.82 24.75
N VAL A 563 45.60 6.20 24.66
CA VAL A 563 44.90 6.84 25.77
C VAL A 563 43.72 5.97 26.17
N PRO A 564 43.42 5.85 27.46
CA PRO A 564 42.21 5.13 27.86
C PRO A 564 40.97 5.88 27.40
N ILE A 565 39.92 5.11 27.12
CA ILE A 565 38.64 5.68 26.72
C ILE A 565 37.56 5.02 27.55
N GLN A 566 36.60 5.80 28.03
CA GLN A 566 35.54 5.29 28.89
C GLN A 566 34.36 4.89 28.03
N LEU A 567 34.35 3.64 27.58
CA LEU A 567 33.23 3.16 26.81
C LEU A 567 32.04 2.88 27.69
N LEU A 568 30.86 2.91 27.08
CA LEU A 568 29.60 2.61 27.76
C LEU A 568 28.66 2.08 26.68
N PHE A 569 28.55 0.76 26.58
CA PHE A 569 27.84 0.11 25.50
C PHE A 569 26.40 -0.15 25.94
N CYS A 570 25.49 0.67 25.43
CA CYS A 570 24.06 0.41 25.60
C CYS A 570 23.57 -0.48 24.46
N LEU A 571 22.66 -1.38 24.78
CA LEU A 571 22.20 -2.35 23.79
C LEU A 571 20.73 -2.64 24.02
N LYS A 572 19.87 -1.94 23.30
CA LYS A 572 18.45 -2.26 23.33
C LYS A 572 18.22 -3.63 22.71
N GLU A 573 17.10 -4.26 23.11
CA GLU A 573 16.80 -5.61 22.70
C GLU A 573 15.74 -5.71 21.61
N GLN A 574 14.96 -4.66 21.38
CA GLN A 574 13.93 -4.69 20.36
C GLN A 574 13.97 -3.40 19.56
N ASN A 575 13.55 -3.48 18.30
CA ASN A 575 13.74 -2.40 17.33
C ASN A 575 12.78 -1.25 17.63
N GLN A 576 13.25 -0.35 18.49
CA GLN A 576 12.64 0.95 18.65
C GLN A 576 13.46 1.98 17.88
N LYS A 577 12.81 3.05 17.44
CA LYS A 577 13.40 3.92 16.44
C LYS A 577 14.46 4.84 17.07
N LYS A 578 15.02 5.73 16.26
CA LYS A 578 16.14 6.56 16.69
C LYS A 578 15.72 7.53 17.80
N ILE A 579 14.48 7.97 17.77
CA ILE A 579 14.01 8.91 18.80
C ILE A 579 14.05 8.25 20.16
N ASN A 580 13.84 6.94 20.24
CA ASN A 580 13.96 6.26 21.52
C ASN A 580 15.42 6.12 21.95
N SER A 581 16.34 5.97 21.00
CA SER A 581 17.75 6.00 21.34
C SER A 581 18.13 7.36 21.93
N HIS A 582 17.63 8.44 21.33
CA HIS A 582 17.88 9.76 21.89
C HIS A 582 17.21 9.92 23.24
N ARG A 583 16.07 9.28 23.45
CA ARG A 583 15.40 9.35 24.75
C ARG A 583 16.24 8.67 25.82
N TRP A 584 16.84 7.52 25.49
CA TRP A 584 17.78 6.90 26.42
C TRP A 584 18.99 7.78 26.66
N ALA A 585 19.52 8.41 25.61
CA ALA A 585 20.71 9.24 25.76
C ALA A 585 20.46 10.46 26.62
N PHE A 586 19.31 11.11 26.47
CA PHE A 586 19.04 12.40 27.10
C PHE A 586 18.32 12.25 28.43
N GLU A 587 17.22 11.51 28.45
CA GLU A 587 16.45 11.33 29.68
C GLU A 587 17.04 10.25 30.58
N GLY A 588 17.97 9.46 30.09
CA GLY A 588 18.54 8.37 30.85
C GLY A 588 19.91 8.68 31.41
N PHE A 589 20.95 8.24 30.71
CA PHE A 589 22.31 8.32 31.23
C PHE A 589 22.78 9.76 31.38
N ALA A 590 22.26 10.68 30.58
CA ALA A 590 22.65 12.08 30.76
C ALA A 590 22.13 12.65 32.06
N GLU A 591 21.02 12.10 32.58
CA GLU A 591 20.51 12.52 33.87
C GLU A 591 21.39 12.06 35.02
N LEU A 592 22.08 10.94 34.87
CA LEU A 592 23.00 10.46 35.88
C LEU A 592 24.36 11.15 35.78
N LEU A 593 24.92 11.22 34.57
CA LEU A 593 26.26 11.77 34.39
C LEU A 593 26.28 13.28 34.57
N ARG A 594 25.23 13.98 34.13
CA ARG A 594 25.18 15.44 34.16
C ARG A 594 26.33 16.08 33.39
N PRO A 595 26.37 15.91 32.07
CA PRO A 595 27.44 16.50 31.28
C PRO A 595 27.21 17.99 31.06
N ASN A 596 28.27 18.65 30.59
CA ASN A 596 28.13 20.03 30.15
C ASN A 596 27.62 20.12 28.72
N ILE A 597 28.18 19.31 27.82
CA ILE A 597 27.82 19.29 26.41
C ILE A 597 27.43 17.86 26.05
N VAL A 598 26.42 17.71 25.21
CA VAL A 598 25.97 16.39 24.74
C VAL A 598 26.11 16.38 23.23
N THR A 599 26.99 15.54 22.72
CA THR A 599 27.29 15.47 21.30
C THR A 599 26.64 14.24 20.68
N LEU A 600 25.95 14.43 19.57
CA LEU A 600 25.26 13.35 18.88
C LEU A 600 26.02 12.98 17.62
N LEU A 601 26.42 11.72 17.53
CA LEU A 601 27.05 11.15 16.35
C LEU A 601 26.20 10.01 15.82
N ASP A 602 26.57 9.53 14.63
CA ASP A 602 25.88 8.36 14.03
C ASP A 602 26.96 7.41 13.49
N ALA A 603 26.81 6.11 13.71
CA ALA A 603 27.87 5.15 13.29
C ALA A 603 28.17 5.36 11.81
N GLY A 604 29.46 5.40 11.46
CA GLY A 604 29.87 5.61 10.05
C GLY A 604 30.36 7.02 9.80
N THR A 605 29.91 7.98 10.62
CA THR A 605 30.36 9.39 10.49
C THR A 605 31.74 9.54 11.12
N MET A 606 32.70 10.11 10.41
CA MET A 606 34.04 10.26 10.94
C MET A 606 34.31 11.71 11.28
N PRO A 607 34.39 12.08 12.55
CA PRO A 607 34.85 13.43 12.89
C PRO A 607 36.32 13.61 12.54
N GLY A 608 36.70 14.85 12.30
CA GLY A 608 38.08 15.14 11.95
C GLY A 608 39.03 14.88 13.10
N LYS A 609 40.31 15.07 12.82
CA LYS A 609 41.34 14.94 13.84
C LYS A 609 41.17 15.94 14.96
N ASP A 610 40.40 17.00 14.74
CA ASP A 610 40.33 18.14 15.63
C ASP A 610 38.92 18.69 15.73
N SER A 611 37.92 17.96 15.21
CA SER A 611 36.59 18.52 15.05
C SER A 611 35.85 18.63 16.37
N ILE A 612 35.93 17.62 17.22
CA ILE A 612 35.15 17.64 18.46
C ILE A 612 35.64 18.74 19.38
N TYR A 613 36.96 18.96 19.43
CA TYR A 613 37.47 20.07 20.23
C TYR A 613 37.00 21.41 19.71
N GLN A 614 36.98 21.58 18.39
CA GLN A 614 36.55 22.86 17.82
C GLN A 614 35.05 23.07 18.03
N LEU A 615 34.28 21.99 18.07
CA LEU A 615 32.87 22.12 18.40
C LEU A 615 32.67 22.43 19.87
N TRP A 616 33.52 21.86 20.74
CA TRP A 616 33.44 22.17 22.16
C TRP A 616 33.78 23.63 22.42
N ARG A 617 34.76 24.18 21.70
CA ARG A 617 35.14 25.57 21.91
C ARG A 617 34.02 26.54 21.59
N GLU A 618 33.01 26.13 20.83
CA GLU A 618 31.93 27.05 20.50
C GLU A 618 31.05 27.39 21.69
N PHE A 619 31.11 26.59 22.74
CA PHE A 619 30.25 26.77 23.90
C PHE A 619 30.87 27.66 24.97
N ARG A 620 32.02 28.26 24.67
CA ARG A 620 32.59 29.25 25.58
C ARG A 620 31.62 30.41 25.79
N ASN A 621 30.98 30.87 24.73
CA ASN A 621 29.97 31.91 24.85
C ASN A 621 28.80 31.36 25.62
N PRO A 622 28.45 31.91 26.79
CA PRO A 622 27.36 31.33 27.58
C PRO A 622 26.01 31.39 26.90
N ASN A 623 25.88 32.17 25.83
CA ASN A 623 24.60 32.26 25.15
C ASN A 623 24.37 31.12 24.16
N VAL A 624 25.40 30.36 23.83
CA VAL A 624 25.25 29.31 22.83
C VAL A 624 24.55 28.11 23.44
N GLY A 625 23.50 27.65 22.78
CA GLY A 625 22.73 26.53 23.28
C GLY A 625 22.84 25.30 22.41
N GLY A 626 23.46 25.45 21.24
CA GLY A 626 23.67 24.34 20.34
C GLY A 626 24.71 24.70 19.30
N ALA A 627 25.13 23.70 18.54
CA ALA A 627 26.12 23.95 17.50
C ALA A 627 26.17 22.76 16.55
N CYS A 628 26.73 22.97 15.37
CA CYS A 628 26.95 21.91 14.41
C CYS A 628 28.21 22.22 13.61
N GLY A 629 28.57 21.31 12.70
CA GLY A 629 29.76 21.45 11.91
C GLY A 629 29.51 21.13 10.45
N GLU A 630 30.55 21.30 9.65
CA GLU A 630 30.47 21.02 8.23
C GLU A 630 30.40 19.51 7.99
N ILE A 631 29.69 19.13 6.94
CA ILE A 631 29.62 17.74 6.47
C ILE A 631 30.31 17.66 5.13
N ARG A 632 31.23 16.71 5.00
CA ARG A 632 31.94 16.46 3.77
C ARG A 632 31.62 15.06 3.27
N THR A 633 31.37 14.94 1.97
CA THR A 633 31.32 13.63 1.34
C THR A 633 32.72 13.09 1.12
N ASP A 634 33.00 11.91 1.64
CA ASP A 634 34.31 11.33 1.47
C ASP A 634 34.33 10.57 0.15
N LEU A 635 35.38 10.80 -0.64
CA LEU A 635 35.42 10.38 -2.03
C LEU A 635 36.19 9.10 -2.24
N GLY A 636 36.70 8.49 -1.17
CA GLY A 636 37.44 7.25 -1.29
C GLY A 636 38.89 7.48 -1.69
N LYS A 637 39.54 6.39 -2.09
CA LYS A 637 40.96 6.40 -2.37
C LYS A 637 41.27 7.24 -3.60
N ARG A 638 41.92 8.38 -3.37
CA ARG A 638 42.27 9.32 -4.43
C ARG A 638 41.04 9.69 -5.27
N PHE A 639 39.93 9.96 -4.58
CA PHE A 639 38.74 10.54 -5.19
C PHE A 639 38.14 9.63 -6.27
N VAL A 640 38.22 8.31 -6.05
CA VAL A 640 37.71 7.38 -7.05
C VAL A 640 36.19 7.53 -7.20
N LYS A 641 35.49 7.88 -6.13
CA LYS A 641 34.04 7.92 -6.18
C LYS A 641 33.49 9.11 -6.97
N LEU A 642 34.34 10.06 -7.36
CA LEU A 642 33.85 11.16 -8.17
C LEU A 642 33.46 10.72 -9.56
N LEU A 643 33.94 9.56 -10.02
CA LEU A 643 33.57 9.07 -11.34
C LEU A 643 32.09 8.74 -11.40
N ASN A 644 31.50 8.34 -10.29
CA ASN A 644 30.06 8.17 -10.21
C ASN A 644 29.40 9.53 -10.33
N PRO A 645 28.41 9.69 -11.22
CA PRO A 645 27.74 10.99 -11.37
C PRO A 645 26.70 11.27 -10.30
N LEU A 646 26.33 10.28 -9.50
CA LEU A 646 25.41 10.49 -8.39
C LEU A 646 26.13 10.82 -7.09
N VAL A 647 27.45 10.69 -7.07
CA VAL A 647 28.24 11.09 -5.91
C VAL A 647 28.77 12.52 -6.09
N ALA A 648 29.17 12.88 -7.31
CA ALA A 648 29.61 14.25 -7.56
C ALA A 648 28.48 15.25 -7.35
N SER A 649 27.26 14.88 -7.74
CA SER A 649 26.11 15.74 -7.50
C SER A 649 25.94 16.01 -6.02
N GLN A 650 26.01 14.96 -5.18
CA GLN A 650 25.83 15.15 -3.75
C GLN A 650 27.01 15.88 -3.14
N ASN A 651 28.21 15.69 -3.67
CA ASN A 651 29.36 16.45 -3.20
C ASN A 651 29.12 17.94 -3.38
N PHE A 652 28.74 18.34 -4.59
CA PHE A 652 28.48 19.76 -4.84
C PHE A 652 27.32 20.26 -4.01
N GLU A 653 26.26 19.46 -3.87
CA GLU A 653 25.10 19.90 -3.10
C GLU A 653 25.46 20.11 -1.64
N TYR A 654 26.20 19.18 -1.04
CA TYR A 654 26.61 19.33 0.34
C TYR A 654 27.46 20.58 0.53
N LYS A 655 28.40 20.80 -0.38
CA LYS A 655 29.35 21.89 -0.15
C LYS A 655 28.69 23.24 -0.39
N MET A 656 27.78 23.33 -1.37
CA MET A 656 26.93 24.51 -1.51
C MET A 656 26.07 24.75 -0.29
N SER A 657 25.46 23.70 0.26
CA SER A 657 24.63 23.87 1.44
C SER A 657 25.44 24.45 2.59
N ASN A 658 26.59 23.86 2.87
CA ASN A 658 27.43 24.34 3.96
C ASN A 658 27.91 25.76 3.72
N ILE A 659 28.28 26.09 2.49
CA ILE A 659 28.82 27.42 2.22
C ILE A 659 27.74 28.49 2.34
N LEU A 660 26.54 28.22 1.82
CA LEU A 660 25.52 29.26 1.72
C LEU A 660 24.50 29.21 2.85
N ASP A 661 23.77 28.09 2.96
CA ASP A 661 22.58 28.09 3.81
C ASP A 661 22.96 28.12 5.28
N LYS A 662 23.98 27.35 5.65
CA LYS A 662 24.41 27.27 7.08
C LYS A 662 24.98 28.62 7.53
N THR A 663 25.94 29.18 6.78
CA THR A 663 26.60 30.44 7.21
C THR A 663 25.55 31.54 7.39
N THR A 664 24.66 31.71 6.42
CA THR A 664 23.63 32.79 6.48
C THR A 664 22.72 32.55 7.69
N GLU A 665 22.27 31.30 7.87
CA GLU A 665 21.38 30.96 9.02
C GLU A 665 22.13 31.24 10.32
N SER A 666 23.42 30.90 10.38
CA SER A 666 24.23 31.12 11.60
C SER A 666 24.26 32.62 11.93
N ASN A 667 24.36 33.47 10.89
CA ASN A 667 24.37 34.94 11.10
C ASN A 667 23.12 35.36 11.88
N PHE A 668 21.93 35.09 11.32
CA PHE A 668 20.66 35.43 12.01
C PHE A 668 20.62 34.75 13.38
N GLY A 669 21.16 33.53 13.44
CA GLY A 669 20.93 32.61 14.58
C GLY A 669 19.94 31.52 14.20
N PHE A 670 19.56 30.69 15.17
CA PHE A 670 18.62 29.57 14.89
C PHE A 670 19.15 28.76 13.70
N ILE A 671 20.43 28.38 13.74
CA ILE A 671 21.05 27.59 12.64
C ILE A 671 20.67 26.13 12.82
N THR A 672 19.89 25.58 11.88
CA THR A 672 19.44 24.16 11.97
C THR A 672 20.63 23.22 11.75
N VAL A 673 20.42 21.91 11.89
CA VAL A 673 21.51 20.91 11.70
C VAL A 673 21.15 20.01 10.52
N LEU A 674 22.15 19.59 9.73
CA LEU A 674 21.93 18.69 8.57
C LEU A 674 21.68 17.27 9.07
N PRO A 675 21.02 16.39 8.29
CA PRO A 675 20.69 15.05 8.76
C PRO A 675 21.93 14.26 9.23
N GLY A 676 23.02 14.34 8.48
CA GLY A 676 24.25 13.60 8.85
C GLY A 676 25.23 14.47 9.63
N ALA A 677 24.92 15.76 9.78
CA ALA A 677 25.86 16.70 10.46
C ALA A 677 25.97 16.35 11.95
N PHE A 678 27.20 16.28 12.48
CA PHE A 678 27.39 16.03 13.92
C PHE A 678 26.92 17.26 14.69
N SER A 679 26.18 17.06 15.79
CA SER A 679 25.60 18.21 16.52
C SER A 679 25.98 18.16 18.00
N ALA A 680 25.88 19.29 18.71
CA ALA A 680 26.20 19.32 20.16
C ALA A 680 25.20 20.26 20.85
N TYR A 681 24.67 19.83 22.00
CA TYR A 681 23.70 20.65 22.73
C TYR A 681 24.20 20.85 24.15
N ARG A 682 24.27 22.09 24.59
CA ARG A 682 24.53 22.36 25.98
C ARG A 682 23.40 21.77 26.80
N PHE A 683 23.73 20.99 27.81
CA PHE A 683 22.71 20.16 28.46
C PHE A 683 21.64 21.01 29.14
N GLU A 684 22.06 22.08 29.83
CA GLU A 684 21.07 22.92 30.52
C GLU A 684 20.16 23.63 29.53
N ALA A 685 20.63 23.80 28.28
CA ALA A 685 19.81 24.49 27.28
C ALA A 685 18.63 23.62 26.83
N VAL A 686 18.88 22.36 26.50
CA VAL A 686 17.81 21.52 25.98
C VAL A 686 16.95 20.95 27.11
N ARG A 687 17.41 21.03 28.35
CA ARG A 687 16.71 20.40 29.44
C ARG A 687 15.40 21.13 29.74
N GLY A 688 14.31 20.38 29.83
CA GLY A 688 13.02 20.98 30.10
C GLY A 688 12.03 20.90 28.95
N GLN A 689 11.50 22.06 28.55
CA GLN A 689 10.51 22.09 27.47
C GLN A 689 11.04 21.57 26.14
N PRO A 690 12.23 21.95 25.67
CA PRO A 690 12.69 21.42 24.38
C PRO A 690 12.72 19.91 24.30
N LEU A 691 13.34 19.25 25.27
CA LEU A 691 13.37 17.80 25.29
C LEU A 691 11.96 17.22 25.41
N GLN A 692 11.13 17.84 26.25
CA GLN A 692 9.80 17.31 26.49
C GLN A 692 8.97 17.30 25.22
N LYS A 693 9.04 18.37 24.44
CA LYS A 693 8.25 18.37 23.22
C LYS A 693 8.98 17.71 22.05
N TYR A 694 10.28 17.42 22.20
CA TYR A 694 10.95 16.60 21.20
C TYR A 694 10.56 15.12 21.34
N PHE A 695 10.37 14.66 22.58
CA PHE A 695 10.19 13.23 22.83
C PHE A 695 8.72 12.82 22.77
N TYR A 696 7.86 13.58 23.46
CA TYR A 696 6.44 13.27 23.61
C TYR A 696 5.50 14.09 22.74
N GLY A 697 5.92 15.23 22.22
CA GLY A 697 5.03 16.06 21.44
C GLY A 697 4.11 16.89 22.31
N GLU A 698 3.19 17.59 21.65
CA GLU A 698 2.29 18.51 22.36
C GLU A 698 1.36 17.71 23.27
N ILE A 699 1.48 17.94 24.59
CA ILE A 699 0.72 17.15 25.56
C ILE A 699 -0.77 17.44 25.44
N MET A 700 -1.14 18.71 25.27
CA MET A 700 -2.55 19.08 25.22
C MET A 700 -3.17 18.46 23.97
N GLU A 701 -4.00 17.43 24.17
CA GLU A 701 -4.61 16.72 23.08
C GLU A 701 -5.73 15.84 23.63
N ASN A 702 -6.87 15.86 22.95
CA ASN A 702 -8.00 15.03 23.33
C ASN A 702 -7.83 13.63 22.74
N GLU A 703 -8.89 12.82 22.78
CA GLU A 703 -8.81 11.47 22.24
C GLU A 703 -8.56 11.49 20.73
N GLY A 704 -9.00 12.53 20.05
CA GLY A 704 -8.81 12.64 18.62
C GLY A 704 -7.41 13.07 18.23
N PHE A 705 -7.23 13.26 16.93
CA PHE A 705 -5.95 13.65 16.35
C PHE A 705 -5.93 15.13 16.01
N HIS A 706 -4.78 15.76 16.17
CA HIS A 706 -4.53 17.11 15.70
C HIS A 706 -3.31 17.10 14.79
N PHE A 707 -3.27 18.08 13.88
CA PHE A 707 -2.28 18.08 12.81
C PHE A 707 -0.85 18.16 13.32
N PHE A 708 -0.50 19.27 13.96
CA PHE A 708 0.86 19.47 14.43
C PHE A 708 1.21 18.47 15.52
N SER A 709 0.30 18.29 16.48
CA SER A 709 0.54 17.30 17.57
C SER A 709 0.91 15.95 16.97
N SER A 710 0.04 15.38 16.14
CA SER A 710 0.28 14.03 15.55
C SER A 710 1.49 14.06 14.59
N ASN A 711 1.59 15.09 13.76
CA ASN A 711 2.67 15.13 12.74
C ASN A 711 3.91 15.85 13.29
N MET A 712 3.93 16.11 14.60
CA MET A 712 5.07 16.83 15.23
C MET A 712 6.35 16.01 15.02
N TYR A 713 6.22 14.68 14.93
CA TYR A 713 7.41 13.81 14.76
C TYR A 713 8.14 14.20 13.45
N LEU A 714 7.39 14.66 12.44
CA LEU A 714 8.01 15.08 11.16
C LEU A 714 9.04 16.18 11.44
N ALA A 715 8.75 17.06 12.40
CA ALA A 715 9.69 18.15 12.76
C ALA A 715 10.18 17.96 14.20
N GLU A 716 10.11 16.73 14.72
CA GLU A 716 10.51 16.48 16.14
C GLU A 716 11.97 16.88 16.35
N ASP A 717 12.87 16.39 15.49
CA ASP A 717 14.31 16.73 15.62
C ASP A 717 14.48 18.24 15.46
N ARG A 718 13.78 18.84 14.49
CA ARG A 718 13.89 20.31 14.26
C ARG A 718 12.90 21.06 15.17
N ILE A 719 12.32 20.37 16.14
CA ILE A 719 11.62 21.01 17.29
C ILE A 719 12.68 21.46 18.31
N LEU A 720 13.71 20.65 18.53
CA LEU A 720 14.76 21.00 19.54
C LEU A 720 15.35 22.36 19.18
N CYS A 721 15.77 22.54 17.93
CA CYS A 721 16.38 23.82 17.49
C CYS A 721 15.35 24.95 17.66
N PHE A 722 14.12 24.74 17.19
CA PHE A 722 13.06 25.76 17.31
C PHE A 722 12.79 26.03 18.80
N GLU A 723 12.73 24.97 19.60
CA GLU A 723 12.42 25.12 21.05
C GLU A 723 13.59 25.83 21.74
N VAL A 724 14.83 25.37 21.54
CA VAL A 724 15.94 25.97 22.26
C VAL A 724 16.02 27.46 21.97
N VAL A 725 15.88 27.86 20.71
CA VAL A 725 16.01 29.26 20.36
C VAL A 725 14.92 30.09 21.04
N THR A 726 13.69 29.58 21.02
CA THR A 726 12.52 30.31 21.52
C THR A 726 12.14 29.91 22.95
N LYS A 727 13.11 29.52 23.76
CA LYS A 727 12.82 29.14 25.14
C LYS A 727 12.40 30.37 25.95
N LYS A 728 11.44 30.19 26.84
CA LYS A 728 10.91 31.31 27.60
C LYS A 728 11.93 31.83 28.60
N ASN A 729 12.12 33.15 28.61
CA ASN A 729 13.03 33.83 29.54
C ASN A 729 14.48 33.39 29.36
N CYS A 730 14.81 32.83 28.20
CA CYS A 730 16.16 32.36 27.95
C CYS A 730 16.58 32.77 26.54
N ASN A 731 17.85 33.15 26.41
CA ASN A 731 18.37 33.71 25.17
C ASN A 731 19.40 32.81 24.49
N TRP A 732 19.14 31.52 24.42
CA TRP A 732 20.03 30.61 23.71
C TRP A 732 20.02 30.89 22.22
N ILE A 733 21.20 30.77 21.60
CA ILE A 733 21.34 30.86 20.16
C ILE A 733 22.05 29.62 19.67
N LEU A 734 21.89 29.36 18.37
CA LEU A 734 22.52 28.22 17.71
C LEU A 734 23.60 28.75 16.77
N LYS A 735 24.77 28.15 16.85
CA LYS A 735 25.92 28.65 16.11
C LYS A 735 26.44 27.55 15.20
N TYR A 736 26.96 27.95 14.05
CA TYR A 736 27.52 27.04 13.06
C TYR A 736 29.03 27.16 13.08
N CYS A 737 29.71 26.04 13.30
CA CYS A 737 31.17 26.01 13.37
C CYS A 737 31.70 25.41 12.08
N ARG A 738 32.55 26.16 11.38
CA ARG A 738 33.15 25.69 10.15
C ARG A 738 34.51 25.04 10.36
N SER A 739 35.17 25.29 11.49
CA SER A 739 36.43 24.65 11.82
C SER A 739 36.27 23.18 12.18
N SER A 740 35.05 22.72 12.38
CA SER A 740 34.78 21.32 12.71
C SER A 740 34.05 20.67 11.56
N TYR A 741 34.57 19.54 11.08
CA TYR A 741 33.98 18.85 9.94
C TYR A 741 33.89 17.36 10.26
N ALA A 742 33.12 16.66 9.44
CA ALA A 742 33.02 15.20 9.55
C ALA A 742 32.67 14.65 8.18
N SER A 743 33.38 13.61 7.76
CA SER A 743 33.20 13.02 6.43
C SER A 743 32.32 11.80 6.55
N THR A 744 31.19 11.84 5.88
CA THR A 744 30.25 10.73 5.87
C THR A 744 30.20 10.09 4.48
N ASP A 745 29.51 8.97 4.40
CA ASP A 745 29.37 8.21 3.15
C ASP A 745 27.98 8.41 2.59
N VAL A 746 27.91 8.67 1.28
CA VAL A 746 26.66 9.04 0.64
C VAL A 746 26.15 7.87 -0.20
N PRO A 747 24.84 7.74 -0.41
CA PRO A 747 24.32 6.67 -1.26
C PRO A 747 24.82 6.81 -2.69
N GLU A 748 25.07 5.66 -3.33
CA GLU A 748 25.62 5.63 -4.67
C GLU A 748 24.68 5.05 -5.72
N ARG A 749 23.53 4.50 -5.33
CA ARG A 749 22.51 4.04 -6.25
C ARG A 749 21.23 4.85 -6.06
N VAL A 750 20.43 4.91 -7.11
CA VAL A 750 19.24 5.76 -7.14
C VAL A 750 18.18 5.32 -6.14
N PRO A 751 17.86 4.03 -6.00
CA PRO A 751 16.84 3.64 -5.00
C PRO A 751 17.14 4.12 -3.58
N GLU A 752 18.33 3.84 -3.06
CA GLU A 752 18.65 4.28 -1.71
C GLU A 752 18.80 5.79 -1.62
N PHE A 753 19.22 6.44 -2.71
CA PHE A 753 19.28 7.91 -2.72
C PHE A 753 17.88 8.49 -2.55
N ILE A 754 16.90 7.96 -3.30
CA ILE A 754 15.53 8.42 -3.18
C ILE A 754 14.99 8.15 -1.80
N LEU A 755 15.23 6.94 -1.29
CA LEU A 755 14.73 6.59 0.04
C LEU A 755 15.35 7.46 1.13
N GLN A 756 16.62 7.85 0.98
CA GLN A 756 17.22 8.74 1.97
C GLN A 756 16.62 10.13 1.89
N ARG A 757 16.50 10.68 0.69
CA ARG A 757 15.98 12.04 0.56
C ARG A 757 14.50 12.13 0.91
N ARG A 758 13.80 10.99 0.97
CA ARG A 758 12.35 10.98 1.32
C ARG A 758 12.16 11.47 2.75
N ARG A 759 13.15 11.24 3.62
CA ARG A 759 13.04 11.64 5.05
C ARG A 759 13.53 13.08 5.20
N TRP A 760 14.50 13.50 4.40
CA TRP A 760 14.99 14.87 4.47
C TRP A 760 13.93 15.85 3.99
N LEU A 761 13.29 15.56 2.87
CA LEU A 761 12.35 16.51 2.29
C LEU A 761 11.13 16.69 3.17
N ASN A 762 10.56 15.57 3.64
CA ASN A 762 9.41 15.64 4.54
C ASN A 762 9.77 16.37 5.84
N GLY A 763 10.93 16.06 6.42
CA GLY A 763 11.33 16.74 7.63
C GLY A 763 11.48 18.23 7.44
N SER A 764 12.14 18.63 6.36
CA SER A 764 12.38 20.08 6.11
C SER A 764 11.06 20.80 5.85
N PHE A 765 10.14 20.15 5.13
CA PHE A 765 8.86 20.77 4.82
C PHE A 765 8.02 20.97 6.09
N PHE A 766 7.87 19.91 6.88
CA PHE A 766 7.08 20.05 8.11
C PHE A 766 7.73 20.99 9.11
N ALA A 767 9.05 20.93 9.25
CA ALA A 767 9.71 21.82 10.19
C ALA A 767 9.51 23.27 9.81
N SER A 768 9.62 23.59 8.52
CA SER A 768 9.40 24.97 8.09
C SER A 768 7.97 25.39 8.32
N VAL A 769 7.00 24.51 8.03
CA VAL A 769 5.60 24.85 8.25
C VAL A 769 5.34 25.16 9.72
N TYR A 770 5.83 24.28 10.60
CA TYR A 770 5.61 24.46 12.04
C TYR A 770 6.29 25.72 12.54
N SER A 771 7.53 25.94 12.14
CA SER A 771 8.27 27.10 12.63
C SER A 771 7.64 28.40 12.16
N PHE A 772 7.12 28.44 10.93
CA PHE A 772 6.45 29.64 10.48
C PHE A 772 5.12 29.83 11.20
N CYS A 773 4.40 28.74 11.47
CA CYS A 773 3.12 28.86 12.14
C CYS A 773 3.28 29.31 13.59
N HIS A 774 4.40 28.99 14.21
CA HIS A 774 4.63 29.35 15.61
C HIS A 774 5.74 30.38 15.77
N PHE A 775 5.79 31.36 14.88
CA PHE A 775 6.83 32.38 15.02
C PHE A 775 6.54 33.36 16.14
N TYR A 776 5.30 33.43 16.62
CA TYR A 776 4.96 34.38 17.67
C TYR A 776 5.62 33.99 18.99
N ARG A 777 6.14 32.77 19.08
CA ARG A 777 6.88 32.35 20.25
C ARG A 777 8.19 33.10 20.40
N VAL A 778 8.71 33.67 19.31
CA VAL A 778 9.98 34.38 19.36
C VAL A 778 9.88 35.59 20.27
N TRP A 779 8.70 36.21 20.32
CA TRP A 779 8.46 37.41 21.09
C TRP A 779 8.03 37.13 22.52
N SER A 780 7.98 35.86 22.93
CA SER A 780 7.75 35.47 24.30
C SER A 780 9.01 35.00 25.01
N SER A 781 10.11 34.85 24.27
CA SER A 781 11.36 34.39 24.83
C SER A 781 12.07 35.53 25.54
N GLY A 782 13.35 35.32 25.85
CA GLY A 782 14.14 36.27 26.60
C GLY A 782 15.13 37.10 25.82
N HIS A 783 15.19 36.91 24.51
CA HIS A 783 16.16 37.64 23.69
C HIS A 783 15.94 39.15 23.80
N ASN A 784 16.92 39.91 23.31
CA ASN A 784 16.72 41.34 23.20
C ASN A 784 15.90 41.65 21.95
N ILE A 785 15.52 42.92 21.81
CA ILE A 785 14.60 43.30 20.75
C ILE A 785 15.22 43.05 19.39
N GLY A 786 16.48 43.41 19.21
CA GLY A 786 17.13 43.21 17.93
C GLY A 786 17.20 41.74 17.52
N ARG A 787 17.47 40.86 18.49
CA ARG A 787 17.61 39.40 18.17
C ARG A 787 16.23 38.81 17.90
N LYS A 788 15.18 39.32 18.55
CA LYS A 788 13.83 38.89 18.21
C LYS A 788 13.45 39.32 16.80
N LEU A 789 13.80 40.55 16.42
CA LEU A 789 13.53 41.00 15.07
C LEU A 789 14.29 40.19 14.03
N LEU A 790 15.57 39.90 14.31
CA LEU A 790 16.35 39.09 13.40
C LEU A 790 15.76 37.71 13.22
N LEU A 791 15.33 37.08 14.32
CA LEU A 791 14.73 35.77 14.23
C LEU A 791 13.40 35.80 13.46
N THR A 792 12.59 36.83 13.66
CA THR A 792 11.36 36.95 12.89
C THR A 792 11.66 37.03 11.40
N VAL A 793 12.64 37.87 11.04
CA VAL A 793 13.02 38.01 9.63
C VAL A 793 13.51 36.68 9.08
N GLU A 794 14.32 35.95 9.85
CA GLU A 794 14.83 34.68 9.37
C GLU A 794 13.71 33.67 9.16
N PHE A 795 12.75 33.64 10.08
CA PHE A 795 11.62 32.71 9.93
C PHE A 795 10.84 33.04 8.66
N PHE A 796 10.61 34.32 8.41
CA PHE A 796 9.90 34.72 7.20
C PHE A 796 10.67 34.29 5.96
N TYR A 797 11.99 34.49 5.95
CA TYR A 797 12.78 34.12 4.78
C TYR A 797 12.82 32.62 4.58
N LEU A 798 12.87 31.85 5.67
CA LEU A 798 12.85 30.40 5.55
C LEU A 798 11.53 29.91 4.98
N PHE A 799 10.42 30.49 5.41
CA PHE A 799 9.14 30.09 4.82
C PHE A 799 9.05 30.55 3.37
N PHE A 800 9.67 31.67 3.02
CA PHE A 800 9.71 32.09 1.63
C PHE A 800 10.45 31.07 0.77
N ASN A 801 11.58 30.55 1.28
CA ASN A 801 12.28 29.49 0.55
C ASN A 801 11.44 28.24 0.44
N THR A 802 10.72 27.88 1.51
CA THR A 802 9.85 26.71 1.45
C THR A 802 8.74 26.90 0.42
N LEU A 803 8.19 28.11 0.36
CA LEU A 803 7.14 28.41 -0.62
C LEU A 803 7.67 28.31 -2.03
N ILE A 804 8.90 28.75 -2.26
CA ILE A 804 9.53 28.57 -3.58
C ILE A 804 9.68 27.08 -3.89
N SER A 805 10.15 26.30 -2.92
CA SER A 805 10.38 24.88 -3.18
C SER A 805 9.08 24.13 -3.40
N TRP A 806 7.97 24.63 -2.86
CA TRP A 806 6.68 23.98 -3.06
C TRP A 806 6.19 24.08 -4.50
N PHE A 807 6.50 25.16 -5.21
CA PHE A 807 6.01 25.40 -6.56
C PHE A 807 7.02 25.04 -7.63
N SER A 808 8.07 24.30 -7.27
CA SER A 808 9.09 23.96 -8.25
C SER A 808 8.56 23.03 -9.33
N LEU A 809 7.55 22.21 -8.99
CA LEU A 809 6.98 21.31 -9.97
C LEU A 809 6.38 22.06 -11.13
N SER A 810 5.67 23.15 -10.86
CA SER A 810 5.13 23.98 -11.94
C SER A 810 6.18 24.89 -12.54
N SER A 811 7.12 25.39 -11.72
CA SER A 811 8.10 26.34 -12.23
C SER A 811 8.99 25.69 -13.28
N PHE A 812 9.46 24.47 -13.03
CA PHE A 812 10.32 23.81 -14.00
C PHE A 812 9.60 23.57 -15.31
N PHE A 813 8.37 23.05 -15.24
CA PHE A 813 7.63 22.78 -16.47
C PHE A 813 7.33 24.06 -17.23
N LEU A 814 6.95 25.12 -16.52
CA LEU A 814 6.65 26.38 -17.19
C LEU A 814 7.87 26.92 -17.92
N VAL A 815 9.04 26.93 -17.25
CA VAL A 815 10.25 27.41 -17.89
C VAL A 815 10.58 26.56 -19.12
N PHE A 816 10.58 25.24 -18.94
CA PHE A 816 10.88 24.30 -20.05
C PHE A 816 9.94 24.51 -21.24
N ARG A 817 8.63 24.57 -21.01
CA ARG A 817 7.66 24.68 -22.09
C ARG A 817 7.74 26.02 -22.78
N ILE A 818 7.81 27.12 -22.02
CA ILE A 818 7.93 28.43 -22.63
C ILE A 818 9.19 28.50 -23.48
N LEU A 819 10.31 28.00 -22.97
CA LEU A 819 11.56 28.10 -23.72
C LEU A 819 11.50 27.30 -25.02
N THR A 820 11.05 26.05 -24.95
CA THR A 820 10.97 25.16 -26.15
C THR A 820 9.95 25.68 -27.18
N VAL A 821 8.82 26.26 -26.76
CA VAL A 821 7.88 26.80 -27.72
C VAL A 821 8.38 28.11 -28.30
N SER A 822 9.07 28.93 -27.50
CA SER A 822 9.60 30.19 -28.01
C SER A 822 10.65 29.96 -29.08
N ILE A 823 11.57 29.04 -28.84
CA ILE A 823 12.61 28.81 -29.85
C ILE A 823 11.99 28.19 -31.10
N ALA A 824 11.05 27.25 -30.93
CA ALA A 824 10.39 26.67 -32.10
C ALA A 824 9.65 27.72 -32.90
N LEU A 825 8.94 28.60 -32.23
CA LEU A 825 8.14 29.64 -32.87
C LEU A 825 8.99 30.70 -33.53
N ALA A 826 10.23 30.88 -33.07
CA ALA A 826 11.11 31.86 -33.67
C ALA A 826 11.92 31.32 -34.85
N TYR A 827 12.35 30.05 -34.80
CA TYR A 827 13.32 29.54 -35.76
C TYR A 827 12.83 28.42 -36.67
N HIS A 828 11.80 27.66 -36.28
CA HIS A 828 11.02 26.81 -37.17
C HIS A 828 11.77 25.62 -37.77
N SER A 829 13.08 25.51 -37.54
CA SER A 829 13.87 24.59 -38.36
C SER A 829 13.51 23.14 -38.08
N ALA A 830 13.81 22.68 -36.87
CA ALA A 830 13.42 21.34 -36.45
C ALA A 830 12.92 21.33 -35.02
N PHE A 831 12.71 22.50 -34.42
CA PHE A 831 12.34 22.60 -33.01
C PHE A 831 10.86 22.33 -32.76
N ASN A 832 10.03 22.31 -33.80
CA ASN A 832 8.61 21.98 -33.60
C ASN A 832 8.46 20.55 -33.13
N VAL A 833 9.06 19.61 -33.87
CA VAL A 833 8.96 18.21 -33.51
C VAL A 833 9.69 17.95 -32.19
N LEU A 834 10.80 18.64 -31.94
CA LEU A 834 11.47 18.48 -30.66
C LEU A 834 10.59 18.97 -29.52
N SER A 835 9.86 20.06 -29.72
CA SER A 835 8.96 20.55 -28.69
C SER A 835 7.90 19.51 -28.36
N VAL A 836 7.29 18.94 -29.40
CA VAL A 836 6.26 17.93 -29.16
C VAL A 836 6.84 16.70 -28.48
N ILE A 837 8.00 16.24 -28.97
CA ILE A 837 8.63 15.04 -28.42
C ILE A 837 8.97 15.22 -26.95
N PHE A 838 9.52 16.39 -26.61
CA PHE A 838 9.97 16.62 -25.21
C PHE A 838 8.75 16.82 -24.31
N LEU A 839 7.68 17.44 -24.81
CA LEU A 839 6.48 17.51 -24.01
C LEU A 839 5.94 16.13 -23.69
N TRP A 840 5.92 15.24 -24.67
CA TRP A 840 5.42 13.89 -24.42
C TRP A 840 6.35 13.10 -23.51
N LEU A 841 7.66 13.26 -23.65
CA LEU A 841 8.64 12.49 -22.82
C LEU A 841 8.47 12.88 -21.35
N TYR A 842 8.38 14.17 -21.06
CA TYR A 842 8.14 14.65 -19.68
C TYR A 842 6.86 14.04 -19.11
N GLY A 843 5.76 14.05 -19.86
CA GLY A 843 4.47 13.55 -19.37
C GLY A 843 4.49 12.06 -19.10
N ILE A 844 5.20 11.30 -19.92
CA ILE A 844 5.32 9.83 -19.75
C ILE A 844 6.23 9.52 -18.55
N CYS A 845 7.17 10.41 -18.24
CA CYS A 845 8.09 10.21 -17.08
C CYS A 845 7.48 10.81 -15.81
N THR A 846 6.66 11.87 -15.91
CA THR A 846 5.98 12.36 -14.72
C THR A 846 4.84 11.43 -14.30
N LEU A 847 4.03 10.98 -15.25
CA LEU A 847 2.94 10.07 -14.91
C LEU A 847 3.48 8.78 -14.30
N SER A 848 4.53 8.22 -14.92
CA SER A 848 5.09 6.98 -14.41
C SER A 848 5.70 7.19 -13.03
N THR A 849 6.35 8.33 -12.80
CA THR A 849 6.90 8.59 -11.47
C THR A 849 5.81 8.67 -10.42
N PHE A 850 4.71 9.37 -10.71
CA PHE A 850 3.60 9.39 -9.77
C PHE A 850 3.11 7.99 -9.47
N ILE A 851 2.86 7.19 -10.52
CA ILE A 851 2.25 5.89 -10.32
C ILE A 851 3.17 4.95 -9.54
N LEU A 852 4.45 4.94 -9.89
CA LEU A 852 5.38 4.04 -9.21
C LEU A 852 5.66 4.48 -7.79
N SER A 853 5.67 5.80 -7.52
CA SER A 853 5.87 6.26 -6.16
C SER A 853 4.65 5.97 -5.31
N LEU A 854 3.46 6.03 -5.89
CA LEU A 854 2.25 5.78 -5.12
C LEU A 854 2.04 4.29 -4.86
N GLY A 855 2.37 3.44 -5.83
CA GLY A 855 2.08 2.02 -5.71
C GLY A 855 3.25 1.10 -5.45
N ASN A 856 4.38 1.37 -6.09
CA ASN A 856 5.52 0.47 -6.08
C ASN A 856 6.57 0.93 -5.08
N LYS A 857 7.73 0.27 -5.12
CA LYS A 857 8.87 0.59 -4.28
C LYS A 857 10.10 0.80 -5.15
N PRO A 858 11.00 1.72 -4.75
CA PRO A 858 12.15 2.03 -5.62
C PRO A 858 13.06 0.86 -5.88
N LYS A 859 13.24 -0.03 -4.91
CA LYS A 859 14.14 -1.17 -5.11
C LYS A 859 13.63 -2.09 -6.22
N SER A 860 12.30 -2.20 -6.35
CA SER A 860 11.72 -3.11 -7.33
C SER A 860 12.04 -2.67 -8.75
N THR A 861 12.00 -1.37 -9.02
CA THR A 861 12.23 -0.83 -10.36
C THR A 861 13.34 0.23 -10.32
N GLU A 862 14.58 -0.24 -10.47
CA GLU A 862 15.73 0.65 -10.49
C GLU A 862 16.10 1.09 -11.89
N LYS A 863 15.96 0.18 -12.87
CA LYS A 863 16.29 0.52 -14.24
C LYS A 863 15.43 1.66 -14.75
N PHE A 864 14.13 1.66 -14.41
CA PHE A 864 13.27 2.73 -14.86
C PHE A 864 13.67 4.07 -14.24
N TYR A 865 14.03 4.08 -12.96
CA TYR A 865 14.44 5.34 -12.34
C TYR A 865 15.73 5.87 -12.97
N VAL A 866 16.66 4.97 -13.28
CA VAL A 866 17.86 5.40 -13.98
C VAL A 866 17.51 6.00 -15.35
N LEU A 867 16.59 5.34 -16.07
CA LEU A 867 16.18 5.85 -17.37
C LEU A 867 15.50 7.22 -17.25
N THR A 868 14.65 7.39 -16.25
CA THR A 868 13.98 8.67 -16.04
C THR A 868 14.98 9.77 -15.75
N CYS A 869 15.98 9.48 -14.91
CA CYS A 869 17.00 10.47 -14.61
C CYS A 869 17.80 10.83 -15.86
N VAL A 870 18.11 9.84 -16.70
CA VAL A 870 18.82 10.12 -17.95
C VAL A 870 17.98 11.01 -18.85
N ILE A 871 16.68 10.72 -18.96
CA ILE A 871 15.80 11.51 -19.82
C ILE A 871 15.72 12.95 -19.31
N PHE A 872 15.59 13.13 -18.00
CA PHE A 872 15.53 14.48 -17.45
C PHE A 872 16.85 15.22 -17.67
N ALA A 873 17.98 14.51 -17.57
CA ALA A 873 19.26 15.15 -17.87
C ALA A 873 19.34 15.60 -19.31
N VAL A 874 18.81 14.79 -20.23
CA VAL A 874 18.80 15.18 -21.64
C VAL A 874 17.90 16.40 -21.86
N MET A 875 16.75 16.43 -21.18
CA MET A 875 15.89 17.61 -21.27
C MET A 875 16.58 18.86 -20.74
N MET A 876 17.35 18.73 -19.65
CA MET A 876 18.09 19.88 -19.09
C MET A 876 19.16 20.32 -20.09
N ILE A 877 19.84 19.37 -20.75
CA ILE A 877 20.81 19.75 -21.77
C ILE A 877 20.12 20.53 -22.88
N TYR A 878 18.94 20.09 -23.29
CA TYR A 878 18.23 20.77 -24.36
C TYR A 878 17.79 22.17 -23.93
N MET A 879 17.35 22.31 -22.69
CA MET A 879 16.97 23.63 -22.18
C MET A 879 18.16 24.58 -22.17
N ILE A 880 19.31 24.09 -21.70
CA ILE A 880 20.53 24.91 -21.73
C ILE A 880 20.87 25.29 -23.16
N PHE A 881 20.76 24.34 -24.09
CA PHE A 881 21.06 24.66 -25.48
C PHE A 881 20.12 25.72 -26.02
N CYS A 882 18.82 25.62 -25.74
CA CYS A 882 17.88 26.62 -26.22
C CYS A 882 18.20 27.99 -25.67
N SER A 883 18.47 28.08 -24.37
CA SER A 883 18.81 29.37 -23.76
C SER A 883 20.05 29.96 -24.39
N ILE A 884 21.12 29.17 -24.48
CA ILE A 884 22.37 29.67 -25.05
C ILE A 884 22.16 30.09 -26.50
N PHE A 885 21.43 29.29 -27.27
CA PHE A 885 21.31 29.52 -28.71
C PHE A 885 20.51 30.80 -28.98
N MET A 886 19.40 30.98 -28.27
CA MET A 886 18.62 32.20 -28.45
C MET A 886 19.36 33.41 -27.92
N SER A 887 20.10 33.27 -26.82
CA SER A 887 20.87 34.39 -26.30
C SER A 887 21.97 34.80 -27.27
N VAL A 888 22.66 33.82 -27.87
CA VAL A 888 23.70 34.12 -28.84
C VAL A 888 23.12 34.80 -30.07
N LYS A 889 21.99 34.30 -30.56
CA LYS A 889 21.39 34.92 -31.72
C LYS A 889 20.89 36.32 -31.41
N SER A 890 20.38 36.55 -30.20
CA SER A 890 19.93 37.89 -29.83
C SER A 890 21.12 38.83 -29.67
N PHE A 891 22.25 38.33 -29.15
CA PHE A 891 23.45 39.15 -29.09
C PHE A 891 23.92 39.54 -30.48
N GLN A 892 23.88 38.58 -31.41
CA GLN A 892 24.26 38.86 -32.81
C GLN A 892 23.30 39.90 -33.39
N ASN A 893 22.00 39.77 -33.09
CA ASN A 893 21.00 40.67 -33.65
C ASN A 893 21.14 42.09 -33.10
N ILE A 894 21.42 42.21 -31.80
CA ILE A 894 21.62 43.54 -31.22
C ILE A 894 22.96 44.13 -31.64
N ASP A 913 18.20 38.70 -20.96
CA ASP A 913 18.13 38.80 -19.49
C ASP A 913 18.51 37.44 -18.90
N ILE A 914 18.13 36.36 -19.58
CA ILE A 914 18.46 34.99 -19.08
C ILE A 914 19.98 34.93 -18.92
N VAL A 915 20.72 35.40 -19.92
CA VAL A 915 22.21 35.43 -19.81
C VAL A 915 22.60 36.29 -18.61
N ILE A 916 21.91 37.43 -18.43
CA ILE A 916 22.27 38.37 -17.33
C ILE A 916 22.18 37.64 -15.99
N SER A 917 21.06 36.97 -15.72
CA SER A 917 20.87 36.29 -14.41
C SER A 917 21.79 35.07 -14.31
N LEU A 918 21.77 34.20 -15.31
CA LEU A 918 22.56 32.93 -15.24
C LEU A 918 24.01 33.25 -14.87
N GLY A 919 24.56 34.36 -15.38
CA GLY A 919 25.92 34.73 -15.05
C GLY A 919 26.05 35.29 -13.65
N SER A 920 25.06 36.07 -13.22
CA SER A 920 25.09 36.65 -11.87
C SER A 920 25.05 35.56 -10.81
N THR A 921 24.13 34.60 -10.94
CA THR A 921 24.04 33.56 -9.93
C THR A 921 25.26 32.65 -9.96
N TYR A 922 25.78 32.34 -11.15
CA TYR A 922 27.00 31.54 -11.22
C TYR A 922 28.17 32.25 -10.57
N CYS A 923 28.30 33.56 -10.81
CA CYS A 923 29.39 34.33 -10.21
C CYS A 923 29.23 34.45 -8.71
N LEU A 924 27.99 34.61 -8.22
CA LEU A 924 27.79 34.65 -6.78
C LEU A 924 28.15 33.32 -6.13
N TYR A 925 27.75 32.21 -6.75
CA TYR A 925 28.17 30.89 -6.29
C TYR A 925 29.69 30.79 -6.21
N LEU A 926 30.37 31.18 -7.30
CA LEU A 926 31.82 31.03 -7.36
C LEU A 926 32.52 31.95 -6.36
N ILE A 927 32.03 33.18 -6.19
CA ILE A 927 32.66 34.11 -5.26
C ILE A 927 32.46 33.63 -3.82
N SER A 928 31.28 33.10 -3.51
CA SER A 928 31.08 32.52 -2.19
C SER A 928 32.02 31.35 -1.96
N SER A 929 32.20 30.50 -2.98
CA SER A 929 33.13 29.38 -2.85
C SER A 929 34.56 29.87 -2.62
N ILE A 930 34.97 30.93 -3.33
CA ILE A 930 36.31 31.48 -3.16
C ILE A 930 36.48 32.04 -1.76
N ILE A 931 35.50 32.80 -1.28
CA ILE A 931 35.60 33.40 0.04
C ILE A 931 35.64 32.33 1.12
N TYR A 932 34.83 31.28 0.96
CA TYR A 932 34.86 30.16 1.88
C TYR A 932 36.15 29.34 1.75
N LEU A 933 36.97 29.61 0.74
CA LEU A 933 38.29 29.00 0.58
C LEU A 933 38.20 27.50 0.29
N GLN A 934 37.10 27.06 -0.30
CA GLN A 934 36.93 25.67 -0.75
C GLN A 934 36.38 25.67 -2.16
N PRO A 935 37.20 26.00 -3.15
CA PRO A 935 36.70 26.28 -4.51
C PRO A 935 36.80 25.13 -5.51
N TRP A 936 37.35 23.97 -5.14
CA TRP A 936 37.57 22.90 -6.12
C TRP A 936 36.27 22.25 -6.59
N HIS A 937 35.27 22.17 -5.71
CA HIS A 937 33.97 21.65 -6.08
C HIS A 937 33.33 22.46 -7.20
N MET A 938 33.74 23.71 -7.38
CA MET A 938 33.08 24.58 -8.36
C MET A 938 33.34 24.14 -9.78
N LEU A 939 34.29 23.21 -9.99
CA LEU A 939 34.55 22.68 -11.32
C LEU A 939 34.59 21.15 -11.30
N THR A 940 35.06 20.57 -10.19
CA THR A 940 35.25 19.12 -10.17
C THR A 940 33.92 18.37 -10.27
N SER A 941 32.91 18.79 -9.50
CA SER A 941 31.67 18.05 -9.37
C SER A 941 30.47 18.94 -9.62
N PHE A 942 30.59 19.91 -10.54
CA PHE A 942 29.54 20.90 -10.73
C PHE A 942 28.58 20.52 -11.86
N ILE A 943 29.12 20.01 -12.97
CA ILE A 943 28.28 19.73 -14.13
C ILE A 943 27.24 18.68 -13.81
N GLN A 944 27.64 17.66 -13.05
CA GLN A 944 26.72 16.54 -12.72
C GLN A 944 25.56 17.06 -11.86
N TYR A 945 25.79 18.11 -11.06
CA TYR A 945 24.70 18.70 -10.25
C TYR A 945 23.68 19.37 -11.17
N ILE A 946 24.15 20.02 -12.25
CA ILE A 946 23.24 20.74 -13.19
C ILE A 946 22.43 19.70 -13.98
N LEU A 947 23.01 18.55 -14.30
CA LEU A 947 22.31 17.54 -15.14
C LEU A 947 21.34 16.71 -14.29
N LEU A 948 21.66 16.47 -13.02
CA LEU A 948 20.77 15.67 -12.12
C LEU A 948 19.92 16.63 -11.28
N SER A 949 19.80 17.89 -11.68
CA SER A 949 18.97 18.87 -10.95
C SER A 949 17.49 18.75 -11.33
N PRO A 950 17.13 18.48 -12.61
CA PRO A 950 15.72 18.28 -12.95
C PRO A 950 15.16 17.03 -12.25
N SER A 951 16.00 16.04 -11.97
CA SER A 951 15.58 14.79 -11.29
C SER A 951 15.49 15.02 -9.78
N TYR A 952 16.05 16.11 -9.28
CA TYR A 952 15.92 16.44 -7.84
C TYR A 952 14.62 17.21 -7.64
N ILE A 953 14.07 17.78 -8.71
CA ILE A 953 12.82 18.58 -8.64
C ILE A 953 11.64 17.74 -9.11
N ASN A 954 11.89 16.70 -9.92
CA ASN A 954 10.77 15.95 -10.52
C ASN A 954 10.82 14.47 -10.15
N VAL A 955 11.73 14.05 -9.28
CA VAL A 955 11.72 12.67 -8.82
C VAL A 955 11.81 12.58 -7.30
N LEU A 956 12.75 13.28 -6.68
CA LEU A 956 12.85 13.25 -5.23
C LEU A 956 11.64 13.90 -4.59
N ASN A 957 11.17 15.02 -5.15
CA ASN A 957 10.00 15.70 -4.59
C ASN A 957 8.75 14.86 -4.73
N ILE A 958 8.57 14.23 -5.90
CA ILE A 958 7.36 13.43 -6.14
C ILE A 958 7.31 12.25 -5.17
N TYR A 959 8.43 11.53 -5.04
CA TYR A 959 8.47 10.41 -4.11
C TYR A 959 8.32 10.86 -2.67
N ALA A 960 8.92 12.01 -2.32
CA ALA A 960 8.79 12.50 -0.95
C ALA A 960 7.36 12.84 -0.61
N PHE A 961 6.63 13.48 -1.53
CA PHE A 961 5.25 13.84 -1.25
C PHE A 961 4.31 12.65 -1.34
N CYS A 962 4.62 11.65 -2.17
CA CYS A 962 3.74 10.50 -2.30
C CYS A 962 3.94 9.49 -1.19
N ASN A 963 4.93 9.67 -0.33
CA ASN A 963 5.25 8.76 0.77
C ASN A 963 5.47 9.54 2.05
N VAL A 964 4.56 10.48 2.33
CA VAL A 964 4.72 11.34 3.53
C VAL A 964 4.93 10.45 4.75
N HIS A 965 3.92 9.64 5.11
CA HIS A 965 4.06 8.70 6.24
C HIS A 965 4.22 7.29 5.69
N ASP A 966 4.86 6.38 6.43
CA ASP A 966 4.96 4.97 6.00
C ASP A 966 3.70 4.25 6.52
N LEU A 967 2.68 4.09 5.67
CA LEU A 967 1.40 3.47 6.11
C LEU A 967 1.47 1.95 5.96
N SER A 968 1.54 1.23 7.09
CA SER A 968 1.51 -0.26 7.04
C SER A 968 0.12 -0.72 7.48
N TRP A 969 -0.77 -0.98 6.52
CA TRP A 969 -2.15 -1.29 6.90
C TRP A 969 -2.23 -2.55 7.75
N ASN A 977 -9.41 -22.05 19.32
CA ASN A 977 -9.53 -22.89 20.54
C ASN A 977 -9.02 -24.30 20.26
N PRO A 978 -7.70 -24.50 20.04
CA PRO A 978 -7.15 -25.81 19.71
C PRO A 978 -7.39 -26.79 20.87
N LEU A 979 -7.79 -28.03 20.56
CA LEU A 979 -8.08 -29.03 21.61
C LEU A 979 -8.20 -30.42 21.00
N GLY A 980 -8.34 -31.46 21.83
CA GLY A 980 -8.52 -32.84 21.33
C GLY A 980 -7.36 -33.30 20.48
N LYS A 981 -6.13 -33.25 21.00
CA LYS A 981 -4.96 -33.78 20.25
C LYS A 981 -4.90 -35.30 20.47
N ILE A 982 -5.98 -36.02 20.12
CA ILE A 982 -6.03 -37.49 20.35
C ILE A 982 -5.12 -38.19 19.34
N ASN A 983 -4.00 -38.74 19.81
CA ASN A 983 -3.07 -39.48 18.91
C ASN A 983 -2.63 -40.77 19.62
N THR A 984 -3.57 -41.70 19.84
CA THR A 984 -3.26 -42.98 20.54
C THR A 984 -2.67 -43.98 19.54
N THR A 985 -1.35 -44.25 19.65
CA THR A 985 -0.68 -45.19 18.72
C THR A 985 -1.28 -46.59 18.90
N GLU A 986 -1.61 -46.98 20.14
CA GLU A 986 -2.16 -48.34 20.41
C GLU A 986 -3.69 -48.28 20.31
N ASP A 987 -4.23 -47.19 19.74
CA ASP A 987 -5.71 -47.04 19.63
C ASP A 987 -6.33 -47.09 21.03
N GLY A 988 -5.65 -46.50 22.02
CA GLY A 988 -6.17 -46.50 23.41
C GLY A 988 -7.42 -45.67 23.54
N THR A 989 -8.42 -46.17 24.28
CA THR A 989 -9.69 -45.44 24.49
C THR A 989 -9.52 -44.47 25.68
N PHE A 990 -8.93 -43.30 25.43
CA PHE A 990 -8.68 -42.33 26.54
C PHE A 990 -10.00 -42.02 27.25
N LYS A 991 -11.03 -41.63 26.50
CA LYS A 991 -12.37 -41.38 27.10
C LYS A 991 -12.99 -42.72 27.49
N MET A 992 -12.90 -43.71 26.62
CA MET A 992 -13.49 -45.06 26.90
C MET A 992 -14.95 -44.87 27.34
N GLU A 993 -15.33 -45.50 28.47
CA GLU A 993 -16.72 -45.39 28.97
C GLU A 993 -17.00 -43.94 29.39
N VAL A 994 -15.98 -43.21 29.84
CA VAL A 994 -16.17 -41.80 30.30
C VAL A 994 -16.61 -40.96 29.10
N LEU A 995 -17.13 -39.74 29.37
CA LEU A 995 -17.60 -38.84 28.29
C LEU A 995 -18.70 -39.55 27.48
N VAL A 996 -19.71 -40.09 28.17
CA VAL A 996 -20.82 -40.82 27.48
C VAL A 996 -22.15 -40.45 28.14
N SER A 997 -22.25 -39.25 28.72
CA SER A 997 -23.51 -38.79 29.35
C SER A 997 -24.60 -38.58 28.29
N SER A 998 -25.86 -38.42 28.73
CA SER A 998 -26.99 -38.21 27.78
C SER A 998 -27.66 -36.86 28.07
N SER A 999 -27.53 -36.36 29.31
CA SER A 999 -28.11 -35.04 29.67
C SER A 999 -27.38 -33.93 28.91
N GLU A 1000 -26.06 -34.07 28.74
CA GLU A 1000 -25.27 -33.06 27.99
C GLU A 1000 -25.78 -32.98 26.54
N ILE A 1001 -26.21 -34.13 25.99
CA ILE A 1001 -26.70 -34.16 24.59
C ILE A 1001 -27.84 -33.16 24.45
N GLN A 1002 -28.65 -32.98 25.51
CA GLN A 1002 -29.77 -32.01 25.47
C GLN A 1002 -29.26 -30.60 25.78
N ALA A 1003 -28.24 -30.49 26.64
CA ALA A 1003 -27.73 -29.16 27.05
C ALA A 1003 -27.29 -28.36 25.82
N ASN A 1004 -26.42 -28.94 24.99
CA ASN A 1004 -25.89 -28.20 23.81
C ASN A 1004 -27.07 -27.78 22.92
N TYR A 1005 -28.01 -28.69 22.69
CA TYR A 1005 -29.16 -28.37 21.79
C TYR A 1005 -29.92 -27.18 22.37
N ASP A 1006 -30.21 -27.21 23.67
CA ASP A 1006 -30.99 -26.11 24.31
C ASP A 1006 -30.22 -24.80 24.16
N LYS A 1007 -28.92 -24.80 24.46
CA LYS A 1007 -28.11 -23.55 24.37
C LYS A 1007 -28.08 -23.07 22.92
N TYR A 1008 -27.84 -23.98 21.97
CA TYR A 1008 -27.78 -23.60 20.54
C TYR A 1008 -29.12 -23.00 20.11
N LEU A 1009 -30.22 -23.62 20.55
CA LEU A 1009 -31.58 -23.10 20.21
C LEU A 1009 -31.74 -21.69 20.79
N LYS A 1010 -31.22 -21.46 22.01
CA LYS A 1010 -31.32 -20.14 22.66
C LYS A 1010 -30.59 -19.10 21.78
N VAL A 1011 -29.44 -19.47 21.22
CA VAL A 1011 -28.70 -18.55 20.31
C VAL A 1011 -29.58 -18.25 19.10
N LEU A 1012 -30.29 -19.27 18.60
CA LEU A 1012 -31.16 -19.10 17.40
C LEU A 1012 -32.49 -18.48 17.81
N ASN A 1013 -32.70 -18.27 19.12
CA ASN A 1013 -33.97 -17.69 19.61
C ASN A 1013 -34.15 -16.31 19.00
N GLU A 1025 -15.97 0.02 16.22
CA GLU A 1025 -14.77 0.50 15.53
C GLU A 1025 -13.54 -0.30 15.95
N PRO A 1026 -12.68 -0.63 14.99
CA PRO A 1026 -11.45 -1.37 15.33
C PRO A 1026 -10.48 -0.57 16.15
N SER A 1027 -9.31 -1.15 16.44
CA SER A 1027 -8.40 -0.63 17.44
C SER A 1027 -7.82 0.72 17.03
N TYR A 1028 -7.04 1.29 17.95
CA TYR A 1028 -6.43 2.60 17.78
C TYR A 1028 -5.44 2.61 16.61
N ASP A 1029 -4.77 1.49 16.37
CA ASP A 1029 -3.77 1.44 15.31
C ASP A 1029 -4.39 1.70 13.94
N GLU A 1030 -5.50 1.01 13.64
CA GLU A 1030 -6.11 1.22 12.33
C GLU A 1030 -6.65 2.65 12.18
N LYS A 1031 -7.10 3.25 13.29
CA LYS A 1031 -7.56 4.62 13.24
C LYS A 1031 -6.42 5.59 12.95
N LYS A 1032 -5.27 5.41 13.61
CA LYS A 1032 -4.12 6.26 13.33
C LYS A 1032 -3.61 6.07 11.91
N THR A 1033 -3.63 4.82 11.42
CA THR A 1033 -3.22 4.55 10.04
C THR A 1033 -4.14 5.23 9.03
N GLY A 1034 -5.45 5.18 9.28
CA GLY A 1034 -6.37 5.89 8.41
C GLY A 1034 -6.14 7.38 8.39
N TYR A 1035 -5.90 7.97 9.58
CA TYR A 1035 -5.61 9.39 9.63
C TYR A 1035 -4.36 9.73 8.84
N TYR A 1036 -3.31 8.93 8.99
CA TYR A 1036 -2.06 9.21 8.30
C TYR A 1036 -2.24 9.11 6.78
N ALA A 1037 -2.99 8.11 6.33
CA ALA A 1037 -3.23 7.98 4.89
C ALA A 1037 -4.03 9.16 4.36
N ASN A 1038 -5.04 9.61 5.11
CA ASN A 1038 -5.81 10.77 4.69
C ASN A 1038 -4.94 12.00 4.58
N VAL A 1039 -4.08 12.21 5.56
CA VAL A 1039 -3.19 13.38 5.51
C VAL A 1039 -2.29 13.30 4.28
N ARG A 1040 -1.75 12.11 3.99
CA ARG A 1040 -0.81 11.93 2.84
C ARG A 1040 -1.52 12.20 1.52
N SER A 1041 -2.78 11.77 1.39
CA SER A 1041 -3.50 11.94 0.14
C SER A 1041 -4.16 13.31 0.01
N LEU A 1042 -4.31 14.04 1.11
CA LEU A 1042 -4.74 15.42 0.98
C LEU A 1042 -3.57 16.32 0.61
N VAL A 1043 -2.39 16.06 1.18
CA VAL A 1043 -1.22 16.86 0.82
C VAL A 1043 -0.89 16.70 -0.65
N ILE A 1044 -0.91 15.45 -1.15
CA ILE A 1044 -0.57 15.24 -2.56
C ILE A 1044 -1.53 15.99 -3.47
N ILE A 1045 -2.83 15.88 -3.19
CA ILE A 1045 -3.85 16.49 -4.05
C ILE A 1045 -3.69 18.00 -4.06
N PHE A 1046 -3.49 18.60 -2.88
CA PHE A 1046 -3.34 20.05 -2.85
C PHE A 1046 -2.09 20.49 -3.59
N TRP A 1047 -1.00 19.74 -3.46
CA TRP A 1047 0.23 20.08 -4.19
C TRP A 1047 -0.02 20.11 -5.69
N VAL A 1048 -0.59 19.03 -6.22
CA VAL A 1048 -0.81 18.94 -7.67
C VAL A 1048 -1.78 20.02 -8.13
N ILE A 1049 -2.86 20.23 -7.38
CA ILE A 1049 -3.87 21.20 -7.79
C ILE A 1049 -3.27 22.61 -7.85
N THR A 1050 -2.51 23.01 -6.82
CA THR A 1050 -1.98 24.37 -6.82
C THR A 1050 -0.96 24.58 -7.91
N ASN A 1051 -0.09 23.59 -8.14
CA ASN A 1051 0.88 23.73 -9.23
C ASN A 1051 0.18 23.84 -10.58
N PHE A 1052 -0.87 23.04 -10.79
CA PHE A 1052 -1.60 23.18 -12.05
C PHE A 1052 -2.36 24.49 -12.12
N ILE A 1053 -2.82 25.04 -10.99
CA ILE A 1053 -3.44 26.36 -11.03
C ILE A 1053 -2.47 27.38 -11.59
N ILE A 1054 -1.23 27.35 -11.10
CA ILE A 1054 -0.21 28.27 -11.61
C ILE A 1054 0.00 28.06 -13.11
N VAL A 1055 0.12 26.79 -13.52
CA VAL A 1055 0.40 26.50 -14.93
C VAL A 1055 -0.74 26.96 -15.83
N ALA A 1056 -1.98 26.67 -15.42
CA ALA A 1056 -3.14 27.03 -16.23
C ALA A 1056 -3.37 28.53 -16.26
N VAL A 1057 -3.01 29.25 -15.20
CA VAL A 1057 -3.12 30.70 -15.25
C VAL A 1057 -2.09 31.28 -16.20
N VAL A 1058 -0.86 30.74 -16.21
CA VAL A 1058 0.19 31.33 -17.04
C VAL A 1058 0.02 30.94 -18.50
N LEU A 1059 0.02 29.63 -18.79
CA LEU A 1059 -0.04 29.15 -20.17
C LEU A 1059 -1.44 29.18 -20.76
N GLU A 1060 -2.46 29.53 -19.96
CA GLU A 1060 -3.84 29.54 -20.40
C GLU A 1060 -4.30 28.15 -20.86
N THR A 1061 -3.93 27.15 -20.08
CA THR A 1061 -4.36 25.78 -20.31
C THR A 1061 -5.66 25.58 -19.50
N GLY A 1062 -6.15 24.35 -19.40
CA GLY A 1062 -7.33 24.11 -18.60
C GLY A 1062 -8.60 24.70 -19.15
N GLY A 1063 -8.65 24.98 -20.45
CA GLY A 1063 -9.84 25.54 -21.05
C GLY A 1063 -10.02 27.02 -20.84
N ILE A 1064 -9.04 27.71 -20.26
CA ILE A 1064 -9.18 29.15 -20.06
C ILE A 1064 -9.07 29.89 -21.38
N ALA A 1065 -8.14 29.48 -22.24
CA ALA A 1065 -8.00 30.13 -23.55
C ALA A 1065 -9.24 29.92 -24.39
N ASP A 1066 -9.81 28.71 -24.33
CA ASP A 1066 -11.09 28.45 -24.99
C ASP A 1066 -12.17 29.39 -24.47
N TYR A 1067 -12.21 29.60 -23.16
CA TYR A 1067 -13.22 30.47 -22.57
C TYR A 1067 -13.06 31.91 -23.04
N ILE A 1068 -11.82 32.40 -23.08
CA ILE A 1068 -11.58 33.77 -23.54
C ILE A 1068 -11.96 33.92 -25.00
N ALA A 1069 -11.64 32.91 -25.81
CA ALA A 1069 -12.05 32.94 -27.22
C ALA A 1069 -13.56 32.98 -27.36
N MET A 1070 -14.26 32.19 -26.54
CA MET A 1070 -15.71 32.19 -26.59
C MET A 1070 -16.29 33.54 -26.18
N LYS A 1071 -15.72 34.15 -25.15
CA LYS A 1071 -16.18 35.50 -24.75
C LYS A 1071 -15.97 36.45 -25.93
N SER A 1072 -14.80 36.39 -26.59
CA SER A 1072 -14.52 37.29 -27.71
C SER A 1072 -15.50 37.08 -28.85
N ILE A 1073 -15.89 35.82 -29.08
CA ILE A 1073 -16.94 35.55 -30.07
C ILE A 1073 -18.26 36.15 -29.61
N SER A 1074 -18.53 36.12 -28.30
CA SER A 1074 -19.80 36.65 -27.79
C SER A 1074 -19.94 38.14 -28.07
N ALA A 1085 -13.33 34.01 -33.11
CA ALA A 1085 -11.92 34.10 -32.78
C ALA A 1085 -11.37 32.74 -32.40
N GLU A 1086 -10.09 32.70 -32.01
CA GLU A 1086 -9.44 31.44 -31.70
C GLU A 1086 -8.15 31.71 -30.94
N ILE A 1087 -7.55 30.63 -30.45
CA ILE A 1087 -6.52 30.71 -29.40
C ILE A 1087 -5.19 31.11 -30.04
N PRO A 1088 -4.51 32.13 -29.52
CA PRO A 1088 -3.13 32.39 -29.96
C PRO A 1088 -2.14 31.42 -29.34
N LEU A 1089 -0.95 31.36 -29.94
CA LEU A 1089 0.07 30.40 -29.52
C LEU A 1089 0.69 30.77 -28.18
N MET A 1090 1.04 32.04 -28.00
CA MET A 1090 1.66 32.49 -26.76
C MET A 1090 1.22 33.90 -26.44
N THR A 1091 1.30 34.25 -25.16
CA THR A 1091 0.85 35.53 -24.64
C THR A 1091 2.00 36.22 -23.90
N SER A 1092 1.70 37.39 -23.35
CA SER A 1092 2.67 38.13 -22.56
C SER A 1092 2.77 37.61 -21.14
N LYS A 1093 1.79 36.82 -20.68
CA LYS A 1093 1.89 36.20 -19.38
C LYS A 1093 3.13 35.33 -19.29
N ALA A 1094 3.48 34.67 -20.39
CA ALA A 1094 4.67 33.83 -20.41
C ALA A 1094 5.92 34.67 -20.15
N SER A 1095 6.04 35.82 -20.82
CA SER A 1095 7.17 36.69 -20.59
C SER A 1095 7.21 37.21 -19.16
N ILE A 1096 6.06 37.63 -18.63
CA ILE A 1096 6.03 38.18 -17.28
C ILE A 1096 6.46 37.12 -16.27
N TYR A 1097 5.90 35.92 -16.37
CA TYR A 1097 6.29 34.83 -15.47
C TYR A 1097 7.77 34.48 -15.61
N PHE A 1098 8.25 34.45 -16.86
CA PHE A 1098 9.66 34.04 -17.09
C PHE A 1098 10.59 35.06 -16.42
N ASN A 1099 10.24 36.35 -16.48
CA ASN A 1099 11.05 37.35 -15.80
C ASN A 1099 10.95 37.22 -14.28
N VAL A 1100 9.74 36.97 -13.77
CA VAL A 1100 9.55 36.89 -12.33
C VAL A 1100 10.38 35.76 -11.74
N ILE A 1101 10.42 34.62 -12.42
CA ILE A 1101 11.17 33.48 -11.88
C ILE A 1101 12.66 33.80 -11.74
N LEU A 1102 13.26 34.36 -12.80
CA LEU A 1102 14.69 34.65 -12.72
C LEU A 1102 14.98 35.76 -11.73
N TRP A 1103 14.05 36.72 -11.58
CA TRP A 1103 14.21 37.71 -10.53
C TRP A 1103 14.23 37.06 -9.15
N LEU A 1104 13.33 36.10 -8.91
CA LEU A 1104 13.34 35.39 -7.63
C LEU A 1104 14.65 34.64 -7.41
N VAL A 1105 15.14 33.97 -8.45
CA VAL A 1105 16.39 33.23 -8.33
C VAL A 1105 17.54 34.17 -8.00
N ALA A 1106 17.61 35.31 -8.71
CA ALA A 1106 18.67 36.28 -8.45
C ALA A 1106 18.58 36.83 -7.04
N LEU A 1107 17.37 37.10 -6.56
CA LEU A 1107 17.22 37.59 -5.20
C LEU A 1107 17.70 36.58 -4.18
N SER A 1108 17.35 35.30 -4.37
CA SER A 1108 17.81 34.27 -3.44
C SER A 1108 19.32 34.16 -3.43
N ALA A 1109 19.94 34.15 -4.61
CA ALA A 1109 21.39 34.06 -4.68
C ALA A 1109 22.05 35.25 -4.01
N LEU A 1110 21.51 36.45 -4.23
CA LEU A 1110 22.07 37.64 -3.61
C LEU A 1110 21.98 37.56 -2.09
N ILE A 1111 20.83 37.13 -1.56
CA ILE A 1111 20.67 37.06 -0.11
C ILE A 1111 21.68 36.08 0.49
N ARG A 1112 21.81 34.91 -0.13
CA ARG A 1112 22.72 33.91 0.45
C ARG A 1112 24.18 34.34 0.31
N PHE A 1113 24.53 35.03 -0.77
CA PHE A 1113 25.88 35.55 -0.90
C PHE A 1113 26.19 36.59 0.17
N ILE A 1114 25.24 37.49 0.45
CA ILE A 1114 25.46 38.50 1.48
C ILE A 1114 25.61 37.83 2.84
N GLY A 1115 24.77 36.82 3.12
CA GLY A 1115 24.89 36.12 4.38
C GLY A 1115 26.25 35.46 4.57
N CYS A 1116 26.73 34.76 3.54
CA CYS A 1116 28.05 34.13 3.63
C CYS A 1116 29.15 35.16 3.83
N SER A 1117 29.08 36.28 3.11
CA SER A 1117 30.11 37.31 3.25
C SER A 1117 30.13 37.86 4.68
N ILE A 1118 28.96 38.12 5.25
CA ILE A 1118 28.91 38.63 6.61
C ILE A 1118 29.49 37.60 7.58
N TYR A 1119 29.17 36.33 7.37
CA TYR A 1119 29.69 35.28 8.24
C TYR A 1119 31.21 35.27 8.23
N MET A 1120 31.82 35.25 7.05
CA MET A 1120 33.28 35.18 6.98
C MET A 1120 33.93 36.45 7.55
N ILE A 1121 33.36 37.62 7.26
CA ILE A 1121 33.94 38.86 7.79
C ILE A 1121 33.90 38.87 9.31
N VAL A 1122 32.75 38.52 9.90
CA VAL A 1122 32.64 38.53 11.35
C VAL A 1122 33.60 37.52 11.97
N ARG A 1123 33.68 36.31 11.40
CA ARG A 1123 34.58 35.31 11.96
C ARG A 1123 36.03 35.77 11.90
N PHE A 1124 36.43 36.37 10.77
CA PHE A 1124 37.79 36.87 10.67
C PHE A 1124 38.09 37.96 11.70
N PHE A 1125 37.18 38.91 11.86
CA PHE A 1125 37.43 39.97 12.83
C PHE A 1125 37.52 39.42 14.25
N LYS A 1126 36.63 38.49 14.60
CA LYS A 1126 36.67 37.92 15.95
C LYS A 1126 37.95 37.12 16.16
N LYS A 1127 38.40 36.38 15.16
CA LYS A 1127 39.66 35.64 15.28
C LYS A 1127 40.85 36.58 15.43
N TRP B 381 -12.01 -46.42 13.68
CA TRP B 381 -12.65 -47.14 12.59
C TRP B 381 -11.89 -46.91 11.30
N ASN B 382 -11.27 -47.97 10.78
CA ASN B 382 -10.52 -47.93 9.52
C ASN B 382 -9.35 -46.95 9.59
N GLY B 383 -8.92 -46.59 10.79
CA GLY B 383 -7.82 -45.67 10.96
C GLY B 383 -8.19 -44.20 10.94
N ASN B 384 -9.47 -43.87 11.06
CA ASN B 384 -9.94 -42.48 11.06
C ASN B 384 -10.86 -42.28 12.25
N PHE B 385 -10.89 -41.05 12.77
CA PHE B 385 -11.75 -40.74 13.90
C PHE B 385 -13.20 -40.60 13.45
N VAL B 386 -14.10 -41.32 14.11
CA VAL B 386 -15.54 -41.26 13.82
C VAL B 386 -16.29 -41.22 15.16
N PHE B 387 -17.57 -40.86 15.08
CA PHE B 387 -18.43 -40.83 16.25
C PHE B 387 -19.88 -40.70 15.82
N ASP B 388 -20.77 -41.47 16.44
CA ASP B 388 -22.20 -41.46 16.13
C ASP B 388 -22.97 -41.13 17.41
N SER B 389 -23.14 -39.86 17.69
CA SER B 389 -23.81 -39.50 18.93
C SER B 389 -25.25 -39.08 18.67
N PRO B 390 -26.22 -39.83 19.21
CA PRO B 390 -27.63 -39.59 18.87
C PRO B 390 -27.93 -38.10 19.02
N ILE B 391 -28.84 -37.60 18.19
CA ILE B 391 -29.18 -36.16 18.21
C ILE B 391 -29.93 -35.88 19.51
N SER B 392 -30.21 -34.60 19.80
CA SER B 392 -30.87 -34.19 21.06
C SER B 392 -32.17 -34.98 21.27
N LYS B 393 -32.47 -35.36 22.51
CA LYS B 393 -33.76 -36.05 22.77
C LYS B 393 -34.88 -35.21 22.18
N THR B 394 -34.82 -33.88 22.35
CA THR B 394 -35.84 -32.96 21.76
C THR B 394 -35.98 -33.20 20.26
N LEU B 395 -34.89 -33.01 19.51
CA LEU B 395 -34.90 -33.26 18.04
C LEU B 395 -35.47 -34.66 17.78
N LEU B 396 -34.85 -35.69 18.36
CA LEU B 396 -35.30 -37.08 18.13
C LEU B 396 -36.78 -37.20 18.47
N ASP B 397 -37.25 -36.44 19.45
CA ASP B 397 -38.67 -36.50 19.88
C ASP B 397 -39.57 -36.15 18.68
N GLN B 398 -39.30 -35.01 18.03
CA GLN B 398 -40.15 -34.55 16.89
C GLN B 398 -39.88 -35.44 15.67
N TYR B 399 -38.62 -35.86 15.46
CA TYR B 399 -38.31 -36.65 14.24
C TYR B 399 -39.27 -37.84 14.19
N ALA B 400 -39.42 -38.52 15.34
CA ALA B 400 -40.37 -39.65 15.41
C ALA B 400 -41.80 -39.12 15.27
N THR B 401 -42.08 -37.95 15.83
CA THR B 401 -43.43 -37.32 15.72
C THR B 401 -44.50 -38.37 16.07
N LEU B 409 -37.58 -46.40 14.43
CA LEU B 409 -37.08 -45.41 13.48
C LEU B 409 -35.81 -45.90 12.79
N PRO B 410 -35.75 -45.75 11.46
CA PRO B 410 -34.53 -46.11 10.73
C PRO B 410 -33.28 -45.41 11.24
N ASN B 411 -32.12 -45.98 10.91
CA ASN B 411 -30.91 -45.70 11.68
C ASN B 411 -30.37 -44.31 11.40
N GLU B 412 -30.34 -43.90 10.13
CA GLU B 412 -29.67 -42.66 9.77
C GLU B 412 -30.36 -41.40 10.30
N PHE B 413 -31.66 -41.47 10.62
CA PHE B 413 -32.33 -40.31 11.19
C PHE B 413 -31.91 -40.09 12.63
N LYS B 414 -31.39 -41.12 13.29
CA LYS B 414 -31.31 -41.12 14.75
C LYS B 414 -29.92 -40.81 15.26
N PHE B 415 -28.88 -40.98 14.45
CA PHE B 415 -27.51 -40.69 14.83
C PHE B 415 -26.96 -39.55 13.98
N MET B 416 -26.06 -38.77 14.56
CA MET B 416 -25.33 -37.74 13.81
C MET B 416 -23.88 -38.14 13.83
N ARG B 417 -23.29 -38.28 12.65
CA ARG B 417 -21.96 -38.82 12.50
C ARG B 417 -20.93 -37.72 12.31
N TYR B 418 -19.80 -37.88 13.00
CA TYR B 418 -18.69 -36.90 12.87
C TYR B 418 -17.50 -37.62 12.22
N GLN B 419 -16.66 -36.87 11.53
CA GLN B 419 -15.52 -37.41 10.81
C GLN B 419 -14.44 -36.35 10.74
N ALA B 420 -13.22 -36.74 11.11
CA ALA B 420 -12.07 -35.83 11.13
C ALA B 420 -11.25 -36.06 9.86
N VAL B 421 -11.42 -35.19 8.88
CA VAL B 421 -10.73 -35.32 7.60
C VAL B 421 -9.37 -34.66 7.72
N THR B 422 -8.31 -35.47 7.67
CA THR B 422 -6.95 -34.98 7.86
C THR B 422 -6.10 -35.09 6.60
N CYS B 423 -6.70 -35.30 5.44
CA CYS B 423 -5.97 -35.47 4.19
C CYS B 423 -6.21 -34.29 3.25
N GLU B 424 -5.66 -34.40 2.05
CA GLU B 424 -5.90 -33.42 1.01
C GLU B 424 -7.23 -33.72 0.31
N PRO B 425 -7.84 -32.72 -0.31
CA PRO B 425 -9.11 -32.97 -1.02
C PRO B 425 -9.01 -34.04 -2.09
N ASN B 426 -7.87 -34.15 -2.77
CA ASN B 426 -7.69 -35.11 -3.84
C ASN B 426 -7.24 -36.49 -3.35
N GLN B 427 -7.50 -36.81 -2.08
CA GLN B 427 -7.08 -38.09 -1.49
C GLN B 427 -8.18 -38.74 -0.67
N LEU B 428 -9.42 -38.26 -0.80
CA LEU B 428 -10.48 -38.77 0.07
C LEU B 428 -10.74 -40.25 -0.13
N ALA B 429 -10.69 -40.73 -1.37
CA ALA B 429 -11.03 -42.12 -1.64
C ALA B 429 -9.91 -43.06 -1.20
N GLU B 430 -8.65 -42.68 -1.44
CA GLU B 430 -7.54 -43.58 -1.13
C GLU B 430 -7.24 -43.63 0.36
N LYS B 431 -7.63 -42.60 1.09
CA LYS B 431 -7.44 -42.55 2.54
C LYS B 431 -8.43 -43.37 3.32
N ASN B 432 -9.33 -44.09 2.63
CA ASN B 432 -10.41 -44.85 3.26
C ASN B 432 -11.32 -43.94 4.06
N PHE B 433 -11.70 -42.82 3.45
CA PHE B 433 -12.75 -41.95 3.96
C PHE B 433 -14.00 -42.16 3.11
N THR B 434 -15.14 -42.27 3.77
CA THR B 434 -16.41 -42.51 3.10
C THR B 434 -17.48 -41.61 3.71
N VAL B 435 -18.66 -41.64 3.08
CA VAL B 435 -19.81 -40.89 3.52
C VAL B 435 -20.97 -41.87 3.66
N ARG B 436 -21.95 -41.53 4.49
CA ARG B 436 -23.02 -42.52 4.80
C ARG B 436 -23.71 -43.00 3.51
N GLN B 437 -23.76 -42.16 2.48
CA GLN B 437 -24.47 -42.58 1.26
C GLN B 437 -23.94 -43.90 0.72
N LEU B 438 -22.71 -44.27 1.07
CA LEU B 438 -22.05 -45.44 0.52
C LEU B 438 -22.00 -46.62 1.48
N LYS B 439 -22.72 -46.57 2.60
CA LYS B 439 -22.60 -47.61 3.62
C LYS B 439 -23.84 -48.47 3.80
N TYR B 440 -24.99 -48.05 3.31
CA TYR B 440 -26.19 -48.84 3.52
C TYR B 440 -26.08 -50.17 2.77
N LEU B 441 -27.08 -51.02 2.97
CA LEU B 441 -27.08 -52.32 2.29
C LEU B 441 -27.04 -52.14 0.78
N THR B 442 -27.82 -51.21 0.26
CA THR B 442 -27.73 -50.81 -1.13
C THR B 442 -27.15 -49.41 -1.20
N PRO B 443 -25.99 -49.21 -1.82
CA PRO B 443 -25.42 -47.86 -1.91
C PRO B 443 -26.35 -46.91 -2.66
N ARG B 444 -26.33 -45.66 -2.24
CA ARG B 444 -27.23 -44.66 -2.81
C ARG B 444 -26.56 -43.95 -3.98
N GLU B 445 -27.14 -44.07 -5.16
CA GLU B 445 -26.64 -43.37 -6.34
C GLU B 445 -27.26 -41.98 -6.35
N THR B 446 -26.45 -40.96 -6.07
CA THR B 446 -26.93 -39.60 -6.03
C THR B 446 -27.09 -39.02 -7.43
N GLU B 447 -28.11 -38.20 -7.61
CA GLU B 447 -28.46 -37.58 -8.88
C GLU B 447 -28.13 -36.10 -8.93
N LEU B 448 -28.02 -35.44 -7.78
CA LEU B 448 -27.86 -34.01 -7.72
C LEU B 448 -27.17 -33.67 -6.41
N MET B 449 -26.04 -32.95 -6.50
CA MET B 449 -25.28 -32.56 -5.29
C MET B 449 -25.33 -31.04 -5.14
N LEU B 450 -26.04 -30.54 -4.13
CA LEU B 450 -26.20 -29.07 -3.94
C LEU B 450 -25.12 -28.57 -2.97
N VAL B 451 -24.07 -27.92 -3.50
CA VAL B 451 -22.97 -27.41 -2.64
C VAL B 451 -23.28 -25.96 -2.26
N VAL B 452 -23.53 -25.70 -0.97
CA VAL B 452 -23.81 -24.31 -0.49
C VAL B 452 -22.59 -23.82 0.29
N THR B 453 -21.96 -22.73 -0.17
CA THR B 453 -20.75 -22.19 0.51
C THR B 453 -21.18 -21.28 1.65
N MET B 454 -20.96 -21.70 2.90
CA MET B 454 -21.40 -20.90 4.07
C MET B 454 -20.67 -19.55 4.04
N TYR B 455 -21.41 -18.46 4.21
CA TYR B 455 -20.80 -17.10 4.14
C TYR B 455 -20.22 -16.73 5.51
N ASN B 456 -20.26 -17.63 6.48
CA ASN B 456 -19.81 -17.25 7.85
C ASN B 456 -20.56 -15.95 8.18
N GLU B 457 -21.84 -15.89 7.83
CA GLU B 457 -22.63 -14.63 8.03
C GLU B 457 -23.90 -14.92 8.84
N ASP B 458 -24.78 -13.92 8.95
CA ASP B 458 -26.02 -14.08 9.77
C ASP B 458 -26.82 -15.30 9.31
N HIS B 459 -27.49 -15.97 10.25
CA HIS B 459 -28.29 -17.17 9.91
C HIS B 459 -29.38 -16.81 8.89
N ILE B 460 -29.75 -15.53 8.80
CA ILE B 460 -30.84 -15.15 7.90
C ILE B 460 -30.51 -15.57 6.47
N LEU B 461 -29.30 -15.25 5.99
CA LEU B 461 -28.93 -15.57 4.62
C LEU B 461 -28.90 -17.07 4.40
N LEU B 462 -28.23 -17.80 5.29
CA LEU B 462 -28.16 -19.25 5.18
C LEU B 462 -29.53 -19.88 5.32
N GLY B 463 -30.37 -19.36 6.21
CA GLY B 463 -31.72 -19.87 6.31
C GLY B 463 -32.49 -19.66 5.03
N ARG B 464 -32.25 -18.51 4.38
CA ARG B 464 -32.92 -18.21 3.10
C ARG B 464 -32.53 -19.26 2.08
N THR B 465 -31.23 -19.51 1.94
CA THR B 465 -30.74 -20.51 0.99
C THR B 465 -31.30 -21.88 1.29
N LEU B 466 -31.27 -22.28 2.56
CA LEU B 466 -31.75 -23.60 2.94
C LEU B 466 -33.25 -23.75 2.71
N LYS B 467 -34.01 -22.68 2.94
CA LYS B 467 -35.45 -22.73 2.69
C LYS B 467 -35.73 -22.89 1.21
N GLY B 468 -34.98 -22.19 0.37
CA GLY B 468 -35.11 -22.39 -1.07
C GLY B 468 -34.84 -23.84 -1.46
N ILE B 469 -33.77 -24.41 -0.92
CA ILE B 469 -33.40 -25.79 -1.26
C ILE B 469 -34.48 -26.77 -0.81
N MET B 470 -34.99 -26.61 0.42
CA MET B 470 -36.00 -27.53 0.91
C MET B 470 -37.31 -27.39 0.14
N ASP B 471 -37.67 -26.18 -0.27
CA ASP B 471 -38.85 -26.02 -1.11
C ASP B 471 -38.68 -26.74 -2.44
N ASN B 472 -37.49 -26.62 -3.04
CA ASN B 472 -37.23 -27.32 -4.29
C ASN B 472 -37.34 -28.84 -4.10
N VAL B 473 -36.75 -29.35 -3.02
CA VAL B 473 -36.79 -30.79 -2.77
C VAL B 473 -38.22 -31.27 -2.57
N LYS B 474 -39.03 -30.49 -1.86
CA LYS B 474 -40.42 -30.88 -1.69
C LYS B 474 -41.14 -30.92 -3.03
N TYR B 475 -40.88 -29.92 -3.89
CA TYR B 475 -41.48 -29.95 -5.22
C TYR B 475 -41.05 -31.19 -5.99
N MET B 476 -39.78 -31.55 -5.91
CA MET B 476 -39.25 -32.67 -6.66
C MET B 476 -39.69 -34.03 -6.10
N VAL B 477 -40.08 -34.09 -4.84
CA VAL B 477 -40.61 -35.36 -4.33
C VAL B 477 -42.11 -35.46 -4.55
N LYS B 478 -42.81 -34.33 -4.71
CA LYS B 478 -44.24 -34.42 -5.00
C LYS B 478 -44.54 -34.62 -6.48
N LYS B 479 -43.53 -34.64 -7.35
CA LYS B 479 -43.77 -34.78 -8.78
C LYS B 479 -44.32 -36.17 -9.09
N LYS B 480 -45.29 -36.23 -10.02
CA LYS B 480 -46.03 -37.45 -10.30
C LYS B 480 -45.51 -38.21 -11.52
N ASN B 481 -45.53 -37.57 -12.69
CA ASN B 481 -45.22 -38.25 -13.95
C ASN B 481 -43.76 -37.97 -14.27
N SER B 482 -42.87 -38.69 -13.61
CA SER B 482 -41.43 -38.50 -13.83
C SER B 482 -40.70 -39.81 -13.56
N SER B 483 -39.74 -40.12 -14.41
CA SER B 483 -38.95 -41.33 -14.24
C SER B 483 -37.90 -41.17 -13.15
N THR B 484 -37.30 -39.99 -12.99
CA THR B 484 -36.20 -39.82 -12.00
C THR B 484 -36.74 -39.44 -10.62
N TRP B 485 -37.32 -38.25 -10.51
CA TRP B 485 -37.85 -37.74 -9.22
C TRP B 485 -39.13 -38.50 -8.83
N GLY B 486 -39.39 -38.64 -7.54
CA GLY B 486 -40.57 -39.39 -7.07
C GLY B 486 -40.68 -39.31 -5.56
N PRO B 487 -41.39 -40.22 -4.88
CA PRO B 487 -41.58 -40.12 -3.43
C PRO B 487 -40.29 -40.42 -2.66
N ASP B 488 -39.26 -40.93 -3.34
CA ASP B 488 -37.97 -41.30 -2.69
C ASP B 488 -36.81 -40.55 -3.34
N ALA B 489 -37.08 -39.44 -4.04
CA ALA B 489 -36.00 -38.62 -4.62
C ALA B 489 -35.26 -37.91 -3.49
N TRP B 490 -35.89 -37.75 -2.33
CA TRP B 490 -35.14 -37.18 -1.19
C TRP B 490 -33.87 -38.00 -1.01
N LYS B 491 -33.82 -39.20 -1.62
CA LYS B 491 -32.65 -40.04 -1.43
C LYS B 491 -31.56 -39.74 -2.46
N LYS B 492 -31.91 -39.08 -3.56
CA LYS B 492 -30.98 -38.84 -4.65
C LYS B 492 -30.38 -37.45 -4.63
N ILE B 493 -30.67 -36.65 -3.61
CA ILE B 493 -30.21 -35.28 -3.52
C ILE B 493 -29.42 -35.11 -2.24
N VAL B 494 -28.24 -34.52 -2.34
CA VAL B 494 -27.36 -34.30 -1.20
C VAL B 494 -27.04 -32.82 -1.12
N VAL B 495 -27.21 -32.24 0.06
CA VAL B 495 -26.87 -30.85 0.31
C VAL B 495 -25.52 -30.83 1.00
N CYS B 496 -24.59 -30.07 0.44
CA CYS B 496 -23.24 -29.96 0.98
C CYS B 496 -22.98 -28.49 1.33
N ILE B 497 -22.69 -28.24 2.60
CA ILE B 497 -22.50 -26.89 3.12
C ILE B 497 -21.03 -26.77 3.48
N ILE B 498 -20.23 -26.19 2.60
CA ILE B 498 -18.79 -26.07 2.83
C ILE B 498 -18.56 -24.74 3.52
N SER B 499 -18.56 -24.76 4.86
CA SER B 499 -18.21 -23.54 5.62
C SER B 499 -16.68 -23.42 5.69
N ASP B 500 -16.13 -22.21 5.53
CA ASP B 500 -14.65 -22.07 5.48
C ASP B 500 -14.10 -21.68 6.86
N GLY B 501 -14.69 -20.67 7.50
CA GLY B 501 -14.15 -20.19 8.80
C GLY B 501 -14.70 -20.96 9.98
N ARG B 502 -13.90 -21.86 10.55
CA ARG B 502 -14.34 -22.59 11.77
C ARG B 502 -14.57 -21.57 12.88
N SER B 503 -13.79 -20.49 12.89
CA SER B 503 -13.95 -19.41 13.90
C SER B 503 -14.77 -18.26 13.30
N LYS B 504 -14.66 -18.05 11.98
CA LYS B 504 -15.37 -16.93 11.31
C LYS B 504 -16.87 -17.24 11.26
N ILE B 505 -17.24 -18.52 11.26
CA ILE B 505 -18.68 -18.91 11.14
C ILE B 505 -19.49 -18.14 12.19
N ASN B 506 -20.66 -17.62 11.79
CA ASN B 506 -21.54 -16.91 12.75
C ASN B 506 -22.11 -17.92 13.76
N GLU B 507 -22.19 -17.52 15.04
CA GLU B 507 -22.75 -18.42 16.08
C GLU B 507 -24.20 -18.77 15.72
N ARG B 508 -24.93 -17.81 15.15
CA ARG B 508 -26.36 -18.04 14.78
C ARG B 508 -26.45 -19.21 13.79
N SER B 509 -25.49 -19.30 12.86
CA SER B 509 -25.51 -20.38 11.85
C SER B 509 -25.40 -21.74 12.54
N LEU B 510 -24.40 -21.90 13.43
CA LEU B 510 -24.22 -23.18 14.17
C LEU B 510 -25.46 -23.45 15.01
N ALA B 511 -26.03 -22.40 15.62
CA ALA B 511 -27.26 -22.55 16.44
C ALA B 511 -28.38 -23.09 15.56
N LEU B 512 -28.55 -22.53 14.36
CA LEU B 512 -29.61 -23.01 13.42
C LEU B 512 -29.26 -24.42 12.95
N LEU B 513 -28.03 -24.63 12.48
CA LEU B 513 -27.59 -25.97 12.00
C LEU B 513 -27.86 -26.99 13.11
N SER B 514 -27.57 -26.62 14.36
CA SER B 514 -27.82 -27.53 15.51
C SER B 514 -29.32 -27.83 15.60
N SER B 515 -30.15 -26.81 15.44
CA SER B 515 -31.62 -27.03 15.45
C SER B 515 -31.97 -28.11 14.44
N LEU B 516 -31.35 -28.08 13.27
CA LEU B 516 -31.61 -29.10 12.21
C LEU B 516 -31.01 -30.44 12.64
N GLY B 517 -29.99 -30.42 13.51
CA GLY B 517 -29.41 -31.67 14.03
C GLY B 517 -28.17 -32.12 13.27
N CYS B 518 -27.64 -31.28 12.39
CA CYS B 518 -26.48 -31.67 11.56
C CYS B 518 -25.18 -31.19 12.22
N TYR B 519 -25.26 -30.67 13.45
CA TYR B 519 -24.07 -30.22 14.14
C TYR B 519 -24.33 -30.21 15.64
N GLN B 520 -23.30 -30.51 16.41
CA GLN B 520 -23.36 -30.33 17.86
C GLN B 520 -21.93 -30.26 18.39
N ASP B 521 -21.72 -29.40 19.38
CA ASP B 521 -20.39 -29.08 19.85
C ASP B 521 -19.88 -30.17 20.78
N GLY B 522 -18.56 -30.19 20.95
CA GLY B 522 -17.95 -31.05 21.96
C GLY B 522 -16.89 -32.01 21.49
N PHE B 523 -17.11 -32.63 20.32
CA PHE B 523 -16.16 -33.65 19.81
C PHE B 523 -15.48 -33.18 18.53
N ALA B 524 -14.61 -32.18 18.62
CA ALA B 524 -13.85 -31.72 17.43
C ALA B 524 -12.35 -31.79 17.75
N LYS B 525 -11.66 -32.82 17.25
CA LYS B 525 -10.22 -32.99 17.56
C LYS B 525 -9.38 -32.16 16.60
N ASP B 526 -8.70 -31.14 17.09
CA ASP B 526 -7.90 -30.24 16.22
C ASP B 526 -6.57 -30.93 15.85
N GLU B 527 -6.33 -32.12 16.39
CA GLU B 527 -5.07 -32.84 16.11
C GLU B 527 -5.27 -34.34 16.36
N ILE B 528 -4.81 -35.19 15.44
CA ILE B 528 -4.91 -36.67 15.61
C ILE B 528 -3.69 -37.30 14.95
N ASN B 529 -3.11 -38.34 15.58
CA ASN B 529 -1.92 -39.03 15.01
C ASN B 529 -0.82 -37.99 14.74
N GLU B 530 -0.76 -36.94 15.55
CA GLU B 530 0.26 -35.87 15.36
C GLU B 530 0.09 -35.24 13.98
N LYS B 531 -1.15 -35.21 13.47
CA LYS B 531 -1.43 -34.62 12.13
C LYS B 531 -2.65 -33.71 12.24
N LYS B 532 -2.58 -32.51 11.66
CA LYS B 532 -3.67 -31.52 11.80
C LYS B 532 -4.86 -31.93 10.93
N VAL B 533 -6.04 -32.11 11.53
CA VAL B 533 -7.24 -32.42 10.77
C VAL B 533 -7.60 -31.24 9.89
N ALA B 534 -7.82 -31.50 8.61
CA ALA B 534 -8.04 -30.43 7.64
C ALA B 534 -9.44 -29.83 7.73
N MET B 535 -10.46 -30.64 7.99
CA MET B 535 -11.80 -30.12 8.13
C MET B 535 -12.62 -31.15 8.89
N HIS B 536 -13.76 -30.66 9.41
CA HIS B 536 -14.69 -31.53 10.15
C HIS B 536 -15.93 -31.80 9.32
N VAL B 537 -16.34 -33.06 9.21
CA VAL B 537 -17.51 -33.45 8.43
C VAL B 537 -18.56 -34.00 9.38
N TYR B 538 -19.72 -33.35 9.42
CA TYR B 538 -20.87 -33.81 10.19
C TYR B 538 -21.95 -34.21 9.20
N GLU B 539 -22.58 -35.36 9.44
CA GLU B 539 -23.56 -35.88 8.50
C GLU B 539 -24.82 -36.26 9.26
N HIS B 540 -25.94 -35.65 8.89
CA HIS B 540 -27.23 -36.02 9.45
C HIS B 540 -28.27 -35.93 8.34
N THR B 541 -29.37 -36.65 8.53
CA THR B 541 -30.52 -36.61 7.62
C THR B 541 -31.71 -36.09 8.42
N THR B 542 -31.89 -34.78 8.45
CA THR B 542 -32.91 -34.16 9.29
C THR B 542 -34.28 -34.22 8.63
N MET B 543 -35.32 -34.36 9.47
CA MET B 543 -36.69 -34.40 8.98
C MET B 543 -37.44 -33.09 9.15
N ILE B 544 -36.74 -32.05 9.55
CA ILE B 544 -37.38 -30.73 9.80
C ILE B 544 -37.10 -29.80 8.64
N ASN B 545 -38.01 -28.86 8.37
CA ASN B 545 -37.84 -27.92 7.29
C ASN B 545 -38.17 -26.52 7.79
N ILE B 546 -37.53 -25.52 7.20
CA ILE B 546 -37.89 -24.13 7.44
C ILE B 546 -39.09 -23.77 6.58
N THR B 547 -40.15 -23.26 7.22
CA THR B 547 -41.38 -22.95 6.51
C THR B 547 -41.71 -21.47 6.46
N ASN B 548 -41.14 -20.66 7.34
CA ASN B 548 -41.32 -19.22 7.26
C ASN B 548 -40.06 -18.53 7.75
N ILE B 549 -39.67 -17.47 7.06
CA ILE B 549 -38.54 -16.66 7.49
C ILE B 549 -38.98 -15.21 7.55
N SER B 550 -39.30 -14.73 8.74
CA SER B 550 -39.62 -13.32 8.93
C SER B 550 -38.31 -12.54 8.95
N GLU B 551 -38.39 -11.26 9.31
CA GLU B 551 -37.18 -10.45 9.33
C GLU B 551 -36.25 -10.85 10.47
N SER B 552 -36.74 -11.60 11.44
CA SER B 552 -35.95 -11.92 12.62
C SER B 552 -35.99 -13.38 13.05
N GLU B 553 -36.86 -14.21 12.47
CA GLU B 553 -36.98 -15.60 12.88
C GLU B 553 -37.12 -16.51 11.67
N VAL B 554 -36.76 -17.78 11.89
CA VAL B 554 -36.98 -18.87 10.95
C VAL B 554 -37.89 -19.90 11.62
N SER B 555 -38.96 -20.29 10.92
CA SER B 555 -39.97 -21.17 11.50
C SER B 555 -39.66 -22.60 11.11
N LEU B 556 -39.31 -23.42 12.10
CA LEU B 556 -38.94 -24.81 11.87
C LEU B 556 -40.05 -25.71 12.39
N GLU B 557 -40.53 -26.60 11.52
CA GLU B 557 -41.63 -27.48 11.90
C GLU B 557 -41.39 -28.86 11.34
N CYS B 558 -42.01 -29.86 11.97
CA CYS B 558 -41.89 -31.25 11.58
C CYS B 558 -43.29 -31.86 11.56
N ASN B 559 -43.89 -31.89 10.37
CA ASN B 559 -45.24 -32.40 10.22
C ASN B 559 -45.24 -33.61 9.29
N GLN B 560 -46.41 -34.09 8.89
CA GLN B 560 -46.51 -35.11 7.86
C GLN B 560 -46.14 -34.57 6.49
N GLY B 561 -46.00 -33.25 6.33
CA GLY B 561 -45.70 -32.68 5.04
C GLY B 561 -44.23 -32.36 4.82
N THR B 562 -43.44 -32.38 5.89
CA THR B 562 -42.01 -32.14 5.75
C THR B 562 -41.34 -33.33 5.07
N VAL B 563 -40.20 -33.05 4.44
CA VAL B 563 -39.42 -34.07 3.73
C VAL B 563 -38.05 -34.16 4.38
N PRO B 564 -37.48 -35.35 4.52
CA PRO B 564 -36.11 -35.45 5.01
C PRO B 564 -35.15 -34.85 4.01
N ILE B 565 -34.06 -34.31 4.52
CA ILE B 565 -33.00 -33.75 3.69
C ILE B 565 -31.67 -34.30 4.18
N GLN B 566 -30.79 -34.66 3.25
CA GLN B 566 -29.50 -35.27 3.60
C GLN B 566 -28.46 -34.17 3.70
N LEU B 567 -28.32 -33.62 4.89
CA LEU B 567 -27.32 -32.60 5.10
C LEU B 567 -25.93 -33.23 5.19
N LEU B 568 -24.93 -32.41 4.89
CA LEU B 568 -23.52 -32.82 4.98
C LEU B 568 -22.74 -31.53 5.24
N PHE B 569 -22.41 -31.31 6.50
CA PHE B 569 -21.82 -30.04 6.94
C PHE B 569 -20.31 -30.19 6.93
N CYS B 570 -19.66 -29.61 5.92
CA CYS B 570 -18.22 -29.49 5.91
C CYS B 570 -17.81 -28.20 6.61
N LEU B 571 -16.70 -28.25 7.33
CA LEU B 571 -16.27 -27.11 8.13
C LEU B 571 -14.76 -27.03 8.14
N LYS B 572 -14.20 -26.24 7.24
CA LYS B 572 -12.77 -25.98 7.27
C LYS B 572 -12.41 -25.20 8.52
N GLU B 573 -11.15 -25.33 8.94
CA GLU B 573 -10.69 -24.73 10.19
C GLU B 573 -9.88 -23.47 10.01
N GLN B 574 -9.36 -23.21 8.82
CA GLN B 574 -8.56 -22.02 8.57
C GLN B 574 -8.99 -21.37 7.28
N ASN B 575 -8.81 -20.05 7.20
CA ASN B 575 -9.39 -19.25 6.12
C ASN B 575 -8.62 -19.47 4.83
N GLN B 576 -9.06 -20.48 4.09
CA GLN B 576 -8.67 -20.66 2.70
C GLN B 576 -9.80 -20.15 1.81
N LYS B 577 -9.46 -19.71 0.61
CA LYS B 577 -10.40 -18.93 -0.19
C LYS B 577 -11.45 -19.83 -0.83
N LYS B 578 -12.32 -19.22 -1.64
CA LYS B 578 -13.46 -19.93 -2.21
C LYS B 578 -13.01 -21.03 -3.18
N ILE B 579 -11.89 -20.82 -3.87
CA ILE B 579 -11.42 -21.83 -4.80
C ILE B 579 -11.08 -23.12 -4.08
N ASN B 580 -10.62 -23.02 -2.83
CA ASN B 580 -10.35 -24.23 -2.06
C ASN B 580 -11.64 -24.90 -1.61
N SER B 581 -12.69 -24.12 -1.34
CA SER B 581 -13.99 -24.71 -1.07
C SER B 581 -14.49 -25.49 -2.28
N HIS B 582 -14.32 -24.92 -3.47
CA HIS B 582 -14.69 -25.64 -4.69
C HIS B 582 -13.81 -26.86 -4.89
N ARG B 583 -12.55 -26.79 -4.48
CA ARG B 583 -11.67 -27.95 -4.59
C ARG B 583 -12.14 -29.09 -3.70
N TRP B 584 -12.58 -28.77 -2.49
CA TRP B 584 -13.18 -29.78 -1.63
C TRP B 584 -14.47 -30.33 -2.25
N ALA B 585 -15.30 -29.45 -2.82
CA ALA B 585 -16.56 -29.89 -3.39
C ALA B 585 -16.38 -30.81 -4.57
N PHE B 586 -15.42 -30.51 -5.45
CA PHE B 586 -15.26 -31.21 -6.72
C PHE B 586 -14.27 -32.37 -6.65
N GLU B 587 -13.07 -32.11 -6.12
CA GLU B 587 -12.06 -33.15 -6.03
C GLU B 587 -12.26 -34.05 -4.81
N GLY B 588 -13.12 -33.65 -3.87
CA GLY B 588 -13.31 -34.39 -2.65
C GLY B 588 -14.58 -35.22 -2.66
N PHE B 589 -15.63 -34.67 -2.06
CA PHE B 589 -16.85 -35.44 -1.84
C PHE B 589 -17.55 -35.83 -3.14
N ALA B 590 -17.36 -35.04 -4.20
CA ALA B 590 -17.96 -35.41 -5.48
C ALA B 590 -17.31 -36.65 -6.05
N GLU B 591 -16.04 -36.90 -5.71
CA GLU B 591 -15.36 -38.11 -6.14
C GLU B 591 -15.90 -39.35 -5.45
N LEU B 592 -16.40 -39.22 -4.22
CA LEU B 592 -17.00 -40.34 -3.51
C LEU B 592 -18.45 -40.55 -3.91
N LEU B 593 -19.23 -39.47 -3.95
CA LEU B 593 -20.66 -39.59 -4.24
C LEU B 593 -20.93 -39.92 -5.70
N ARG B 594 -20.13 -39.37 -6.62
CA ARG B 594 -20.34 -39.54 -8.05
C ARG B 594 -21.71 -39.04 -8.50
N PRO B 595 -21.98 -37.75 -8.40
CA PRO B 595 -23.28 -37.22 -8.83
C PRO B 595 -23.37 -37.12 -10.34
N ASN B 596 -24.60 -36.91 -10.81
CA ASN B 596 -24.80 -36.60 -12.21
C ASN B 596 -24.61 -35.11 -12.48
N ILE B 597 -25.18 -34.26 -11.64
CA ILE B 597 -25.11 -32.80 -11.77
C ILE B 597 -24.54 -32.25 -10.47
N VAL B 598 -23.71 -31.22 -10.57
CA VAL B 598 -23.13 -30.55 -9.41
C VAL B 598 -23.56 -29.09 -9.47
N THR B 599 -24.36 -28.67 -8.49
CA THR B 599 -24.91 -27.32 -8.46
C THR B 599 -24.18 -26.49 -7.42
N LEU B 600 -23.77 -25.30 -7.80
CA LEU B 600 -23.04 -24.39 -6.93
C LEU B 600 -23.96 -23.25 -6.49
N LEU B 601 -24.13 -23.11 -5.19
CA LEU B 601 -24.88 -22.03 -4.58
C LEU B 601 -23.95 -21.24 -3.66
N ASP B 602 -24.44 -20.09 -3.22
CA ASP B 602 -23.76 -19.30 -2.20
C ASP B 602 -24.70 -19.09 -1.03
N ALA B 603 -24.15 -18.59 0.07
CA ALA B 603 -25.00 -18.22 1.19
C ALA B 603 -25.67 -16.88 0.90
N GLY B 604 -26.99 -16.86 1.00
CA GLY B 604 -27.76 -15.67 0.73
C GLY B 604 -28.43 -15.64 -0.63
N THR B 605 -28.24 -16.67 -1.45
CA THR B 605 -28.89 -16.75 -2.75
C THR B 605 -30.09 -17.68 -2.64
N MET B 606 -31.29 -17.13 -2.82
CA MET B 606 -32.51 -17.91 -2.66
C MET B 606 -32.96 -18.44 -4.00
N PRO B 607 -32.86 -19.74 -4.27
CA PRO B 607 -33.48 -20.28 -5.48
C PRO B 607 -35.00 -20.22 -5.39
N GLY B 608 -35.63 -20.18 -6.54
CA GLY B 608 -37.08 -20.12 -6.57
C GLY B 608 -37.73 -21.39 -6.06
N LYS B 609 -39.06 -21.36 -6.01
CA LYS B 609 -39.82 -22.54 -5.61
C LYS B 609 -39.62 -23.71 -6.56
N ASP B 610 -39.11 -23.44 -7.77
CA ASP B 610 -39.08 -24.42 -8.84
C ASP B 610 -37.80 -24.32 -9.65
N SER B 611 -36.82 -23.55 -9.16
CA SER B 611 -35.66 -23.20 -9.98
C SER B 611 -34.70 -24.37 -10.16
N ILE B 612 -34.43 -25.12 -9.10
CA ILE B 612 -33.43 -26.19 -9.20
C ILE B 612 -33.93 -27.29 -10.12
N TYR B 613 -35.23 -27.59 -10.09
CA TYR B 613 -35.77 -28.59 -11.00
C TYR B 613 -35.66 -28.12 -12.45
N GLN B 614 -35.93 -26.84 -12.70
CA GLN B 614 -35.86 -26.32 -14.07
C GLN B 614 -34.42 -26.28 -14.56
N LEU B 615 -33.47 -26.08 -13.66
CA LEU B 615 -32.06 -26.16 -14.03
C LEU B 615 -31.64 -27.60 -14.29
N TRP B 616 -32.19 -28.54 -13.52
CA TRP B 616 -31.88 -29.94 -13.75
C TRP B 616 -32.43 -30.41 -15.09
N ARG B 617 -33.61 -29.93 -15.48
CA ARG B 617 -34.19 -30.35 -16.75
C ARG B 617 -33.35 -29.92 -17.95
N GLU B 618 -32.46 -28.96 -17.79
CA GLU B 618 -31.65 -28.52 -18.92
C GLU B 618 -30.62 -29.56 -19.34
N PHE B 619 -30.34 -30.53 -18.49
CA PHE B 619 -29.30 -31.51 -18.77
C PHE B 619 -29.85 -32.76 -19.44
N ARG B 620 -31.13 -32.75 -19.83
CA ARG B 620 -31.68 -33.82 -20.64
C ARG B 620 -30.92 -33.97 -21.95
N ASN B 621 -30.59 -32.86 -22.59
CA ASN B 621 -29.80 -32.90 -23.80
C ASN B 621 -28.40 -33.38 -23.45
N PRO B 622 -27.95 -34.52 -23.97
CA PRO B 622 -26.63 -35.04 -23.58
C PRO B 622 -25.47 -34.13 -23.93
N ASN B 623 -25.69 -33.13 -24.79
CA ASN B 623 -24.61 -32.24 -25.19
C ASN B 623 -24.38 -31.13 -24.17
N VAL B 624 -25.30 -30.92 -23.24
CA VAL B 624 -25.17 -29.80 -22.31
C VAL B 624 -24.15 -30.15 -21.23
N GLY B 625 -23.18 -29.28 -21.02
CA GLY B 625 -22.14 -29.52 -20.05
C GLY B 625 -22.19 -28.57 -18.88
N GLY B 626 -23.05 -27.55 -18.98
CA GLY B 626 -23.23 -26.61 -17.90
C GLY B 626 -24.50 -25.81 -18.12
N ALA B 627 -24.87 -25.04 -17.11
CA ALA B 627 -26.08 -24.23 -17.21
C ALA B 627 -26.10 -23.20 -16.09
N CYS B 628 -26.91 -22.17 -16.27
CA CYS B 628 -27.12 -21.15 -15.24
C CYS B 628 -28.54 -20.63 -15.35
N GLY B 629 -28.90 -19.73 -14.44
CA GLY B 629 -30.23 -19.18 -14.39
C GLY B 629 -30.21 -17.66 -14.22
N GLU B 630 -31.41 -17.10 -14.23
CA GLU B 630 -31.57 -15.66 -14.04
C GLU B 630 -31.26 -15.27 -12.60
N ILE B 631 -30.72 -14.07 -12.44
CA ILE B 631 -30.49 -13.47 -11.12
C ILE B 631 -31.41 -12.27 -10.99
N ARG B 632 -32.15 -12.22 -9.88
CA ARG B 632 -33.03 -11.12 -9.57
C ARG B 632 -32.57 -10.43 -8.30
N THR B 633 -32.56 -9.11 -8.31
CA THR B 633 -32.39 -8.36 -7.07
C THR B 633 -33.69 -8.35 -6.29
N ASP B 634 -33.63 -8.79 -5.04
CA ASP B 634 -34.83 -8.80 -4.22
C ASP B 634 -34.97 -7.43 -3.57
N LEU B 635 -36.18 -6.89 -3.62
CA LEU B 635 -36.42 -5.49 -3.30
C LEU B 635 -36.97 -5.29 -1.90
N GLY B 636 -37.14 -6.37 -1.13
CA GLY B 636 -37.65 -6.26 0.22
C GLY B 636 -39.17 -6.17 0.25
N LYS B 637 -39.66 -5.78 1.42
CA LYS B 637 -41.09 -5.78 1.68
C LYS B 637 -41.79 -4.71 0.84
N ARG B 638 -42.59 -5.16 -0.13
CA ARG B 638 -43.29 -4.27 -1.04
C ARG B 638 -42.35 -3.26 -1.70
N PHE B 639 -41.20 -3.76 -2.14
CA PHE B 639 -40.27 -3.01 -2.98
C PHE B 639 -39.74 -1.77 -2.27
N VAL B 640 -39.53 -1.85 -0.96
CA VAL B 640 -39.06 -0.70 -0.21
C VAL B 640 -37.67 -0.28 -0.66
N LYS B 641 -36.84 -1.24 -1.08
CA LYS B 641 -35.46 -0.93 -1.41
C LYS B 641 -35.30 -0.18 -2.72
N LEU B 642 -36.37 -0.05 -3.51
CA LEU B 642 -36.26 0.73 -4.74
C LEU B 642 -36.07 2.21 -4.46
N LEU B 643 -36.42 2.68 -3.27
CA LEU B 643 -36.23 4.08 -2.93
C LEU B 643 -34.76 4.45 -2.91
N ASN B 644 -33.90 3.50 -2.57
CA ASN B 644 -32.47 3.71 -2.68
C ASN B 644 -32.09 3.82 -4.15
N PRO B 645 -31.35 4.85 -4.56
CA PRO B 645 -30.97 4.99 -5.97
C PRO B 645 -29.81 4.10 -6.39
N LEU B 646 -29.11 3.49 -5.45
CA LEU B 646 -28.04 2.54 -5.76
C LEU B 646 -28.55 1.12 -5.86
N VAL B 647 -29.79 0.86 -5.47
CA VAL B 647 -30.40 -0.45 -5.64
C VAL B 647 -31.20 -0.51 -6.93
N ALA B 648 -31.89 0.57 -7.29
CA ALA B 648 -32.61 0.62 -8.56
C ALA B 648 -31.66 0.50 -9.74
N SER B 649 -30.50 1.15 -9.66
CA SER B 649 -29.50 1.03 -10.70
C SER B 649 -29.08 -0.42 -10.91
N GLN B 650 -28.80 -1.14 -9.83
CA GLN B 650 -28.38 -2.52 -9.95
C GLN B 650 -29.52 -3.41 -10.40
N ASN B 651 -30.76 -3.09 -10.00
CA ASN B 651 -31.91 -3.83 -10.50
C ASN B 651 -31.98 -3.75 -12.02
N PHE B 652 -31.94 -2.54 -12.56
CA PHE B 652 -31.99 -2.39 -14.01
C PHE B 652 -30.80 -3.05 -14.67
N GLU B 653 -29.61 -2.90 -14.09
CA GLU B 653 -28.41 -3.49 -14.70
C GLU B 653 -28.52 -5.01 -14.75
N TYR B 654 -28.94 -5.63 -13.66
CA TYR B 654 -29.09 -7.08 -13.65
C TYR B 654 -30.10 -7.53 -14.68
N LYS B 655 -31.23 -6.84 -14.77
CA LYS B 655 -32.29 -7.35 -15.64
C LYS B 655 -31.95 -7.12 -17.11
N MET B 656 -31.27 -6.00 -17.42
CA MET B 656 -30.71 -5.82 -18.75
C MET B 656 -29.68 -6.89 -19.09
N SER B 657 -28.79 -7.21 -18.15
CA SER B 657 -27.78 -8.23 -18.41
C SER B 657 -28.45 -9.56 -18.76
N ASN B 658 -29.40 -9.99 -17.92
CA ASN B 658 -30.08 -11.26 -18.15
C ASN B 658 -30.83 -11.25 -19.47
N ILE B 659 -31.51 -10.14 -19.79
CA ILE B 659 -32.31 -10.11 -21.01
C ILE B 659 -31.45 -10.13 -22.26
N LEU B 660 -30.35 -9.37 -22.27
CA LEU B 660 -29.58 -9.19 -23.49
C LEU B 660 -28.37 -10.10 -23.57
N ASP B 661 -27.44 -9.98 -22.62
CA ASP B 661 -26.12 -10.59 -22.79
C ASP B 661 -26.19 -12.11 -22.66
N LYS B 662 -26.93 -12.59 -21.66
CA LYS B 662 -26.99 -14.03 -21.44
C LYS B 662 -27.67 -14.75 -22.60
N THR B 663 -28.76 -14.19 -23.11
CA THR B 663 -29.43 -14.82 -24.25
C THR B 663 -28.56 -14.75 -25.50
N THR B 664 -27.90 -13.61 -25.74
CA THR B 664 -27.05 -13.49 -26.91
C THR B 664 -25.92 -14.50 -26.88
N GLU B 665 -25.28 -14.68 -25.72
CA GLU B 665 -24.22 -15.67 -25.61
C GLU B 665 -24.75 -17.09 -25.72
N SER B 666 -25.85 -17.39 -25.03
CA SER B 666 -26.42 -18.73 -25.05
C SER B 666 -26.86 -19.15 -26.44
N ASN B 667 -27.18 -18.21 -27.33
CA ASN B 667 -27.47 -18.58 -28.70
C ASN B 667 -26.25 -19.23 -29.36
N PHE B 668 -25.07 -18.68 -29.09
CA PHE B 668 -23.84 -19.21 -29.71
C PHE B 668 -23.42 -20.52 -29.07
N GLY B 669 -23.49 -20.61 -27.74
CA GLY B 669 -23.23 -21.86 -27.07
C GLY B 669 -22.22 -21.79 -25.95
N PHE B 670 -21.72 -20.58 -25.67
CA PHE B 670 -20.72 -20.38 -24.59
C PHE B 670 -21.17 -19.22 -23.71
N ILE B 671 -21.40 -19.47 -22.43
CA ILE B 671 -21.90 -18.40 -21.51
C ILE B 671 -20.96 -18.29 -20.32
N THR B 672 -20.97 -17.15 -19.62
CA THR B 672 -20.14 -16.99 -18.39
C THR B 672 -21.09 -16.79 -17.21
N VAL B 673 -21.16 -17.77 -16.30
CA VAL B 673 -22.11 -17.68 -15.15
C VAL B 673 -21.88 -16.36 -14.43
N LEU B 674 -22.94 -15.63 -14.12
CA LEU B 674 -22.82 -14.33 -13.39
C LEU B 674 -22.29 -14.61 -11.98
N PRO B 675 -21.64 -13.64 -11.30
CA PRO B 675 -21.04 -13.89 -9.98
C PRO B 675 -22.02 -14.53 -8.99
N GLY B 676 -23.24 -14.00 -8.89
CA GLY B 676 -24.23 -14.54 -7.94
C GLY B 676 -25.15 -15.57 -8.59
N ALA B 677 -25.04 -15.74 -9.90
CA ALA B 677 -25.93 -16.68 -10.63
C ALA B 677 -25.68 -18.12 -10.18
N PHE B 678 -26.75 -18.83 -9.77
CA PHE B 678 -26.61 -20.25 -9.39
C PHE B 678 -26.24 -21.04 -10.66
N SER B 679 -25.28 -21.97 -10.55
CA SER B 679 -24.82 -22.70 -11.76
C SER B 679 -24.82 -24.21 -11.53
N ALA B 680 -24.83 -25.00 -12.62
CA ALA B 680 -24.77 -26.44 -12.50
C ALA B 680 -23.81 -26.95 -13.56
N TYR B 681 -23.04 -27.96 -13.20
CA TYR B 681 -22.12 -28.58 -14.14
C TYR B 681 -22.35 -30.09 -14.15
N ARG B 682 -22.55 -30.64 -15.33
CA ARG B 682 -22.59 -32.08 -15.46
C ARG B 682 -21.22 -32.61 -15.05
N PHE B 683 -21.20 -33.60 -14.16
CA PHE B 683 -19.94 -33.97 -13.51
C PHE B 683 -18.94 -34.53 -14.51
N GLU B 684 -19.39 -35.37 -15.43
CA GLU B 684 -18.47 -35.95 -16.41
C GLU B 684 -17.92 -34.88 -17.35
N ALA B 685 -18.63 -33.76 -17.50
CA ALA B 685 -18.16 -32.71 -18.38
C ALA B 685 -16.97 -31.97 -17.80
N VAL B 686 -17.05 -31.56 -16.54
CA VAL B 686 -15.95 -30.78 -15.95
C VAL B 686 -14.80 -31.66 -15.51
N ARG B 687 -15.01 -32.97 -15.41
CA ARG B 687 -14.00 -33.85 -14.86
C ARG B 687 -12.83 -33.99 -15.82
N GLY B 688 -11.62 -33.79 -15.30
CA GLY B 688 -10.43 -33.88 -16.12
C GLY B 688 -9.70 -32.57 -16.31
N GLN B 689 -9.46 -32.20 -17.57
CA GLN B 689 -8.73 -30.97 -17.86
C GLN B 689 -9.41 -29.71 -17.33
N PRO B 690 -10.73 -29.51 -17.49
CA PRO B 690 -11.32 -28.27 -16.97
C PRO B 690 -11.09 -28.05 -15.49
N LEU B 691 -11.37 -29.05 -14.67
CA LEU B 691 -11.13 -28.93 -13.23
C LEU B 691 -9.66 -28.74 -12.94
N GLN B 692 -8.81 -29.47 -13.66
CA GLN B 692 -7.37 -29.41 -13.39
C GLN B 692 -6.82 -28.02 -13.62
N LYS B 693 -7.23 -27.37 -14.70
CA LYS B 693 -6.72 -26.03 -14.93
C LYS B 693 -7.54 -24.95 -14.21
N TYR B 694 -8.70 -25.31 -13.67
CA TYR B 694 -9.39 -24.37 -12.78
C TYR B 694 -8.72 -24.30 -11.41
N PHE B 695 -8.22 -25.43 -10.92
CA PHE B 695 -7.73 -25.51 -9.54
C PHE B 695 -6.25 -25.14 -9.44
N TYR B 696 -5.42 -25.72 -10.31
CA TYR B 696 -3.98 -25.59 -10.27
C TYR B 696 -3.39 -24.65 -11.31
N GLY B 697 -4.10 -24.34 -12.38
CA GLY B 697 -3.56 -23.48 -13.42
C GLY B 697 -2.64 -24.25 -14.35
N GLU B 698 -2.00 -23.51 -15.26
CA GLU B 698 -1.17 -24.13 -16.29
C GLU B 698 0.05 -24.77 -15.64
N ILE B 699 0.16 -26.09 -15.76
CA ILE B 699 1.22 -26.84 -15.08
C ILE B 699 2.58 -26.48 -15.66
N MET B 700 2.67 -26.36 -16.99
CA MET B 700 3.95 -26.09 -17.63
C MET B 700 4.42 -24.70 -17.22
N GLU B 701 5.43 -24.66 -16.37
CA GLU B 701 5.95 -23.39 -15.86
C GLU B 701 7.29 -23.65 -15.20
N ASN B 702 8.26 -22.78 -15.46
CA ASN B 702 9.57 -22.86 -14.86
C ASN B 702 9.53 -22.18 -13.50
N GLU B 703 10.71 -21.95 -12.91
CA GLU B 703 10.78 -21.30 -11.60
C GLU B 703 10.24 -19.88 -11.66
N GLY B 704 10.33 -19.22 -12.82
CA GLY B 704 9.85 -17.86 -12.97
C GLY B 704 8.35 -17.79 -13.13
N PHE B 705 7.85 -16.57 -13.32
CA PHE B 705 6.37 -16.38 -13.41
C PHE B 705 5.94 -16.20 -14.87
N HIS B 706 4.63 -16.29 -15.13
CA HIS B 706 4.10 -16.12 -16.51
C HIS B 706 2.70 -15.48 -16.45
N PHE B 707 2.28 -14.82 -17.53
CA PHE B 707 0.97 -14.11 -17.53
C PHE B 707 -0.17 -15.12 -17.32
N PHE B 708 -0.08 -16.29 -17.95
CA PHE B 708 -1.14 -17.33 -17.79
C PHE B 708 -0.60 -18.47 -16.93
N SER B 709 0.50 -18.24 -16.22
CA SER B 709 1.04 -19.28 -15.30
C SER B 709 1.14 -18.69 -13.88
N SER B 710 1.09 -17.37 -13.77
CA SER B 710 1.12 -16.71 -12.43
C SER B 710 -0.01 -15.68 -12.32
N ASN B 711 -0.73 -15.44 -13.42
CA ASN B 711 -1.87 -14.47 -13.41
C ASN B 711 -3.11 -15.14 -14.03
N MET B 712 -3.00 -16.41 -14.44
CA MET B 712 -4.15 -17.14 -15.04
C MET B 712 -5.29 -17.22 -14.01
N TYR B 713 -4.94 -17.34 -12.72
CA TYR B 713 -5.96 -17.50 -11.66
C TYR B 713 -6.98 -16.35 -11.73
N LEU B 714 -6.58 -15.20 -12.28
CA LEU B 714 -7.48 -14.03 -12.36
C LEU B 714 -8.78 -14.45 -13.04
N ALA B 715 -8.71 -15.34 -14.03
CA ALA B 715 -9.93 -15.83 -14.72
C ALA B 715 -10.12 -17.33 -14.43
N GLU B 716 -9.41 -17.87 -13.44
CA GLU B 716 -9.46 -19.33 -13.15
C GLU B 716 -10.93 -19.79 -13.11
N ASP B 717 -11.81 -19.00 -12.51
CA ASP B 717 -13.24 -19.39 -12.40
C ASP B 717 -13.83 -19.60 -13.80
N ARG B 718 -13.96 -18.53 -14.58
CA ARG B 718 -14.57 -18.63 -15.93
C ARG B 718 -13.78 -19.62 -16.79
N ILE B 719 -12.59 -20.02 -16.32
CA ILE B 719 -11.76 -21.01 -17.07
C ILE B 719 -12.59 -22.30 -17.24
N LEU B 720 -13.34 -22.68 -16.20
CA LEU B 720 -14.18 -23.90 -16.28
C LEU B 720 -15.05 -23.83 -17.55
N CYS B 721 -15.79 -22.74 -17.72
CA CYS B 721 -16.68 -22.59 -18.91
C CYS B 721 -15.82 -22.64 -20.18
N PHE B 722 -14.70 -21.90 -20.19
CA PHE B 722 -13.80 -21.88 -21.37
C PHE B 722 -13.24 -23.28 -21.63
N GLU B 723 -12.98 -24.04 -20.57
CA GLU B 723 -12.38 -25.36 -20.75
C GLU B 723 -13.42 -26.43 -21.06
N VAL B 724 -14.66 -26.27 -20.58
CA VAL B 724 -15.70 -27.23 -20.91
C VAL B 724 -16.10 -27.11 -22.37
N VAL B 725 -16.29 -25.89 -22.85
CA VAL B 725 -16.74 -25.71 -24.23
C VAL B 725 -15.70 -26.25 -25.22
N THR B 726 -14.43 -25.96 -24.97
CA THR B 726 -13.34 -26.31 -25.87
C THR B 726 -12.62 -27.60 -25.47
N LYS B 727 -13.33 -28.54 -24.84
CA LYS B 727 -12.70 -29.79 -24.46
C LYS B 727 -12.36 -30.61 -25.69
N LYS B 728 -11.22 -31.31 -25.65
CA LYS B 728 -10.77 -32.06 -26.80
C LYS B 728 -11.66 -33.27 -27.05
N ASN B 729 -12.07 -33.46 -28.30
CA ASN B 729 -12.88 -34.59 -28.73
C ASN B 729 -14.24 -34.63 -28.03
N CYS B 730 -14.69 -33.51 -27.48
CA CYS B 730 -15.95 -33.46 -26.78
C CYS B 730 -16.71 -32.20 -27.18
N ASN B 731 -18.03 -32.34 -27.30
CA ASN B 731 -18.87 -31.27 -27.83
C ASN B 731 -19.83 -30.72 -26.78
N TRP B 732 -19.36 -30.46 -25.57
CA TRP B 732 -20.19 -29.85 -24.55
C TRP B 732 -20.53 -28.41 -24.91
N ILE B 733 -21.77 -28.01 -24.60
CA ILE B 733 -22.21 -26.63 -24.76
C ILE B 733 -22.76 -26.15 -23.43
N LEU B 734 -22.82 -24.84 -23.29
CA LEU B 734 -23.35 -24.20 -22.10
C LEU B 734 -24.66 -23.53 -22.45
N LYS B 735 -25.67 -23.76 -21.63
CA LYS B 735 -27.01 -23.30 -21.93
C LYS B 735 -27.49 -22.39 -20.81
N TYR B 736 -28.30 -21.39 -21.17
CA TYR B 736 -28.87 -20.44 -20.22
C TYR B 736 -30.34 -20.75 -20.05
N CYS B 737 -30.74 -20.97 -18.80
CA CYS B 737 -32.13 -21.31 -18.49
C CYS B 737 -32.79 -20.09 -17.87
N ARG B 738 -33.87 -19.63 -18.48
CA ARG B 738 -34.62 -18.48 -17.98
C ARG B 738 -35.76 -18.87 -17.06
N SER B 739 -36.22 -20.12 -17.11
CA SER B 739 -37.25 -20.60 -16.21
C SER B 739 -36.77 -20.79 -14.78
N SER B 740 -35.47 -20.72 -14.55
CA SER B 740 -34.89 -20.86 -13.22
C SER B 740 -34.29 -19.53 -12.81
N TYR B 741 -34.68 -19.05 -11.63
CA TYR B 741 -34.21 -17.77 -11.13
C TYR B 741 -33.79 -17.91 -9.68
N ALA B 742 -33.08 -16.91 -9.19
CA ALA B 742 -32.70 -16.85 -7.78
C ALA B 742 -32.52 -15.40 -7.39
N SER B 743 -33.11 -15.01 -6.26
CA SER B 743 -33.09 -13.63 -5.80
C SER B 743 -32.00 -13.46 -4.76
N THR B 744 -31.03 -12.60 -5.07
CA THR B 744 -29.93 -12.30 -4.16
C THR B 744 -30.05 -10.88 -3.64
N ASP B 745 -29.19 -10.56 -2.68
CA ASP B 745 -29.18 -9.25 -2.05
C ASP B 745 -27.98 -8.46 -2.55
N VAL B 746 -28.22 -7.19 -2.90
CA VAL B 746 -27.20 -6.37 -3.54
C VAL B 746 -26.67 -5.35 -2.56
N PRO B 747 -25.42 -4.89 -2.70
CA PRO B 747 -24.91 -3.85 -1.80
C PRO B 747 -25.69 -2.57 -1.92
N GLU B 748 -25.83 -1.87 -0.80
CA GLU B 748 -26.63 -0.65 -0.73
C GLU B 748 -25.82 0.59 -0.41
N ARG B 749 -24.54 0.47 -0.08
CA ARG B 749 -23.65 1.60 0.12
C ARG B 749 -22.54 1.57 -0.91
N VAL B 750 -21.98 2.75 -1.21
CA VAL B 750 -21.00 2.91 -2.27
C VAL B 750 -19.69 2.16 -1.98
N PRO B 751 -19.13 2.20 -0.78
CA PRO B 751 -17.88 1.46 -0.54
C PRO B 751 -17.97 -0.04 -0.86
N GLU B 752 -18.97 -0.74 -0.32
CA GLU B 752 -19.08 -2.16 -0.62
C GLU B 752 -19.49 -2.42 -2.05
N PHE B 753 -20.23 -1.50 -2.67
CA PHE B 753 -20.54 -1.64 -4.09
C PHE B 753 -19.28 -1.61 -4.93
N ILE B 754 -18.39 -0.65 -4.65
CA ILE B 754 -17.12 -0.55 -5.37
C ILE B 754 -16.28 -1.78 -5.11
N LEU B 755 -16.20 -2.21 -3.86
CA LEU B 755 -15.39 -3.38 -3.54
C LEU B 755 -15.93 -4.65 -4.20
N GLN B 756 -17.25 -4.77 -4.34
CA GLN B 756 -17.80 -5.93 -5.02
C GLN B 756 -17.49 -5.89 -6.51
N ARG B 757 -17.71 -4.74 -7.15
CA ARG B 757 -17.48 -4.65 -8.58
C ARG B 757 -15.99 -4.73 -8.94
N ARG B 758 -15.11 -4.56 -7.97
CA ARG B 758 -13.64 -4.63 -8.22
C ARG B 758 -13.27 -6.04 -8.66
N ARG B 759 -14.00 -7.06 -8.18
CA ARG B 759 -13.69 -8.46 -8.51
C ARG B 759 -14.38 -8.85 -9.81
N TRP B 760 -15.56 -8.28 -10.08
CA TRP B 760 -16.26 -8.57 -11.32
C TRP B 760 -15.52 -8.00 -12.52
N LEU B 761 -15.07 -6.76 -12.43
CA LEU B 761 -14.46 -6.11 -13.58
C LEU B 761 -13.13 -6.78 -13.93
N ASN B 762 -12.29 -7.02 -12.93
CA ASN B 762 -11.03 -7.70 -13.17
C ASN B 762 -11.25 -9.10 -13.74
N GLY B 763 -12.19 -9.85 -13.17
CA GLY B 763 -12.46 -11.18 -13.68
C GLY B 763 -12.92 -11.17 -15.13
N SER B 764 -13.83 -10.26 -15.45
CA SER B 764 -14.38 -10.21 -16.83
C SER B 764 -13.28 -9.78 -17.81
N PHE B 765 -12.42 -8.85 -17.40
CA PHE B 765 -11.37 -8.38 -18.28
C PHE B 765 -10.35 -9.48 -18.56
N PHE B 766 -9.85 -10.13 -17.51
CA PHE B 766 -8.87 -11.19 -17.72
C PHE B 766 -9.46 -12.39 -18.45
N ALA B 767 -10.71 -12.76 -18.13
CA ALA B 767 -11.32 -13.89 -18.81
C ALA B 767 -11.46 -13.62 -20.29
N SER B 768 -11.88 -12.41 -20.66
CA SER B 768 -12.01 -12.08 -22.08
C SER B 768 -10.66 -12.09 -22.76
N VAL B 769 -9.63 -11.55 -22.11
CA VAL B 769 -8.30 -11.54 -22.71
C VAL B 769 -7.81 -12.96 -22.96
N TYR B 770 -7.95 -13.82 -21.95
CA TYR B 770 -7.49 -15.21 -22.09
C TYR B 770 -8.27 -15.95 -23.15
N SER B 771 -9.59 -15.80 -23.16
CA SER B 771 -10.41 -16.52 -24.11
C SER B 771 -10.13 -16.08 -25.54
N PHE B 772 -9.89 -14.79 -25.75
CA PHE B 772 -9.54 -14.33 -27.09
C PHE B 772 -8.16 -14.82 -27.49
N CYS B 773 -7.21 -14.84 -26.54
CA CYS B 773 -5.87 -15.29 -26.88
C CYS B 773 -5.82 -16.78 -27.20
N HIS B 774 -6.72 -17.56 -26.63
CA HIS B 774 -6.73 -19.00 -26.85
C HIS B 774 -7.96 -19.46 -27.63
N PHE B 775 -8.36 -18.69 -28.64
CA PHE B 775 -9.51 -19.11 -29.41
C PHE B 775 -9.20 -20.26 -30.36
N TYR B 776 -7.92 -20.50 -30.65
CA TYR B 776 -7.56 -21.57 -31.58
C TYR B 776 -7.86 -22.94 -30.99
N ARG B 777 -8.12 -23.00 -29.69
CA ARG B 777 -8.52 -24.24 -29.06
C ARG B 777 -9.90 -24.69 -29.53
N VAL B 778 -10.72 -23.78 -30.05
CA VAL B 778 -12.06 -24.13 -30.49
C VAL B 778 -12.00 -25.13 -31.64
N TRP B 779 -10.97 -25.00 -32.47
CA TRP B 779 -10.80 -25.84 -33.65
C TRP B 779 -10.06 -27.14 -33.37
N SER B 780 -9.70 -27.40 -32.12
CA SER B 780 -9.13 -28.67 -31.69
C SER B 780 -10.12 -29.54 -30.94
N SER B 781 -11.30 -29.01 -30.62
CA SER B 781 -12.32 -29.74 -29.89
C SER B 781 -13.07 -30.68 -30.82
N GLY B 782 -14.19 -31.19 -30.35
CA GLY B 782 -14.98 -32.16 -31.08
C GLY B 782 -16.24 -31.65 -31.73
N HIS B 783 -16.54 -30.36 -31.63
CA HIS B 783 -17.75 -29.80 -32.20
C HIS B 783 -17.80 -30.03 -33.71
N ASN B 784 -18.97 -29.80 -34.29
CA ASN B 784 -19.06 -29.80 -35.73
C ASN B 784 -18.57 -28.46 -36.28
N ILE B 785 -18.46 -28.37 -37.61
CA ILE B 785 -17.86 -27.20 -38.23
C ILE B 785 -18.68 -25.95 -37.94
N GLY B 786 -20.00 -26.06 -38.05
CA GLY B 786 -20.84 -24.89 -37.80
C GLY B 786 -20.72 -24.37 -36.38
N ARG B 787 -20.63 -25.28 -35.40
CA ARG B 787 -20.56 -24.85 -33.98
C ARG B 787 -19.17 -24.28 -33.68
N LYS B 788 -18.12 -24.77 -34.34
CA LYS B 788 -16.80 -24.15 -34.21
C LYS B 788 -16.80 -22.74 -34.79
N LEU B 789 -17.44 -22.55 -35.95
CA LEU B 789 -17.53 -21.22 -36.54
C LEU B 789 -18.31 -20.27 -35.64
N LEU B 790 -19.43 -20.75 -35.09
CA LEU B 790 -20.24 -19.90 -34.20
C LEU B 790 -19.44 -19.50 -32.97
N LEU B 791 -18.70 -20.44 -32.39
CA LEU B 791 -17.89 -20.10 -31.21
C LEU B 791 -16.78 -19.12 -31.56
N THR B 792 -16.14 -19.27 -32.72
CA THR B 792 -15.13 -18.30 -33.12
C THR B 792 -15.73 -16.90 -33.25
N VAL B 793 -16.89 -16.81 -33.89
CA VAL B 793 -17.56 -15.52 -34.03
C VAL B 793 -17.90 -14.94 -32.66
N GLU B 794 -18.40 -15.76 -31.75
CA GLU B 794 -18.76 -15.27 -30.43
C GLU B 794 -17.54 -14.76 -29.67
N PHE B 795 -16.42 -15.48 -29.77
CA PHE B 795 -15.20 -15.03 -29.11
C PHE B 795 -14.74 -13.69 -29.66
N PHE B 796 -14.81 -13.53 -30.98
CA PHE B 796 -14.44 -12.25 -31.57
C PHE B 796 -15.35 -11.13 -31.08
N TYR B 797 -16.65 -11.39 -31.01
CA TYR B 797 -17.59 -10.36 -30.57
C TYR B 797 -17.38 -10.02 -29.10
N LEU B 798 -17.08 -11.01 -28.28
CA LEU B 798 -16.82 -10.75 -26.87
C LEU B 798 -15.57 -9.90 -26.68
N PHE B 799 -14.51 -10.18 -27.44
CA PHE B 799 -13.34 -9.33 -27.34
C PHE B 799 -13.61 -7.94 -27.90
N PHE B 800 -14.49 -7.83 -28.90
CA PHE B 800 -14.89 -6.51 -29.38
C PHE B 800 -15.57 -5.70 -28.29
N ASN B 801 -16.46 -6.34 -27.53
CA ASN B 801 -17.10 -5.68 -26.40
C ASN B 801 -16.07 -5.29 -25.34
N THR B 802 -15.11 -6.16 -25.06
CA THR B 802 -14.07 -5.84 -24.10
C THR B 802 -13.24 -4.65 -24.57
N LEU B 803 -12.93 -4.61 -25.86
CA LEU B 803 -12.17 -3.49 -26.42
C LEU B 803 -12.94 -2.19 -26.29
N ILE B 804 -14.26 -2.23 -26.51
CA ILE B 804 -15.08 -1.04 -26.29
C ILE B 804 -15.02 -0.62 -24.83
N SER B 805 -15.15 -1.57 -23.91
CA SER B 805 -15.16 -1.22 -22.49
C SER B 805 -13.81 -0.70 -22.02
N TRP B 806 -12.72 -1.07 -22.70
CA TRP B 806 -11.40 -0.57 -22.33
C TRP B 806 -11.23 0.91 -22.60
N PHE B 807 -11.88 1.44 -23.66
CA PHE B 807 -11.70 2.83 -24.07
C PHE B 807 -12.82 3.73 -23.58
N SER B 808 -13.64 3.25 -22.63
CA SER B 808 -14.75 4.06 -22.15
C SER B 808 -14.27 5.31 -21.41
N LEU B 809 -13.10 5.23 -20.78
CA LEU B 809 -12.57 6.39 -20.06
C LEU B 809 -12.36 7.57 -21.00
N SER B 810 -11.82 7.32 -22.20
CA SER B 810 -11.66 8.38 -23.17
C SER B 810 -12.96 8.70 -23.90
N SER B 811 -13.79 7.68 -24.15
CA SER B 811 -15.01 7.91 -24.90
C SER B 811 -15.95 8.84 -24.17
N PHE B 812 -16.14 8.62 -22.87
CA PHE B 812 -17.04 9.48 -22.10
C PHE B 812 -16.56 10.93 -22.09
N PHE B 813 -15.27 11.13 -21.83
CA PHE B 813 -14.74 12.49 -21.77
C PHE B 813 -14.83 13.16 -23.14
N LEU B 814 -14.52 12.42 -24.21
CA LEU B 814 -14.60 13.02 -25.54
C LEU B 814 -16.01 13.45 -25.87
N VAL B 815 -17.01 12.59 -25.61
CA VAL B 815 -18.40 12.95 -25.88
C VAL B 815 -18.79 14.16 -25.06
N PHE B 816 -18.51 14.13 -23.76
CA PHE B 816 -18.86 15.25 -22.84
C PHE B 816 -18.22 16.56 -23.31
N ARG B 817 -16.92 16.57 -23.62
CA ARG B 817 -16.23 17.79 -23.98
C ARG B 817 -16.69 18.33 -25.32
N ILE B 818 -16.80 17.45 -26.33
CA ILE B 818 -17.27 17.90 -27.63
C ILE B 818 -18.67 18.50 -27.51
N LEU B 819 -19.57 17.86 -26.76
CA LEU B 819 -20.93 18.34 -26.65
C LEU B 819 -20.98 19.71 -25.96
N THR B 820 -20.30 19.84 -24.82
CA THR B 820 -20.30 21.11 -24.04
C THR B 820 -19.62 22.26 -24.81
N VAL B 821 -18.56 21.99 -25.58
CA VAL B 821 -17.94 23.06 -26.35
C VAL B 821 -18.77 23.41 -27.58
N SER B 822 -19.42 22.42 -28.18
CA SER B 822 -20.25 22.69 -29.35
C SER B 822 -21.44 23.58 -28.99
N ILE B 823 -22.11 23.27 -27.87
CA ILE B 823 -23.27 24.08 -27.52
C ILE B 823 -22.81 25.48 -27.10
N ALA B 824 -21.70 25.58 -26.36
CA ALA B 824 -21.19 26.90 -25.99
C ALA B 824 -20.83 27.71 -27.22
N LEU B 825 -20.16 27.11 -28.18
CA LEU B 825 -19.72 27.78 -29.39
C LEU B 825 -20.87 28.16 -30.31
N ALA B 826 -22.00 27.46 -30.20
CA ALA B 826 -23.14 27.80 -31.04
C ALA B 826 -24.04 28.85 -30.41
N TYR B 827 -24.22 28.85 -29.08
CA TYR B 827 -25.26 29.67 -28.45
C TYR B 827 -24.75 30.76 -27.52
N HIS B 828 -23.55 30.63 -26.94
CA HIS B 828 -22.82 31.73 -26.31
C HIS B 828 -23.44 32.31 -25.04
N SER B 829 -24.64 31.86 -24.66
CA SER B 829 -25.40 32.60 -23.65
C SER B 829 -24.73 32.53 -22.29
N ALA B 830 -24.70 31.34 -21.70
CA ALA B 830 -23.99 31.12 -20.45
C ALA B 830 -23.23 29.82 -20.45
N PHE B 831 -23.12 29.15 -21.60
CA PHE B 831 -22.51 27.84 -21.68
C PHE B 831 -20.99 27.88 -21.69
N ASN B 832 -20.39 29.06 -21.91
CA ASN B 832 -18.92 29.14 -21.85
C ASN B 832 -18.43 28.85 -20.44
N VAL B 833 -18.98 29.57 -19.46
CA VAL B 833 -18.55 29.36 -18.09
C VAL B 833 -18.94 27.97 -17.60
N LEU B 834 -20.09 27.45 -18.05
CA LEU B 834 -20.46 26.09 -17.68
C LEU B 834 -19.48 25.08 -18.26
N SER B 835 -19.01 25.31 -19.49
CA SER B 835 -18.03 24.41 -20.08
C SER B 835 -16.76 24.39 -19.26
N VAL B 836 -16.27 25.57 -18.87
CA VAL B 836 -15.04 25.62 -18.07
C VAL B 836 -15.25 24.97 -16.72
N ILE B 837 -16.38 25.28 -16.07
CA ILE B 837 -16.66 24.76 -14.74
C ILE B 837 -16.73 23.24 -14.77
N PHE B 838 -17.41 22.68 -15.78
CA PHE B 838 -17.60 21.21 -15.82
C PHE B 838 -16.29 20.53 -16.21
N LEU B 839 -15.47 21.16 -17.05
CA LEU B 839 -14.16 20.59 -17.32
C LEU B 839 -13.33 20.50 -16.05
N TRP B 840 -13.35 21.55 -15.24
CA TRP B 840 -12.56 21.53 -14.01
C TRP B 840 -13.14 20.54 -13.00
N LEU B 841 -14.46 20.44 -12.90
CA LEU B 841 -15.09 19.52 -11.90
C LEU B 841 -14.71 18.07 -12.22
N TYR B 842 -14.80 17.68 -13.49
CA TYR B 842 -14.39 16.32 -13.92
C TYR B 842 -12.93 16.06 -13.54
N GLY B 843 -12.03 17.00 -13.81
CA GLY B 843 -10.59 16.79 -13.55
C GLY B 843 -10.30 16.67 -12.07
N ILE B 844 -11.01 17.42 -11.24
CA ILE B 844 -10.80 17.37 -9.76
C ILE B 844 -11.39 16.07 -9.21
N CYS B 845 -12.40 15.50 -9.87
CA CYS B 845 -13.02 14.22 -9.43
C CYS B 845 -12.29 13.03 -10.06
N THR B 846 -11.72 13.18 -11.26
CA THR B 846 -10.91 12.09 -11.80
C THR B 846 -9.57 11.97 -11.09
N LEU B 847 -8.89 13.09 -10.87
CA LEU B 847 -7.61 13.05 -10.17
C LEU B 847 -7.78 12.49 -8.76
N SER B 848 -8.81 12.95 -8.05
CA SER B 848 -9.02 12.47 -6.70
C SER B 848 -9.37 10.99 -6.69
N THR B 849 -10.16 10.53 -7.67
CA THR B 849 -10.49 9.12 -7.73
C THR B 849 -9.23 8.27 -7.96
N PHE B 850 -8.36 8.69 -8.89
CA PHE B 850 -7.10 7.97 -9.07
C PHE B 850 -6.31 7.90 -7.77
N ILE B 851 -6.15 9.04 -7.11
CA ILE B 851 -5.27 9.09 -5.94
C ILE B 851 -5.84 8.26 -4.80
N LEU B 852 -7.15 8.36 -4.55
CA LEU B 852 -7.74 7.62 -3.44
C LEU B 852 -7.80 6.13 -3.75
N SER B 853 -8.01 5.75 -5.00
CA SER B 853 -8.01 4.33 -5.33
C SER B 853 -6.62 3.73 -5.24
N LEU B 854 -5.59 4.52 -5.57
CA LEU B 854 -4.23 4.01 -5.51
C LEU B 854 -3.71 3.94 -4.08
N GLY B 855 -4.07 4.92 -3.25
CA GLY B 855 -3.49 4.99 -1.92
C GLY B 855 -4.41 4.61 -0.76
N ASN B 856 -5.68 5.00 -0.84
CA ASN B 856 -6.60 4.88 0.27
C ASN B 856 -7.51 3.66 0.09
N LYS B 857 -8.51 3.55 0.95
CA LYS B 857 -9.51 2.49 0.92
C LYS B 857 -10.90 3.11 0.90
N PRO B 858 -11.84 2.47 0.20
CA PRO B 858 -13.18 3.06 0.06
C PRO B 858 -13.90 3.27 1.38
N LYS B 859 -13.72 2.38 2.35
CA LYS B 859 -14.42 2.53 3.62
C LYS B 859 -13.98 3.79 4.36
N SER B 860 -12.71 4.17 4.20
CA SER B 860 -12.18 5.33 4.91
C SER B 860 -12.85 6.61 4.46
N THR B 861 -13.10 6.76 3.16
CA THR B 861 -13.67 7.98 2.59
C THR B 861 -14.93 7.63 1.79
N GLU B 862 -16.06 7.59 2.49
CA GLU B 862 -17.34 7.32 1.84
C GLU B 862 -18.05 8.58 1.39
N LYS B 863 -17.94 9.64 2.19
CA LYS B 863 -18.60 10.90 1.84
C LYS B 863 -18.07 11.45 0.53
N PHE B 864 -16.77 11.34 0.29
CA PHE B 864 -16.22 11.84 -0.96
C PHE B 864 -16.72 11.04 -2.15
N TYR B 865 -16.81 9.71 -2.01
CA TYR B 865 -17.32 8.90 -3.12
C TYR B 865 -18.77 9.23 -3.42
N VAL B 866 -19.58 9.46 -2.38
CA VAL B 866 -20.96 9.89 -2.62
C VAL B 866 -20.98 11.22 -3.34
N LEU B 867 -20.12 12.16 -2.93
CA LEU B 867 -20.07 13.46 -3.59
C LEU B 867 -19.65 13.33 -5.05
N THR B 868 -18.66 12.49 -5.32
CA THR B 868 -18.21 12.29 -6.69
C THR B 868 -19.31 11.71 -7.56
N CYS B 869 -20.06 10.73 -7.02
CA CYS B 869 -21.16 10.17 -7.78
C CYS B 869 -22.24 11.21 -8.05
N VAL B 870 -22.52 12.06 -7.07
CA VAL B 870 -23.51 13.13 -7.28
C VAL B 870 -23.04 14.09 -8.38
N ILE B 871 -21.76 14.45 -8.35
CA ILE B 871 -21.22 15.38 -9.35
C ILE B 871 -21.31 14.76 -10.74
N PHE B 872 -20.96 13.47 -10.86
CA PHE B 872 -21.05 12.82 -12.17
C PHE B 872 -22.48 12.72 -12.64
N ALA B 873 -23.43 12.49 -11.72
CA ALA B 873 -24.83 12.48 -12.11
C ALA B 873 -25.28 13.84 -12.62
N VAL B 874 -24.81 14.92 -11.99
CA VAL B 874 -25.14 16.26 -12.47
C VAL B 874 -24.54 16.51 -13.84
N MET B 875 -23.30 16.06 -14.06
CA MET B 875 -22.70 16.18 -15.39
C MET B 875 -23.50 15.41 -16.43
N MET B 876 -24.00 14.23 -16.09
CA MET B 876 -24.81 13.44 -17.04
C MET B 876 -26.12 14.17 -17.32
N ILE B 877 -26.73 14.78 -16.30
CA ILE B 877 -27.94 15.57 -16.54
C ILE B 877 -27.64 16.71 -17.50
N TYR B 878 -26.49 17.36 -17.33
CA TYR B 878 -26.15 18.48 -18.21
C TYR B 878 -25.89 18.01 -19.63
N MET B 879 -25.25 16.85 -19.79
CA MET B 879 -25.02 16.29 -21.12
C MET B 879 -26.34 15.97 -21.82
N ILE B 880 -27.27 15.35 -21.08
CA ILE B 880 -28.60 15.08 -21.64
C ILE B 880 -29.28 16.37 -22.04
N PHE B 881 -29.18 17.40 -21.19
CA PHE B 881 -29.80 18.68 -21.52
C PHE B 881 -29.19 19.28 -22.78
N CYS B 882 -27.87 19.24 -22.91
CA CYS B 882 -27.24 19.80 -24.11
C CYS B 882 -27.69 19.06 -25.36
N SER B 883 -27.71 17.73 -25.31
CA SER B 883 -28.14 16.95 -26.46
C SER B 883 -29.58 17.27 -26.84
N ILE B 884 -30.49 17.26 -25.86
CA ILE B 884 -31.88 17.53 -26.14
C ILE B 884 -32.05 18.95 -26.68
N PHE B 885 -31.35 19.92 -26.09
CA PHE B 885 -31.56 21.31 -26.42
C PHE B 885 -31.07 21.60 -27.84
N MET B 886 -29.89 21.11 -28.20
CA MET B 886 -29.40 21.29 -29.56
C MET B 886 -30.24 20.52 -30.57
N SER B 887 -30.70 19.32 -30.21
CA SER B 887 -31.55 18.57 -31.14
C SER B 887 -32.87 19.28 -31.37
N VAL B 888 -33.47 19.83 -30.32
CA VAL B 888 -34.73 20.56 -30.45
C VAL B 888 -34.54 21.80 -31.32
N LYS B 889 -33.46 22.54 -31.07
CA LYS B 889 -33.22 23.73 -31.87
C LYS B 889 -32.92 23.38 -33.32
N SER B 890 -32.23 22.26 -33.58
CA SER B 890 -31.98 21.85 -34.95
C SER B 890 -33.26 21.38 -35.64
N PHE B 891 -34.15 20.71 -34.89
CA PHE B 891 -35.45 20.35 -35.45
C PHE B 891 -36.25 21.60 -35.82
N GLN B 892 -36.21 22.61 -34.94
CA GLN B 892 -36.91 23.88 -35.24
C GLN B 892 -36.28 24.53 -36.47
N ASN B 893 -34.95 24.48 -36.58
CA ASN B 893 -34.27 25.13 -37.69
C ASN B 893 -34.55 24.42 -39.02
N ILE B 894 -34.59 23.09 -39.01
CA ILE B 894 -34.90 22.35 -40.23
C ILE B 894 -36.39 22.46 -40.57
N ASP B 913 -28.71 13.41 -35.54
CA ASP B 913 -28.37 11.97 -35.56
C ASP B 913 -28.37 11.46 -34.13
N ILE B 914 -27.95 12.30 -33.18
CA ILE B 914 -27.92 11.89 -31.75
C ILE B 914 -29.34 11.46 -31.38
N VAL B 915 -30.33 12.25 -31.76
CA VAL B 915 -31.75 11.88 -31.49
C VAL B 915 -32.05 10.55 -32.19
N ILE B 916 -31.55 10.38 -33.41
CA ILE B 916 -31.85 9.15 -34.20
C ILE B 916 -31.37 7.92 -33.42
N SER B 917 -30.11 7.92 -32.97
CA SER B 917 -29.55 6.74 -32.27
C SER B 917 -30.19 6.60 -30.88
N LEU B 918 -30.22 7.67 -30.09
CA LEU B 918 -30.73 7.57 -28.70
C LEU B 918 -32.12 6.93 -28.69
N GLY B 919 -32.95 7.21 -29.71
CA GLY B 919 -34.26 6.61 -29.78
C GLY B 919 -34.21 5.15 -30.22
N SER B 920 -33.31 4.84 -31.16
CA SER B 920 -33.18 3.46 -31.62
C SER B 920 -32.73 2.54 -30.50
N THR B 921 -31.70 2.93 -29.75
CA THR B 921 -31.22 2.05 -28.69
C THR B 921 -32.24 1.94 -27.57
N TYR B 922 -32.93 3.04 -27.24
CA TYR B 922 -33.97 2.97 -26.21
C TYR B 922 -35.10 2.04 -26.64
N CYS B 923 -35.50 2.14 -27.91
CA CYS B 923 -36.58 1.29 -28.41
C CYS B 923 -36.15 -0.17 -28.48
N LEU B 924 -34.89 -0.44 -28.84
CA LEU B 924 -34.41 -1.81 -28.83
C LEU B 924 -34.40 -2.39 -27.42
N TYR B 925 -33.93 -1.60 -26.45
CA TYR B 925 -34.00 -1.99 -25.05
C TYR B 925 -35.43 -2.34 -24.65
N LEU B 926 -36.37 -1.45 -24.96
CA LEU B 926 -37.76 -1.64 -24.53
C LEU B 926 -38.40 -2.82 -25.23
N ILE B 927 -38.12 -3.02 -26.52
CA ILE B 927 -38.70 -4.14 -27.24
C ILE B 927 -38.15 -5.46 -26.73
N SER B 928 -36.85 -5.50 -26.42
CA SER B 928 -36.29 -6.70 -25.81
C SER B 928 -36.94 -6.98 -24.47
N SER B 929 -37.16 -5.94 -23.67
CA SER B 929 -37.82 -6.12 -22.38
C SER B 929 -39.24 -6.66 -22.57
N ILE B 930 -39.97 -6.14 -23.56
CA ILE B 930 -41.33 -6.59 -23.83
C ILE B 930 -41.33 -8.05 -24.25
N ILE B 931 -40.43 -8.41 -25.16
CA ILE B 931 -40.37 -9.79 -25.66
C ILE B 931 -40.00 -10.74 -24.53
N TYR B 932 -39.07 -10.34 -23.68
CA TYR B 932 -38.71 -11.14 -22.51
C TYR B 932 -39.82 -11.18 -21.47
N LEU B 933 -40.86 -10.36 -21.63
CA LEU B 933 -42.05 -10.37 -20.78
C LEU B 933 -41.75 -9.94 -19.35
N GLN B 934 -40.72 -9.10 -19.17
CA GLN B 934 -40.39 -8.50 -17.87
C GLN B 934 -40.14 -7.01 -18.07
N PRO B 935 -41.20 -6.23 -18.30
CA PRO B 935 -41.03 -4.84 -18.73
C PRO B 935 -41.11 -3.77 -17.65
N TRP B 936 -41.37 -4.12 -16.39
CA TRP B 936 -41.57 -3.09 -15.36
C TRP B 936 -40.29 -2.34 -15.02
N HIS B 937 -39.15 -3.00 -15.07
CA HIS B 937 -37.86 -2.36 -14.85
C HIS B 937 -37.61 -1.23 -15.84
N MET B 938 -38.27 -1.24 -16.99
CA MET B 938 -37.99 -0.26 -18.03
C MET B 938 -38.45 1.14 -17.63
N LEU B 939 -39.23 1.25 -16.56
CA LEU B 939 -39.64 2.56 -16.06
C LEU B 939 -39.41 2.68 -14.56
N THR B 940 -39.52 1.57 -13.83
CA THR B 940 -39.44 1.66 -12.37
C THR B 940 -38.04 2.07 -11.90
N SER B 941 -37.01 1.45 -12.47
CA SER B 941 -35.65 1.64 -11.98
C SER B 941 -34.69 2.01 -13.11
N PHE B 942 -35.17 2.78 -14.09
CA PHE B 942 -34.38 3.07 -15.27
C PHE B 942 -33.61 4.38 -15.16
N ILE B 943 -34.25 5.43 -14.62
CA ILE B 943 -33.63 6.74 -14.58
C ILE B 943 -32.36 6.72 -13.74
N GLN B 944 -32.42 6.01 -12.61
CA GLN B 944 -31.25 5.95 -11.69
C GLN B 944 -30.07 5.27 -12.37
N TYR B 945 -30.33 4.34 -13.30
CA TYR B 945 -29.23 3.69 -14.05
C TYR B 945 -28.54 4.72 -14.96
N ILE B 946 -29.32 5.62 -15.57
CA ILE B 946 -28.76 6.64 -16.50
C ILE B 946 -27.94 7.66 -15.70
N LEU B 947 -28.36 7.98 -14.48
CA LEU B 947 -27.68 9.03 -13.67
C LEU B 947 -26.42 8.45 -13.01
N LEU B 948 -26.43 7.18 -12.63
CA LEU B 948 -25.26 6.53 -11.98
C LEU B 948 -24.44 5.77 -13.01
N SER B 949 -24.63 6.06 -14.30
CA SER B 949 -23.88 5.40 -15.39
C SER B 949 -22.50 6.06 -15.58
N PRO B 950 -22.35 7.40 -15.47
CA PRO B 950 -21.02 8.02 -15.57
C PRO B 950 -20.12 7.55 -14.42
N SER B 951 -20.70 7.22 -13.26
CA SER B 951 -19.92 6.75 -12.08
C SER B 951 -19.59 5.26 -12.23
N TYR B 952 -20.22 4.56 -13.15
CA TYR B 952 -19.88 3.15 -13.42
C TYR B 952 -18.72 3.11 -14.41
N ILE B 953 -18.51 4.21 -15.14
CA ILE B 953 -17.44 4.29 -16.17
C ILE B 953 -16.24 5.05 -15.61
N ASN B 954 -16.46 5.90 -14.60
CA ASN B 954 -15.35 6.77 -14.11
C ASN B 954 -15.05 6.53 -12.63
N VAL B 955 -15.69 5.56 -11.99
CA VAL B 955 -15.35 5.24 -10.62
C VAL B 955 -15.10 3.75 -10.42
N LEU B 956 -16.02 2.91 -10.89
CA LEU B 956 -15.83 1.47 -10.75
C LEU B 956 -14.66 1.00 -11.59
N ASN B 957 -14.51 1.53 -12.80
CA ASN B 957 -13.41 1.12 -13.67
C ASN B 957 -12.06 1.58 -13.10
N ILE B 958 -12.01 2.80 -12.59
CA ILE B 958 -10.75 3.33 -12.06
C ILE B 958 -10.30 2.52 -10.86
N TYR B 959 -11.22 2.25 -9.93
CA TYR B 959 -10.87 1.45 -8.77
C TYR B 959 -10.53 0.02 -9.15
N ALA B 960 -11.23 -0.54 -10.13
CA ALA B 960 -10.94 -1.90 -10.56
C ALA B 960 -9.54 -2.02 -11.14
N PHE B 961 -9.15 -1.05 -11.97
CA PHE B 961 -7.82 -1.10 -12.58
C PHE B 961 -6.72 -0.74 -11.60
N CYS B 962 -7.01 0.13 -10.62
CA CYS B 962 -5.97 0.52 -9.67
C CYS B 962 -5.76 -0.50 -8.57
N ASN B 963 -6.58 -1.54 -8.50
CA ASN B 963 -6.51 -2.58 -7.48
C ASN B 963 -6.61 -3.95 -8.12
N VAL B 964 -5.85 -4.16 -9.20
CA VAL B 964 -5.92 -5.45 -9.95
C VAL B 964 -5.72 -6.58 -8.95
N HIS B 965 -4.53 -6.67 -8.34
CA HIS B 965 -4.26 -7.72 -7.33
C HIS B 965 -4.28 -7.06 -5.95
N ASP B 966 -4.58 -7.83 -4.90
CA ASP B 966 -4.49 -7.27 -3.52
C ASP B 966 -3.06 -7.49 -3.02
N LEU B 967 -2.22 -6.45 -3.13
CA LEU B 967 -0.78 -6.60 -2.75
C LEU B 967 -0.60 -6.31 -1.25
N SER B 968 -0.32 -7.35 -0.47
CA SER B 968 -0.03 -7.17 0.98
C SER B 968 1.48 -7.29 1.19
N TRP B 969 2.21 -6.18 1.21
CA TRP B 969 3.66 -6.26 1.26
C TRP B 969 4.12 -6.96 2.53
N ASN B 977 20.08 -16.13 20.24
CA ASN B 977 19.18 -17.07 20.97
C ASN B 977 18.67 -16.38 22.24
N PRO B 978 17.36 -16.06 22.35
CA PRO B 978 16.81 -15.46 23.56
C PRO B 978 16.96 -16.41 24.75
N LEU B 979 17.46 -15.91 25.88
CA LEU B 979 17.66 -16.76 27.09
C LEU B 979 17.97 -15.86 28.28
N GLY B 980 17.97 -16.44 29.50
CA GLY B 980 18.31 -15.66 30.71
C GLY B 980 17.07 -15.28 31.50
N LYS B 981 16.80 -16.00 32.60
CA LYS B 981 15.65 -15.66 33.47
C LYS B 981 16.05 -15.92 34.93
N ILE B 982 16.31 -14.86 35.69
CA ILE B 982 16.74 -15.01 37.11
C ILE B 982 15.77 -14.23 38.00
N ASN B 983 15.18 -14.90 39.00
CA ASN B 983 14.23 -14.23 39.93
C ASN B 983 14.18 -15.00 41.24
N THR B 984 15.01 -14.61 42.22
CA THR B 984 15.01 -15.28 43.55
C THR B 984 14.29 -14.39 44.56
N THR B 985 13.16 -14.85 45.10
CA THR B 985 12.39 -14.04 46.08
C THR B 985 13.25 -13.77 47.31
N GLU B 986 14.05 -14.76 47.72
CA GLU B 986 14.94 -14.60 48.91
C GLU B 986 16.29 -14.04 48.45
N ASP B 987 16.39 -13.62 47.19
CA ASP B 987 17.66 -13.08 46.65
C ASP B 987 18.74 -14.17 46.74
N GLY B 988 18.34 -15.43 46.66
CA GLY B 988 19.30 -16.54 46.73
C GLY B 988 20.15 -16.64 45.48
N THR B 989 21.41 -17.07 45.63
CA THR B 989 22.32 -17.23 44.46
C THR B 989 22.08 -18.60 43.82
N PHE B 990 21.08 -18.69 42.93
CA PHE B 990 20.75 -19.99 42.28
C PHE B 990 22.02 -20.55 41.63
N LYS B 991 22.72 -19.72 40.85
CA LYS B 991 23.99 -20.16 40.22
C LYS B 991 25.05 -20.32 41.32
N MET B 992 25.04 -19.42 42.31
CA MET B 992 26.04 -19.48 43.42
C MET B 992 27.45 -19.46 42.82
N GLU B 993 28.32 -20.37 43.28
CA GLU B 993 29.73 -20.39 42.80
C GLU B 993 29.80 -21.14 41.46
N VAL B 994 28.68 -21.74 41.02
CA VAL B 994 28.66 -22.49 39.73
C VAL B 994 28.76 -21.49 38.58
N LEU B 995 28.97 -21.97 37.35
CA LEU B 995 29.07 -21.09 36.16
C LEU B 995 30.17 -20.04 36.39
N VAL B 996 31.26 -20.42 37.07
CA VAL B 996 32.40 -19.50 37.30
C VAL B 996 33.66 -20.14 36.71
N SER B 997 34.13 -19.64 35.57
CA SER B 997 35.31 -20.26 34.89
C SER B 997 36.32 -19.18 34.50
N SER B 998 37.57 -19.58 34.23
CA SER B 998 38.61 -18.62 33.82
C SER B 998 39.04 -18.90 32.38
N SER B 999 38.90 -20.15 31.94
CA SER B 999 39.30 -20.52 30.55
C SER B 999 38.24 -20.02 29.56
N GLU B 1000 36.96 -20.08 29.95
CA GLU B 1000 35.86 -19.60 29.07
C GLU B 1000 36.06 -18.10 28.81
N ILE B 1001 36.57 -17.36 29.81
CA ILE B 1001 36.78 -15.90 29.66
C ILE B 1001 37.67 -15.65 28.44
N GLN B 1002 38.61 -16.56 28.18
CA GLN B 1002 39.52 -16.41 27.01
C GLN B 1002 38.83 -16.95 25.74
N ALA B 1003 37.99 -17.98 25.89
CA ALA B 1003 37.35 -18.60 24.71
C ALA B 1003 36.53 -17.57 23.94
N ASN B 1004 35.63 -16.85 24.63
CA ASN B 1004 34.76 -15.87 23.94
C ASN B 1004 35.64 -14.83 23.24
N TYR B 1005 36.67 -14.34 23.93
CA TYR B 1005 37.54 -13.29 23.34
C TYR B 1005 38.18 -13.82 22.06
N ASP B 1006 38.72 -15.04 22.12
CA ASP B 1006 39.39 -15.63 20.92
C ASP B 1006 38.38 -15.75 19.77
N LYS B 1007 37.19 -16.28 20.05
CA LYS B 1007 36.16 -16.46 18.99
C LYS B 1007 35.77 -15.09 18.43
N TYR B 1008 35.51 -14.13 19.31
CA TYR B 1008 35.09 -12.78 18.87
C TYR B 1008 36.19 -12.17 17.99
N LEU B 1009 37.45 -12.33 18.40
CA LEU B 1009 38.60 -11.81 17.61
C LEU B 1009 38.61 -12.49 16.24
N LYS B 1010 38.32 -13.79 16.19
CA LYS B 1010 38.29 -14.54 14.90
C LYS B 1010 37.24 -13.91 13.99
N VAL B 1011 36.08 -13.54 14.54
CA VAL B 1011 35.02 -12.88 13.73
C VAL B 1011 35.57 -11.56 13.19
N LEU B 1012 36.35 -10.83 14.02
CA LEU B 1012 36.91 -9.53 13.60
C LEU B 1012 38.17 -9.75 12.77
N ASN B 1013 38.59 -11.01 12.60
CA ASN B 1013 39.80 -11.32 11.81
C ASN B 1013 39.61 -10.81 10.38
N GLU B 1025 18.57 -13.00 -2.18
CA GLU B 1025 17.20 -12.59 -2.45
C GLU B 1025 16.24 -13.15 -1.40
N PRO B 1026 15.27 -12.34 -0.97
CA PRO B 1026 14.30 -12.80 0.03
C PRO B 1026 13.37 -13.88 -0.53
N SER B 1027 12.42 -14.30 0.30
CA SER B 1027 11.65 -15.51 0.02
C SER B 1027 10.75 -15.34 -1.21
N TYR B 1028 10.09 -16.44 -1.56
CA TYR B 1028 9.22 -16.50 -2.73
C TYR B 1028 8.04 -15.54 -2.61
N ASP B 1029 7.55 -15.32 -1.39
CA ASP B 1029 6.38 -14.46 -1.21
C ASP B 1029 6.66 -13.03 -1.67
N GLU B 1030 7.79 -12.47 -1.25
CA GLU B 1030 8.09 -11.10 -1.65
C GLU B 1030 8.32 -10.99 -3.15
N LYS B 1031 8.86 -12.05 -3.76
CA LYS B 1031 9.05 -12.06 -5.21
C LYS B 1031 7.71 -12.07 -5.95
N LYS B 1032 6.77 -12.92 -5.50
CA LYS B 1032 5.45 -12.93 -6.12
C LYS B 1032 4.73 -11.60 -5.91
N THR B 1033 4.86 -11.00 -4.74
CA THR B 1033 4.25 -9.71 -4.48
C THR B 1033 4.81 -8.63 -5.38
N GLY B 1034 6.13 -8.62 -5.58
CA GLY B 1034 6.73 -7.66 -6.50
C GLY B 1034 6.22 -7.84 -7.92
N TYR B 1035 6.12 -9.10 -8.37
CA TYR B 1035 5.59 -9.34 -9.70
C TYR B 1035 4.16 -8.83 -9.84
N TYR B 1036 3.33 -9.09 -8.83
CA TYR B 1036 1.94 -8.67 -8.91
C TYR B 1036 1.84 -7.15 -8.95
N ALA B 1037 2.64 -6.46 -8.13
CA ALA B 1037 2.62 -5.00 -8.14
C ALA B 1037 3.06 -4.44 -9.49
N ASN B 1038 4.11 -5.04 -10.07
CA ASN B 1038 4.56 -4.60 -11.39
C ASN B 1038 3.48 -4.78 -12.45
N VAL B 1039 2.79 -5.92 -12.41
CA VAL B 1039 1.72 -6.13 -13.38
C VAL B 1039 0.63 -5.09 -13.20
N ARG B 1040 0.26 -4.80 -11.95
CA ARG B 1040 -0.82 -3.82 -11.65
C ARG B 1040 -0.46 -2.43 -12.14
N SER B 1041 0.80 -2.03 -11.98
CA SER B 1041 1.23 -0.68 -12.36
C SER B 1041 1.58 -0.58 -13.83
N LEU B 1042 1.82 -1.70 -14.51
CA LEU B 1042 1.95 -1.62 -15.96
C LEU B 1042 0.59 -1.56 -16.63
N VAL B 1043 -0.39 -2.31 -16.12
CA VAL B 1043 -1.74 -2.25 -16.68
C VAL B 1043 -2.32 -0.85 -16.55
N ILE B 1044 -2.17 -0.23 -15.37
CA ILE B 1044 -2.73 1.11 -15.17
C ILE B 1044 -2.12 2.10 -16.16
N ILE B 1045 -0.79 2.07 -16.28
CA ILE B 1045 -0.10 3.03 -17.13
C ILE B 1045 -0.52 2.86 -18.58
N PHE B 1046 -0.59 1.62 -19.05
CA PHE B 1046 -1.00 1.42 -20.45
C PHE B 1046 -2.42 1.89 -20.67
N TRP B 1047 -3.32 1.62 -19.72
CA TRP B 1047 -4.70 2.07 -19.85
C TRP B 1047 -4.77 3.58 -20.02
N VAL B 1048 -4.12 4.32 -19.11
CA VAL B 1048 -4.19 5.78 -19.15
C VAL B 1048 -3.54 6.30 -20.43
N ILE B 1049 -2.39 5.75 -20.81
CA ILE B 1049 -1.68 6.24 -21.99
C ILE B 1049 -2.51 6.05 -23.23
N THR B 1050 -3.11 4.87 -23.43
CA THR B 1050 -3.87 4.63 -24.65
C THR B 1050 -5.12 5.50 -24.72
N ASN B 1051 -5.82 5.66 -23.59
CA ASN B 1051 -6.98 6.53 -23.60
C ASN B 1051 -6.59 7.97 -23.92
N PHE B 1052 -5.49 8.46 -23.36
CA PHE B 1052 -5.05 9.80 -23.72
C PHE B 1052 -4.57 9.88 -25.16
N ILE B 1053 -4.01 8.81 -25.71
CA ILE B 1053 -3.66 8.83 -27.13
C ILE B 1053 -4.88 9.09 -27.97
N ILE B 1054 -5.98 8.39 -27.67
CA ILE B 1054 -7.23 8.62 -28.40
C ILE B 1054 -7.69 10.07 -28.24
N VAL B 1055 -7.66 10.58 -27.00
CA VAL B 1055 -8.15 11.93 -26.74
C VAL B 1055 -7.31 12.97 -27.47
N ALA B 1056 -5.99 12.83 -27.43
CA ALA B 1056 -5.09 13.79 -28.05
C ALA B 1056 -5.16 13.73 -29.56
N VAL B 1057 -5.42 12.55 -30.14
CA VAL B 1057 -5.59 12.47 -31.58
C VAL B 1057 -6.88 13.16 -32.01
N VAL B 1058 -7.96 13.00 -31.23
CA VAL B 1058 -9.24 13.56 -31.65
C VAL B 1058 -9.30 15.06 -31.38
N LEU B 1059 -9.12 15.48 -30.13
CA LEU B 1059 -9.24 16.88 -29.75
C LEU B 1059 -8.02 17.70 -30.09
N GLU B 1060 -6.94 17.07 -30.58
CA GLU B 1060 -5.69 17.76 -30.90
C GLU B 1060 -5.10 18.42 -29.65
N THR B 1061 -5.11 17.69 -28.55
CA THR B 1061 -4.49 18.12 -27.31
C THR B 1061 -3.05 17.59 -27.33
N GLY B 1062 -2.33 17.71 -26.22
CA GLY B 1062 -1.00 17.16 -26.16
C GLY B 1062 0.01 17.87 -27.02
N GLY B 1063 -0.25 19.13 -27.38
CA GLY B 1063 0.68 19.87 -28.20
C GLY B 1063 0.63 19.56 -29.68
N ILE B 1064 -0.33 18.74 -30.13
CA ILE B 1064 -0.42 18.43 -31.55
C ILE B 1064 -0.92 19.64 -32.33
N ALA B 1065 -1.91 20.34 -31.80
CA ALA B 1065 -2.42 21.53 -32.49
C ALA B 1065 -1.35 22.61 -32.57
N ASP B 1066 -0.57 22.77 -31.50
CA ASP B 1066 0.58 23.67 -31.54
C ASP B 1066 1.54 23.27 -32.64
N TYR B 1067 1.81 21.97 -32.77
CA TYR B 1067 2.74 21.50 -33.79
C TYR B 1067 2.23 21.78 -35.20
N ILE B 1068 0.94 21.55 -35.43
CA ILE B 1068 0.37 21.82 -36.75
C ILE B 1068 0.41 23.31 -37.06
N ALA B 1069 0.13 24.15 -36.06
CA ALA B 1069 0.24 25.59 -36.27
C ALA B 1069 1.67 25.99 -36.60
N MET B 1070 2.65 25.40 -35.92
CA MET B 1070 4.05 25.71 -36.21
C MET B 1070 4.43 25.28 -37.62
N LYS B 1071 3.97 24.11 -38.04
CA LYS B 1071 4.25 23.68 -39.43
C LYS B 1071 3.63 24.69 -40.39
N SER B 1072 2.39 25.13 -40.14
CA SER B 1072 1.73 26.09 -41.03
C SER B 1072 2.50 27.41 -41.08
N ILE B 1073 3.06 27.83 -39.95
CA ILE B 1073 3.92 29.01 -39.96
C ILE B 1073 5.18 28.75 -40.77
N SER B 1074 5.71 27.52 -40.71
CA SER B 1074 6.92 27.20 -41.45
C SER B 1074 6.74 27.35 -42.95
N ALA B 1085 0.13 31.48 -37.91
CA ALA B 1085 -1.19 30.90 -37.70
C ALA B 1085 -1.39 30.56 -36.23
N GLU B 1086 -2.53 29.94 -35.93
CA GLU B 1086 -2.87 29.64 -34.55
C GLU B 1086 -4.03 28.64 -34.52
N ILE B 1087 -4.31 28.15 -33.31
CA ILE B 1087 -5.10 26.94 -33.12
C ILE B 1087 -6.58 27.28 -33.28
N PRO B 1088 -7.33 26.56 -34.11
CA PRO B 1088 -8.78 26.70 -34.13
C PRO B 1088 -9.44 26.01 -32.94
N LEU B 1089 -10.69 26.39 -32.70
CA LEU B 1089 -11.42 25.89 -31.52
C LEU B 1089 -11.82 24.44 -31.69
N MET B 1090 -12.35 24.06 -32.85
CA MET B 1090 -12.78 22.69 -33.07
C MET B 1090 -12.56 22.32 -34.53
N THR B 1091 -12.44 21.03 -34.78
CA THR B 1091 -12.15 20.47 -36.09
C THR B 1091 -13.23 19.47 -36.50
N SER B 1092 -13.04 18.87 -37.67
CA SER B 1092 -13.96 17.85 -38.15
C SER B 1092 -13.68 16.48 -37.54
N LYS B 1093 -12.50 16.30 -36.93
CA LYS B 1093 -12.23 15.06 -36.22
C LYS B 1093 -13.25 14.84 -35.12
N ALA B 1094 -13.69 15.92 -34.47
CA ALA B 1094 -14.68 15.80 -33.42
C ALA B 1094 -15.99 15.25 -33.98
N SER B 1095 -16.43 15.76 -35.12
CA SER B 1095 -17.65 15.25 -35.74
C SER B 1095 -17.50 13.79 -36.15
N ILE B 1096 -16.36 13.44 -36.75
CA ILE B 1096 -16.16 12.07 -37.22
C ILE B 1096 -16.19 11.10 -36.03
N TYR B 1097 -15.45 11.43 -34.97
CA TYR B 1097 -15.45 10.58 -33.79
C TYR B 1097 -16.84 10.49 -33.15
N PHE B 1098 -17.54 11.62 -33.11
CA PHE B 1098 -18.87 11.62 -32.44
C PHE B 1098 -19.82 10.70 -33.21
N ASN B 1099 -19.73 10.70 -34.55
CA ASN B 1099 -20.56 9.78 -35.33
C ASN B 1099 -20.14 8.34 -35.13
N VAL B 1100 -18.83 8.08 -35.09
CA VAL B 1100 -18.35 6.71 -34.96
C VAL B 1100 -18.82 6.09 -33.65
N ILE B 1101 -18.79 6.86 -32.57
CA ILE B 1101 -19.20 6.30 -31.27
C ILE B 1101 -20.66 5.88 -31.29
N LEU B 1102 -21.55 6.74 -31.78
CA LEU B 1102 -22.96 6.38 -31.77
C LEU B 1102 -23.25 5.24 -32.75
N TRP B 1103 -22.51 5.18 -33.85
CA TRP B 1103 -22.64 4.02 -34.73
C TRP B 1103 -22.26 2.74 -34.01
N LEU B 1104 -21.17 2.76 -33.23
CA LEU B 1104 -20.79 1.57 -32.46
C LEU B 1104 -21.87 1.19 -31.46
N VAL B 1105 -22.44 2.18 -30.77
CA VAL B 1105 -23.48 1.91 -29.78
C VAL B 1105 -24.71 1.30 -30.46
N ALA B 1106 -25.11 1.85 -31.60
CA ALA B 1106 -26.25 1.32 -32.32
C ALA B 1106 -25.99 -0.10 -32.79
N LEU B 1107 -24.78 -0.38 -33.27
CA LEU B 1107 -24.45 -1.73 -33.70
C LEU B 1107 -24.53 -2.72 -32.55
N SER B 1108 -24.00 -2.34 -31.38
CA SER B 1108 -24.07 -3.23 -30.22
C SER B 1108 -25.51 -3.51 -29.81
N ALA B 1109 -26.33 -2.46 -29.76
CA ALA B 1109 -27.73 -2.65 -29.38
C ALA B 1109 -28.45 -3.54 -30.38
N LEU B 1110 -28.19 -3.35 -31.68
CA LEU B 1110 -28.82 -4.17 -32.69
C LEU B 1110 -28.43 -5.63 -32.53
N ILE B 1111 -27.14 -5.90 -32.32
CA ILE B 1111 -26.69 -7.28 -32.18
C ILE B 1111 -27.35 -7.96 -30.99
N ARG B 1112 -27.40 -7.27 -29.85
CA ARG B 1112 -27.98 -7.89 -28.67
C ARG B 1112 -29.49 -8.08 -28.81
N PHE B 1113 -30.17 -7.14 -29.47
CA PHE B 1113 -31.59 -7.31 -29.74
C PHE B 1113 -31.86 -8.52 -30.62
N ILE B 1114 -31.06 -8.70 -31.67
CA ILE B 1114 -31.24 -9.85 -32.55
C ILE B 1114 -30.99 -11.15 -31.79
N GLY B 1115 -29.96 -11.16 -30.95
CA GLY B 1115 -29.70 -12.36 -30.15
C GLY B 1115 -30.85 -12.72 -29.24
N CYS B 1116 -31.39 -11.73 -28.53
CA CYS B 1116 -32.52 -12.00 -27.63
C CYS B 1116 -33.73 -12.49 -28.42
N SER B 1117 -34.00 -11.89 -29.58
CA SER B 1117 -35.15 -12.32 -30.37
C SER B 1117 -35.00 -13.77 -30.82
N ILE B 1118 -33.80 -14.13 -31.28
CA ILE B 1118 -33.57 -15.52 -31.69
C ILE B 1118 -33.76 -16.46 -30.52
N TYR B 1119 -33.25 -16.07 -29.33
CA TYR B 1119 -33.40 -16.92 -28.15
C TYR B 1119 -34.87 -17.20 -27.85
N MET B 1120 -35.68 -16.14 -27.78
CA MET B 1120 -37.09 -16.33 -27.44
C MET B 1120 -37.82 -17.13 -28.51
N ILE B 1121 -37.56 -16.85 -29.79
CA ILE B 1121 -38.23 -17.59 -30.85
C ILE B 1121 -37.91 -19.08 -30.78
N VAL B 1122 -36.62 -19.41 -30.62
CA VAL B 1122 -36.22 -20.82 -30.56
C VAL B 1122 -36.85 -21.50 -29.35
N ARG B 1123 -36.81 -20.84 -28.19
CA ARG B 1123 -37.38 -21.45 -27.00
C ARG B 1123 -38.87 -21.70 -27.16
N PHE B 1124 -39.59 -20.73 -27.74
CA PHE B 1124 -41.02 -20.92 -27.97
C PHE B 1124 -41.29 -22.09 -28.90
N PHE B 1125 -40.56 -22.18 -30.02
CA PHE B 1125 -40.81 -23.29 -30.94
C PHE B 1125 -40.51 -24.63 -30.30
N LYS B 1126 -39.42 -24.73 -29.55
CA LYS B 1126 -39.09 -25.99 -28.89
C LYS B 1126 -40.14 -26.36 -27.85
N LYS B 1127 -40.64 -25.38 -27.09
CA LYS B 1127 -41.68 -25.66 -26.12
C LYS B 1127 -42.97 -26.12 -26.79
#